data_6Q90
#
_entry.id   6Q90
#
_cell.length_a   73.550
_cell.length_b   114.510
_cell.length_c   120.810
_cell.angle_alpha   90.000
_cell.angle_beta   100.330
_cell.angle_gamma   90.000
#
_symmetry.space_group_name_H-M   'P 1 21 1'
#
loop_
_entity.id
_entity.type
_entity.pdbx_description
1 polymer Galactokinase
2 non-polymer beta-D-galactopyranose
3 non-polymer "2-(1,3-benzoxazol-2-ylamino)spiro[1,6,7,8-tetrahydroquinazoline-4,1'-cyclohexane]-5-one"
4 non-polymer "N-(4-methoxyphenyl)-N'-pyridin-4-ylurea"
5 water water
#
_entity_poly.entity_id   1
_entity_poly.type   'polypeptide(L)'
_entity_poly.pdbx_seq_one_letter_code
;HAALRQPQVAELLAEARRAFREEFGAEPELAVSAPGRVNLIGEHTDYNQGLVLPMALELMTVLVGSPRKDGLVSLLTTSE
GADEPQRLQFPLPTAQRSLEPGTPRWANYVKGVIQYYPAAPLPGFSAVVVSSVPLGGGLSSSASLEVATYTFLQQLCPDS
GTIAARAQVCQQAEHSFAGMPCGIMDQFISLMGQKGHALLIDCRSLETSLVPLSDPKLAVLITNSNVRHSLASSEYPVRR
RQCEEVARALGAASLREVQLEELEAARDLVSKEGFRRARHVVGEIRRTAQAAAALRRGDYRAFGRLMVESHRSLRDDYEV
SCPELDQLVEAALAVPGVYGSRMTGGGFGGCTVTLLEASAAPHAMRHIQEHYGGTATFYLSQAADGAKVLCL
;
_entity_poly.pdbx_strand_id   A,B,C,D
#
loop_
_chem_comp.id
_chem_comp.type
_chem_comp.name
_chem_comp.formula
GAL D-saccharide, beta linking beta-D-galactopyranose 'C6 H12 O6'
HFK non-polymer 2-(1,3-benzoxazol-2-ylamino)spiro[1,6,7,8-tetrahydroquinazoline-4,1'-cyclohexane]-5-one 'C20 H22 N4 O2'
JHJ non-polymer N-(4-methoxyphenyl)-N'-pyridin-4-ylurea 'C13 H13 N3 O2'
#
# COMPACT_ATOMS: atom_id res chain seq x y z
N HIS A 1 -5.52 -38.46 19.32
CA HIS A 1 -6.68 -39.36 19.65
C HIS A 1 -7.36 -38.94 20.98
N ALA A 2 -7.28 -37.65 21.35
CA ALA A 2 -8.06 -37.01 22.43
C ALA A 2 -8.99 -35.96 21.82
N ALA A 3 -10.17 -35.75 22.43
CA ALA A 3 -11.21 -34.81 21.95
C ALA A 3 -10.81 -33.37 22.32
N LEU A 4 -10.69 -32.47 21.33
CA LEU A 4 -10.43 -31.02 21.50
C LEU A 4 -11.46 -30.43 22.48
N ARG A 5 -11.02 -29.65 23.46
CA ARG A 5 -11.88 -28.95 24.44
C ARG A 5 -12.90 -28.06 23.67
N GLN A 6 -14.14 -28.01 24.17
CA GLN A 6 -15.21 -27.09 23.71
C GLN A 6 -15.30 -25.99 24.77
N PRO A 7 -14.69 -24.80 24.54
CA PRO A 7 -14.79 -23.70 25.50
C PRO A 7 -16.27 -23.34 25.76
N GLN A 8 -16.67 -23.28 27.02
CA GLN A 8 -18.06 -22.88 27.39
C GLN A 8 -18.23 -21.42 26.97
N VAL A 9 -19.48 -21.01 26.72
CA VAL A 9 -19.81 -19.61 26.34
C VAL A 9 -18.99 -18.67 27.27
N ALA A 10 -19.05 -18.87 28.58
CA ALA A 10 -18.45 -17.99 29.62
C ALA A 10 -16.97 -17.66 29.31
N GLU A 11 -16.18 -18.68 28.93
CA GLU A 11 -14.74 -18.56 28.59
C GLU A 11 -14.54 -17.83 27.25
N LEU A 12 -15.41 -18.04 26.25
CA LEU A 12 -15.34 -17.31 24.96
C LEU A 12 -15.73 -15.88 25.24
N LEU A 13 -16.80 -15.71 26.03
CA LEU A 13 -17.33 -14.39 26.46
C LEU A 13 -16.22 -13.58 27.15
N ALA A 14 -15.65 -14.08 28.25
CA ALA A 14 -14.56 -13.43 29.01
C ALA A 14 -13.43 -13.02 28.05
N GLU A 15 -13.04 -13.90 27.11
CA GLU A 15 -12.01 -13.62 26.08
C GLU A 15 -12.49 -12.43 25.25
N ALA A 16 -13.72 -12.48 24.73
CA ALA A 16 -14.32 -11.42 23.87
C ALA A 16 -14.32 -10.10 24.63
N ARG A 17 -14.76 -10.16 25.89
CA ARG A 17 -14.92 -8.99 26.81
C ARG A 17 -13.58 -8.30 27.02
N ARG A 18 -12.54 -9.08 27.30
CA ARG A 18 -11.17 -8.59 27.59
C ARG A 18 -10.64 -7.87 26.34
N ALA A 19 -10.76 -8.50 25.16
CA ALA A 19 -10.23 -7.98 23.88
C ALA A 19 -10.98 -6.69 23.50
N PHE A 20 -12.28 -6.61 23.83
CA PHE A 20 -13.12 -5.43 23.50
C PHE A 20 -12.64 -4.23 24.32
N ARG A 21 -12.49 -4.43 25.63
CA ARG A 21 -11.96 -3.44 26.62
C ARG A 21 -10.64 -2.88 26.08
N GLU A 22 -9.67 -3.75 25.76
CA GLU A 22 -8.32 -3.36 25.29
C GLU A 22 -8.46 -2.54 24.00
N GLU A 23 -9.26 -3.01 23.04
CA GLU A 23 -9.41 -2.41 21.70
C GLU A 23 -10.18 -1.08 21.73
N PHE A 24 -11.27 -0.96 22.49
CA PHE A 24 -12.18 0.21 22.39
C PHE A 24 -12.18 1.03 23.70
N GLY A 25 -11.40 0.67 24.72
CA GLY A 25 -11.22 1.42 25.98
C GLY A 25 -12.46 1.48 26.87
N ALA A 26 -13.39 0.57 26.70
CA ALA A 26 -14.65 0.53 27.49
C ALA A 26 -15.15 -0.92 27.50
N GLU A 27 -15.94 -1.27 28.52
CA GLU A 27 -16.64 -2.58 28.61
C GLU A 27 -17.66 -2.62 27.47
N PRO A 28 -17.85 -3.77 26.81
CA PRO A 28 -18.95 -3.92 25.85
C PRO A 28 -20.28 -3.87 26.60
N GLU A 29 -21.31 -3.36 25.94
CA GLU A 29 -22.70 -3.26 26.46
C GLU A 29 -23.45 -4.59 26.26
N LEU A 30 -23.08 -5.40 25.26
CA LEU A 30 -23.90 -6.51 24.69
C LEU A 30 -23.04 -7.74 24.38
N ALA A 31 -23.56 -8.93 24.66
CA ALA A 31 -23.01 -10.21 24.20
C ALA A 31 -24.09 -11.03 23.50
N VAL A 32 -23.69 -11.73 22.44
CA VAL A 32 -24.54 -12.72 21.74
C VAL A 32 -23.68 -13.95 21.39
N SER A 33 -24.36 -15.07 21.22
CA SER A 33 -23.73 -16.32 20.72
C SER A 33 -24.66 -16.95 19.70
N ALA A 34 -24.06 -17.67 18.76
CA ALA A 34 -24.74 -18.50 17.75
C ALA A 34 -23.82 -19.69 17.51
N PRO A 35 -24.35 -20.93 17.56
CA PRO A 35 -23.52 -22.11 17.36
C PRO A 35 -23.33 -22.50 15.88
N GLY A 36 -22.31 -23.32 15.69
CA GLY A 36 -22.15 -24.18 14.51
C GLY A 36 -23.09 -25.37 14.62
N ARG A 37 -22.98 -26.30 13.69
CA ARG A 37 -23.98 -27.36 13.44
C ARG A 37 -23.28 -28.65 12.98
N VAL A 38 -23.88 -29.78 13.32
CA VAL A 38 -23.67 -31.05 12.58
C VAL A 38 -25.05 -31.46 12.07
N ASN A 39 -25.12 -31.87 10.80
CA ASN A 39 -26.31 -32.57 10.23
C ASN A 39 -26.23 -34.08 10.53
N LEU A 40 -27.13 -34.61 11.36
CA LEU A 40 -27.16 -36.08 11.66
C LEU A 40 -27.51 -36.83 10.37
N ILE A 41 -28.49 -36.36 9.58
CA ILE A 41 -28.89 -37.00 8.31
C ILE A 41 -29.80 -36.02 7.55
N GLY A 42 -29.92 -36.21 6.23
CA GLY A 42 -30.70 -35.35 5.33
C GLY A 42 -29.77 -34.39 4.61
N GLU A 43 -28.81 -34.93 3.87
CA GLU A 43 -27.77 -34.10 3.22
C GLU A 43 -28.19 -33.80 1.78
N HIS A 44 -27.97 -32.56 1.35
CA HIS A 44 -28.29 -32.07 0.00
C HIS A 44 -29.78 -32.25 -0.28
N THR A 45 -30.59 -32.11 0.77
CA THR A 45 -32.08 -32.08 0.73
C THR A 45 -32.62 -30.66 0.99
N ASP A 46 -31.96 -29.82 1.79
CA ASP A 46 -32.56 -28.51 2.21
C ASP A 46 -32.95 -27.69 0.97
N TYR A 47 -32.07 -27.56 -0.02
CA TYR A 47 -32.35 -26.75 -1.24
C TYR A 47 -33.22 -27.52 -2.24
N ASN A 48 -33.63 -28.76 -1.92
CA ASN A 48 -34.60 -29.58 -2.70
C ASN A 48 -35.96 -29.59 -1.98
N GLN A 49 -36.17 -28.66 -1.04
CA GLN A 49 -37.37 -28.56 -0.18
C GLN A 49 -37.63 -29.89 0.51
N GLY A 50 -36.56 -30.55 0.97
CA GLY A 50 -36.60 -31.86 1.66
C GLY A 50 -36.57 -31.71 3.17
N LEU A 51 -36.18 -32.77 3.88
CA LEU A 51 -36.14 -32.85 5.35
C LEU A 51 -34.68 -32.85 5.77
N VAL A 52 -34.33 -32.15 6.85
CA VAL A 52 -32.96 -32.21 7.43
C VAL A 52 -33.10 -32.46 8.95
N LEU A 53 -32.09 -33.07 9.57
CA LEU A 53 -32.12 -33.36 11.02
C LEU A 53 -30.77 -32.96 11.62
N PRO A 54 -30.45 -31.65 11.60
CA PRO A 54 -29.28 -31.11 12.25
C PRO A 54 -29.40 -30.94 13.76
N MET A 55 -28.26 -30.77 14.46
CA MET A 55 -28.24 -30.33 15.87
C MET A 55 -27.15 -29.27 16.04
N ALA A 56 -27.40 -28.28 16.90
CA ALA A 56 -26.43 -27.23 17.23
C ALA A 56 -25.31 -27.82 18.09
N LEU A 57 -24.10 -27.30 17.91
CA LEU A 57 -22.90 -27.74 18.68
C LEU A 57 -22.60 -26.74 19.78
N GLU A 58 -21.76 -27.16 20.73
CA GLU A 58 -21.16 -26.29 21.77
C GLU A 58 -20.10 -25.38 21.12
N LEU A 59 -19.51 -25.79 20.00
CA LEU A 59 -18.70 -24.89 19.13
C LEU A 59 -19.61 -23.71 18.71
N MET A 60 -19.18 -22.47 18.94
CA MET A 60 -20.03 -21.27 18.73
C MET A 60 -19.16 -20.06 18.38
N THR A 61 -19.81 -19.08 17.77
CA THR A 61 -19.27 -17.71 17.56
C THR A 61 -19.89 -16.83 18.63
N VAL A 62 -19.08 -16.00 19.28
CA VAL A 62 -19.55 -15.00 20.28
C VAL A 62 -19.15 -13.63 19.75
N LEU A 63 -20.08 -12.69 19.83
CA LEU A 63 -19.88 -11.29 19.43
C LEU A 63 -20.24 -10.48 20.68
N VAL A 64 -19.32 -9.64 21.16
CA VAL A 64 -19.56 -8.64 22.24
C VAL A 64 -19.38 -7.26 21.61
N GLY A 65 -20.26 -6.30 21.91
CA GLY A 65 -20.26 -5.01 21.20
C GLY A 65 -21.01 -3.92 21.94
N SER A 66 -21.07 -2.75 21.31
CA SER A 66 -21.82 -1.56 21.76
C SER A 66 -22.26 -0.77 20.54
N PRO A 67 -23.43 -0.11 20.58
CA PRO A 67 -23.83 0.80 19.52
C PRO A 67 -22.88 2.01 19.53
N ARG A 68 -22.61 2.58 18.35
CA ARG A 68 -21.91 3.90 18.19
C ARG A 68 -22.94 4.98 17.84
N LYS A 69 -22.52 6.25 17.83
CA LYS A 69 -23.39 7.40 17.46
C LYS A 69 -23.02 7.94 16.07
N ASP A 70 -21.91 7.48 15.46
CA ASP A 70 -21.30 8.08 14.25
C ASP A 70 -21.65 7.31 12.97
N GLY A 71 -22.43 6.23 13.02
CA GLY A 71 -22.90 5.52 11.80
C GLY A 71 -21.80 4.66 11.19
N LEU A 72 -20.81 4.33 12.01
CA LEU A 72 -19.58 3.60 11.64
C LEU A 72 -19.65 2.17 12.17
N VAL A 73 -19.09 1.21 11.45
CA VAL A 73 -18.97 -0.16 12.01
C VAL A 73 -17.49 -0.46 12.16
N SER A 74 -17.05 -0.82 13.37
CA SER A 74 -15.64 -1.15 13.72
C SER A 74 -15.61 -2.56 14.34
N LEU A 75 -14.90 -3.46 13.69
CA LEU A 75 -14.86 -4.93 13.96
C LEU A 75 -13.41 -5.31 14.26
N LEU A 76 -13.26 -6.26 15.20
CA LEU A 76 -12.03 -7.02 15.52
C LEU A 76 -12.41 -8.51 15.65
N THR A 77 -11.68 -9.40 15.02
CA THR A 77 -11.79 -10.86 15.28
C THR A 77 -10.46 -11.33 15.84
N THR A 78 -10.50 -12.21 16.85
CA THR A 78 -9.32 -12.92 17.41
C THR A 78 -9.23 -14.33 16.81
N SER A 79 -10.11 -14.69 15.87
CA SER A 79 -10.18 -16.07 15.30
C SER A 79 -8.92 -16.37 14.50
N GLU A 80 -8.10 -17.31 14.98
CA GLU A 80 -6.97 -17.90 14.20
C GLU A 80 -7.56 -18.55 12.94
N GLY A 81 -6.95 -18.31 11.78
CA GLY A 81 -7.50 -18.74 10.49
C GLY A 81 -8.17 -17.60 9.74
N ALA A 82 -8.72 -16.59 10.43
CA ALA A 82 -9.28 -15.39 9.77
C ALA A 82 -8.18 -14.75 8.92
N ASP A 83 -8.51 -14.36 7.70
CA ASP A 83 -7.57 -13.66 6.80
C ASP A 83 -7.38 -12.22 7.29
N GLU A 84 -6.22 -11.65 6.98
CA GLU A 84 -5.74 -10.33 7.47
C GLU A 84 -6.44 -9.26 6.62
N PRO A 85 -6.72 -8.06 7.16
CA PRO A 85 -6.49 -7.76 8.57
C PRO A 85 -7.55 -8.36 9.51
N GLN A 86 -7.24 -8.43 10.80
CA GLN A 86 -8.14 -8.86 11.90
C GLN A 86 -9.10 -7.72 12.27
N ARG A 87 -8.83 -6.50 11.82
CA ARG A 87 -9.66 -5.31 12.09
C ARG A 87 -10.20 -4.81 10.76
N LEU A 88 -11.44 -4.33 10.74
CA LEU A 88 -12.04 -3.62 9.58
C LEU A 88 -13.03 -2.61 10.12
N GLN A 89 -13.02 -1.40 9.55
CA GLN A 89 -14.05 -0.35 9.77
C GLN A 89 -14.66 0.03 8.40
N PHE A 90 -15.93 0.38 8.39
CA PHE A 90 -16.68 0.78 7.19
C PHE A 90 -17.88 1.58 7.67
N PRO A 91 -18.40 2.51 6.85
CA PRO A 91 -19.63 3.22 7.19
C PRO A 91 -20.82 2.29 6.94
N LEU A 92 -21.92 2.49 7.65
CA LEU A 92 -23.18 1.78 7.34
C LEU A 92 -23.51 1.97 5.87
N PRO A 93 -24.19 0.96 5.26
CA PRO A 93 -24.79 1.14 3.95
C PRO A 93 -25.84 2.25 4.01
N THR A 94 -26.11 2.86 2.86
CA THR A 94 -27.24 3.83 2.63
C THR A 94 -27.89 3.50 1.29
N ALA A 95 -28.95 4.24 0.91
CA ALA A 95 -29.59 4.14 -0.42
C ALA A 95 -28.56 4.51 -1.49
N GLN A 96 -27.73 5.53 -1.22
CA GLN A 96 -26.65 6.06 -2.09
C GLN A 96 -25.60 4.96 -2.40
N ARG A 97 -25.05 4.35 -1.34
CA ARG A 97 -23.81 3.51 -1.36
C ARG A 97 -24.05 2.26 -0.51
N SER A 98 -24.10 1.10 -1.13
CA SER A 98 -24.30 -0.20 -0.45
C SER A 98 -22.92 -0.78 -0.08
N LEU A 99 -22.86 -1.68 0.91
CA LEU A 99 -21.64 -2.44 1.31
C LEU A 99 -21.26 -3.40 0.19
N GLU A 100 -20.01 -3.87 0.16
CA GLU A 100 -19.38 -4.60 -0.98
C GLU A 100 -18.48 -5.68 -0.42
N PRO A 101 -18.62 -6.93 -0.90
CA PRO A 101 -17.69 -7.99 -0.51
C PRO A 101 -16.25 -7.64 -0.92
N GLY A 102 -15.29 -8.03 -0.10
CA GLY A 102 -13.85 -8.06 -0.45
C GLY A 102 -13.02 -8.69 0.65
N THR A 103 -11.99 -7.96 1.08
CA THR A 103 -10.93 -8.37 2.02
C THR A 103 -11.11 -7.52 3.27
N PRO A 104 -10.96 -8.09 4.49
CA PRO A 104 -10.77 -9.53 4.69
C PRO A 104 -12.09 -10.30 4.46
N ARG A 105 -12.01 -11.57 4.05
CA ARG A 105 -13.20 -12.39 3.66
C ARG A 105 -14.11 -12.60 4.88
N TRP A 106 -13.55 -12.68 6.09
CA TRP A 106 -14.38 -12.97 7.30
C TRP A 106 -15.41 -11.85 7.50
N ALA A 107 -15.11 -10.61 7.09
CA ALA A 107 -16.01 -9.44 7.28
C ALA A 107 -17.11 -9.45 6.21
N ASN A 108 -16.97 -10.22 5.14
CA ASN A 108 -18.05 -10.34 4.14
C ASN A 108 -19.31 -10.85 4.83
N TYR A 109 -19.17 -11.68 5.87
CA TYR A 109 -20.32 -12.32 6.56
C TYR A 109 -21.10 -11.26 7.36
N VAL A 110 -20.38 -10.43 8.11
CA VAL A 110 -21.00 -9.32 8.89
C VAL A 110 -21.59 -8.29 7.91
N LYS A 111 -20.84 -7.93 6.88
CA LYS A 111 -21.30 -6.92 5.88
C LYS A 111 -22.61 -7.39 5.24
N GLY A 112 -22.70 -8.66 4.86
CA GLY A 112 -23.89 -9.20 4.19
C GLY A 112 -25.12 -9.09 5.06
N VAL A 113 -25.00 -9.47 6.33
CA VAL A 113 -26.15 -9.45 7.30
C VAL A 113 -26.58 -8.00 7.55
N ILE A 114 -25.62 -7.09 7.68
CA ILE A 114 -25.89 -5.63 7.83
C ILE A 114 -26.64 -5.15 6.59
N GLN A 115 -26.12 -5.46 5.40
CA GLN A 115 -26.66 -5.02 4.08
C GLN A 115 -28.14 -5.42 3.98
N TYR A 116 -28.48 -6.67 4.32
CA TYR A 116 -29.84 -7.21 4.14
C TYR A 116 -30.64 -7.12 5.45
N TYR A 117 -30.15 -6.46 6.51
CA TYR A 117 -30.92 -6.35 7.78
C TYR A 117 -32.22 -5.61 7.47
N PRO A 118 -33.40 -6.18 7.78
CA PRO A 118 -34.67 -5.62 7.30
C PRO A 118 -35.24 -4.49 8.15
N ALA A 119 -34.70 -4.21 9.34
CA ALA A 119 -35.25 -3.16 10.23
C ALA A 119 -34.31 -1.94 10.24
N ALA A 120 -34.91 -0.76 10.50
CA ALA A 120 -34.27 0.57 10.61
C ALA A 120 -34.88 1.30 11.79
N PRO A 121 -34.15 2.26 12.42
CA PRO A 121 -32.82 2.68 11.99
C PRO A 121 -31.69 1.88 12.68
N LEU A 122 -30.76 1.36 11.88
CA LEU A 122 -29.59 0.61 12.41
C LEU A 122 -28.51 1.63 12.74
N PRO A 123 -28.07 1.72 14.01
CA PRO A 123 -26.91 2.53 14.33
C PRO A 123 -25.66 1.76 13.92
N GLY A 124 -24.53 2.47 13.83
CA GLY A 124 -23.17 1.87 13.85
C GLY A 124 -22.92 1.16 15.16
N PHE A 125 -21.82 0.40 15.24
CA PHE A 125 -21.41 -0.29 16.47
C PHE A 125 -19.95 -0.70 16.38
N SER A 126 -19.39 -0.98 17.54
CA SER A 126 -18.07 -1.60 17.71
C SER A 126 -18.31 -3.04 18.17
N ALA A 127 -17.55 -4.02 17.67
CA ALA A 127 -17.77 -5.44 18.07
C ALA A 127 -16.47 -6.21 18.00
N VAL A 128 -16.30 -7.15 18.93
CA VAL A 128 -15.26 -8.22 18.86
C VAL A 128 -15.96 -9.55 18.56
N VAL A 129 -15.35 -10.32 17.66
CA VAL A 129 -15.86 -11.64 17.18
C VAL A 129 -14.86 -12.73 17.60
N VAL A 130 -15.31 -13.72 18.38
CA VAL A 130 -14.56 -14.97 18.71
C VAL A 130 -15.39 -16.19 18.30
N SER A 131 -14.74 -17.28 17.88
CA SER A 131 -15.37 -18.55 17.49
C SER A 131 -14.54 -19.75 17.95
N SER A 132 -15.19 -20.78 18.46
CA SER A 132 -14.58 -22.12 18.67
C SER A 132 -14.92 -23.01 17.46
N VAL A 133 -15.79 -22.53 16.55
CA VAL A 133 -16.15 -23.32 15.34
C VAL A 133 -14.94 -23.24 14.42
N PRO A 134 -14.39 -24.40 13.97
CA PRO A 134 -13.19 -24.38 13.14
C PRO A 134 -13.55 -23.71 11.81
N LEU A 135 -12.68 -22.85 11.27
CA LEU A 135 -13.04 -21.95 10.16
C LEU A 135 -12.99 -22.74 8.86
N GLY A 136 -14.15 -22.88 8.21
CA GLY A 136 -14.33 -23.63 6.95
C GLY A 136 -14.12 -25.13 7.08
N GLY A 137 -14.21 -25.70 8.30
CA GLY A 137 -13.94 -27.12 8.56
C GLY A 137 -15.18 -28.01 8.47
N GLY A 138 -16.35 -27.50 8.05
CA GLY A 138 -17.55 -28.28 7.69
C GLY A 138 -18.70 -28.20 8.70
N LEU A 139 -18.54 -27.45 9.80
CA LEU A 139 -19.54 -27.30 10.90
C LEU A 139 -20.20 -25.92 10.93
N SER A 140 -20.25 -25.19 9.79
CA SER A 140 -21.06 -23.98 9.55
C SER A 140 -20.54 -22.78 10.34
N SER A 141 -19.23 -22.54 10.29
CA SER A 141 -18.64 -21.39 10.99
C SER A 141 -19.29 -20.12 10.44
N SER A 142 -19.51 -20.05 9.13
CA SER A 142 -20.07 -18.83 8.46
C SER A 142 -21.50 -18.60 8.98
N ALA A 143 -22.34 -19.65 8.97
CA ALA A 143 -23.74 -19.54 9.45
C ALA A 143 -23.74 -19.01 10.90
N SER A 144 -22.80 -19.49 11.72
CA SER A 144 -22.63 -19.10 13.15
C SER A 144 -22.32 -17.62 13.24
N LEU A 145 -21.43 -17.14 12.38
CA LEU A 145 -21.05 -15.69 12.34
C LEU A 145 -22.25 -14.86 11.86
N GLU A 146 -22.89 -15.30 10.77
CA GLU A 146 -24.11 -14.61 10.25
C GLU A 146 -25.17 -14.54 11.36
N VAL A 147 -25.40 -15.65 12.05
CA VAL A 147 -26.55 -15.69 13.00
C VAL A 147 -26.19 -14.88 14.25
N ALA A 148 -24.95 -14.94 14.72
CA ALA A 148 -24.49 -14.06 15.81
C ALA A 148 -24.66 -12.60 15.38
N THR A 149 -24.26 -12.24 14.15
CA THR A 149 -24.39 -10.84 13.67
C THR A 149 -25.87 -10.45 13.72
N TYR A 150 -26.76 -11.30 13.20
CA TYR A 150 -28.21 -10.95 13.10
C TYR A 150 -28.76 -10.71 14.51
N THR A 151 -28.45 -11.58 15.44
CA THR A 151 -28.89 -11.52 16.86
C THR A 151 -28.40 -10.19 17.48
N PHE A 152 -27.17 -9.81 17.20
CA PHE A 152 -26.58 -8.54 17.65
C PHE A 152 -27.41 -7.37 17.08
N LEU A 153 -27.66 -7.34 15.78
CA LEU A 153 -28.38 -6.20 15.12
C LEU A 153 -29.78 -6.08 15.73
N GLN A 154 -30.36 -7.21 16.16
CA GLN A 154 -31.70 -7.29 16.80
C GLN A 154 -31.71 -6.45 18.08
N GLN A 155 -30.61 -6.47 18.84
CA GLN A 155 -30.44 -5.66 20.07
C GLN A 155 -30.26 -4.18 19.65
N LEU A 156 -29.48 -3.91 18.61
CA LEU A 156 -29.32 -2.51 18.11
C LEU A 156 -30.66 -1.97 17.58
N CYS A 157 -31.46 -2.80 16.91
CA CYS A 157 -32.67 -2.33 16.16
C CYS A 157 -33.62 -3.50 15.94
N PRO A 158 -34.46 -3.81 16.96
CA PRO A 158 -35.29 -5.01 16.94
C PRO A 158 -36.03 -5.12 15.59
N ASP A 159 -35.99 -6.30 14.98
CA ASP A 159 -36.80 -6.60 13.77
C ASP A 159 -38.19 -6.99 14.27
N SER A 160 -39.10 -7.35 13.40
CA SER A 160 -40.48 -7.77 13.78
C SER A 160 -40.93 -8.94 12.90
N GLY A 161 -40.00 -9.81 12.49
CA GLY A 161 -40.23 -10.88 11.50
C GLY A 161 -40.11 -12.27 12.13
N THR A 162 -40.25 -13.32 11.32
CA THR A 162 -40.22 -14.74 11.76
C THR A 162 -38.77 -15.18 11.86
N ILE A 163 -38.54 -16.35 12.40
CA ILE A 163 -37.19 -16.93 12.48
C ILE A 163 -36.72 -17.32 11.07
N ALA A 164 -37.64 -17.76 10.21
CA ALA A 164 -37.37 -18.13 8.81
C ALA A 164 -36.85 -16.92 8.04
N ALA A 165 -37.54 -15.77 8.12
CA ALA A 165 -37.11 -14.52 7.48
C ALA A 165 -35.69 -14.16 7.95
N ARG A 166 -35.35 -14.39 9.21
CA ARG A 166 -34.02 -14.10 9.79
C ARG A 166 -32.98 -15.06 9.18
N ALA A 167 -33.36 -16.33 9.07
CA ALA A 167 -32.52 -17.35 8.42
C ALA A 167 -32.32 -16.94 6.97
N GLN A 168 -33.34 -16.39 6.34
CA GLN A 168 -33.30 -16.08 4.88
C GLN A 168 -32.38 -14.87 4.65
N VAL A 169 -32.30 -13.95 5.61
CA VAL A 169 -31.34 -12.82 5.56
C VAL A 169 -29.91 -13.34 5.67
N CYS A 170 -29.65 -14.16 6.68
CA CYS A 170 -28.32 -14.77 6.84
C CYS A 170 -27.95 -15.55 5.58
N GLN A 171 -28.90 -16.28 5.01
CA GLN A 171 -28.70 -17.08 3.77
C GLN A 171 -28.41 -16.10 2.62
N GLN A 172 -29.11 -14.96 2.56
CA GLN A 172 -28.84 -13.96 1.49
C GLN A 172 -27.39 -13.48 1.58
N ALA A 173 -26.87 -13.23 2.79
CA ALA A 173 -25.49 -12.76 3.03
C ALA A 173 -24.49 -13.78 2.47
N GLU A 174 -24.69 -15.05 2.82
CA GLU A 174 -23.90 -16.20 2.33
C GLU A 174 -23.87 -16.15 0.79
N HIS A 175 -25.04 -16.02 0.15
CA HIS A 175 -25.16 -16.07 -1.33
C HIS A 175 -24.44 -14.86 -1.95
N SER A 176 -24.73 -13.67 -1.45
CA SER A 176 -24.41 -12.39 -2.15
C SER A 176 -23.06 -11.86 -1.70
N PHE A 177 -22.67 -12.13 -0.45
CA PHE A 177 -21.39 -11.61 0.06
C PHE A 177 -20.35 -12.71 0.22
N ALA A 178 -20.66 -14.00 0.09
CA ALA A 178 -19.63 -15.06 0.20
C ALA A 178 -19.69 -16.00 -1.00
N GLY A 179 -20.60 -15.74 -1.95
CA GLY A 179 -20.72 -16.50 -3.20
C GLY A 179 -21.01 -17.98 -2.99
N MET A 180 -21.54 -18.37 -1.82
CA MET A 180 -21.95 -19.78 -1.53
C MET A 180 -23.48 -19.83 -1.48
N PRO A 181 -24.11 -20.43 -2.52
CA PRO A 181 -25.57 -20.44 -2.62
C PRO A 181 -26.18 -21.57 -1.78
N CYS A 182 -26.09 -21.43 -0.45
CA CYS A 182 -26.51 -22.45 0.52
C CYS A 182 -28.04 -22.55 0.57
N GLY A 183 -28.52 -23.65 1.12
CA GLY A 183 -29.93 -23.79 1.53
C GLY A 183 -30.10 -23.16 2.89
N ILE A 184 -31.14 -23.52 3.59
CA ILE A 184 -31.54 -22.73 4.78
C ILE A 184 -31.05 -23.43 6.05
N MET A 185 -30.55 -24.67 5.96
CA MET A 185 -30.40 -25.56 7.14
C MET A 185 -29.46 -24.89 8.14
N ASP A 186 -28.29 -24.43 7.72
CA ASP A 186 -27.21 -24.03 8.67
C ASP A 186 -27.71 -22.85 9.49
N GLN A 187 -28.38 -21.90 8.85
CA GLN A 187 -28.77 -20.63 9.51
C GLN A 187 -29.95 -20.96 10.43
N PHE A 188 -30.83 -21.82 9.96
CA PHE A 188 -32.05 -22.24 10.68
C PHE A 188 -31.65 -22.97 11.96
N ILE A 189 -30.70 -23.91 11.87
CA ILE A 189 -30.31 -24.69 13.08
C ILE A 189 -29.59 -23.76 14.07
N SER A 190 -28.74 -22.86 13.56
CA SER A 190 -28.00 -21.88 14.39
C SER A 190 -29.01 -21.01 15.17
N LEU A 191 -30.08 -20.58 14.52
CA LEU A 191 -31.17 -19.85 15.20
C LEU A 191 -31.94 -20.74 16.17
N MET A 192 -32.35 -21.94 15.74
CA MET A 192 -33.48 -22.67 16.36
C MET A 192 -33.01 -23.79 17.30
N GLY A 193 -31.71 -24.00 17.45
CA GLY A 193 -31.22 -25.13 18.27
C GLY A 193 -31.76 -25.07 19.70
N GLN A 194 -31.87 -26.22 20.36
CA GLN A 194 -32.23 -26.32 21.80
C GLN A 194 -31.34 -27.41 22.41
N LYS A 195 -30.78 -27.15 23.58
CA LYS A 195 -30.00 -28.16 24.33
C LYS A 195 -30.80 -29.47 24.39
N GLY A 196 -30.13 -30.60 24.23
CA GLY A 196 -30.72 -31.94 24.35
C GLY A 196 -31.63 -32.30 23.18
N HIS A 197 -31.59 -31.59 22.06
CA HIS A 197 -32.48 -31.88 20.92
C HIS A 197 -31.72 -31.82 19.59
N ALA A 198 -32.14 -32.64 18.65
CA ALA A 198 -31.92 -32.44 17.20
C ALA A 198 -33.11 -31.61 16.76
N LEU A 199 -33.05 -31.03 15.58
CA LEU A 199 -34.14 -30.24 14.99
C LEU A 199 -34.49 -30.88 13.65
N LEU A 200 -35.69 -31.43 13.51
CA LEU A 200 -36.19 -31.90 12.21
C LEU A 200 -36.74 -30.67 11.50
N ILE A 201 -36.21 -30.34 10.32
CA ILE A 201 -36.69 -29.14 9.57
C ILE A 201 -37.30 -29.62 8.27
N ASP A 202 -38.53 -29.20 8.02
CA ASP A 202 -39.20 -29.43 6.72
C ASP A 202 -38.89 -28.18 5.91
N CYS A 203 -37.97 -28.31 4.96
CA CYS A 203 -37.46 -27.19 4.13
C CYS A 203 -38.46 -26.83 3.03
N ARG A 204 -39.56 -27.58 2.90
CA ARG A 204 -40.72 -27.09 2.10
C ARG A 204 -41.59 -26.17 2.96
N SER A 205 -42.14 -26.68 4.06
CA SER A 205 -43.22 -26.06 4.85
C SER A 205 -42.58 -25.05 5.81
N LEU A 206 -41.33 -25.31 6.14
CA LEU A 206 -40.54 -24.57 7.16
C LEU A 206 -41.06 -24.91 8.56
N GLU A 207 -41.85 -25.98 8.71
CA GLU A 207 -42.25 -26.53 10.03
C GLU A 207 -41.03 -27.14 10.73
N THR A 208 -40.91 -27.00 12.05
CA THR A 208 -39.75 -27.52 12.81
C THR A 208 -40.27 -28.37 13.96
N SER A 209 -39.49 -29.37 14.37
CA SER A 209 -39.85 -30.25 15.51
CA SER A 209 -39.83 -30.27 15.49
C SER A 209 -38.59 -30.57 16.31
N LEU A 210 -38.62 -30.26 17.59
CA LEU A 210 -37.51 -30.62 18.51
C LEU A 210 -37.59 -32.14 18.77
N VAL A 211 -36.47 -32.84 18.62
CA VAL A 211 -36.36 -34.33 18.80
C VAL A 211 -35.29 -34.59 19.86
N PRO A 212 -35.61 -35.26 20.99
CA PRO A 212 -34.63 -35.55 22.06
C PRO A 212 -33.38 -36.33 21.65
N LEU A 213 -32.20 -35.82 21.99
CA LEU A 213 -30.89 -36.51 21.85
C LEU A 213 -30.04 -36.12 23.07
N SER A 214 -30.23 -36.85 24.20
CA SER A 214 -29.66 -36.53 25.54
C SER A 214 -29.46 -37.78 26.40
N ASP A 215 -29.30 -38.97 25.80
CA ASP A 215 -29.14 -40.29 26.48
C ASP A 215 -27.66 -40.46 26.84
N PRO A 216 -27.29 -40.63 28.13
CA PRO A 216 -25.89 -40.74 28.52
C PRO A 216 -25.17 -41.96 27.93
N LYS A 217 -25.92 -43.02 27.54
CA LYS A 217 -25.37 -44.26 26.93
C LYS A 217 -24.84 -43.96 25.51
N LEU A 218 -25.24 -42.82 24.92
CA LEU A 218 -25.08 -42.49 23.48
C LEU A 218 -24.23 -41.22 23.37
N ALA A 219 -23.38 -41.13 22.36
CA ALA A 219 -22.61 -39.91 22.03
C ALA A 219 -22.68 -39.62 20.53
N VAL A 220 -22.42 -38.37 20.16
CA VAL A 220 -22.16 -38.00 18.74
C VAL A 220 -20.69 -37.57 18.65
N LEU A 221 -19.92 -38.30 17.87
CA LEU A 221 -18.49 -38.02 17.61
C LEU A 221 -18.39 -37.35 16.25
N ILE A 222 -17.89 -36.12 16.23
CA ILE A 222 -17.59 -35.40 14.97
C ILE A 222 -16.11 -35.59 14.67
N THR A 223 -15.76 -35.99 13.46
CA THR A 223 -14.36 -36.18 13.00
C THR A 223 -14.08 -35.22 11.85
N ASN A 224 -13.13 -34.30 12.06
CA ASN A 224 -12.63 -33.42 10.99
C ASN A 224 -11.51 -34.13 10.21
N SER A 225 -11.76 -34.37 8.92
CA SER A 225 -10.77 -34.79 7.91
C SER A 225 -9.64 -33.76 7.84
N ASN A 226 -9.91 -32.52 8.25
CA ASN A 226 -8.97 -31.38 8.12
C ASN A 226 -8.47 -31.37 6.66
N VAL A 227 -9.35 -31.71 5.71
CA VAL A 227 -9.16 -31.40 4.27
C VAL A 227 -10.39 -30.68 3.74
N ARG A 228 -10.21 -29.90 2.68
CA ARG A 228 -11.28 -29.23 1.90
C ARG A 228 -10.84 -29.19 0.44
N HIS A 229 -11.33 -30.05 -0.41
CA HIS A 229 -11.08 -29.95 -1.87
C HIS A 229 -11.86 -28.74 -2.40
N SER A 230 -11.37 -28.15 -3.48
CA SER A 230 -11.90 -26.91 -4.11
C SER A 230 -13.34 -27.19 -4.57
N LEU A 231 -13.63 -28.44 -4.94
CA LEU A 231 -14.99 -28.93 -5.33
C LEU A 231 -16.02 -28.61 -4.23
N ALA A 232 -15.62 -28.57 -2.96
CA ALA A 232 -16.53 -28.18 -1.84
C ALA A 232 -17.23 -26.89 -2.26
N SER A 233 -16.50 -25.97 -2.88
CA SER A 233 -17.00 -24.63 -3.31
C SER A 233 -17.65 -24.73 -4.68
N SER A 234 -16.96 -25.33 -5.65
CA SER A 234 -17.27 -25.22 -7.11
C SER A 234 -18.40 -26.18 -7.52
N GLU A 235 -18.51 -27.33 -6.88
CA GLU A 235 -19.46 -28.39 -7.29
C GLU A 235 -20.76 -28.22 -6.48
N TYR A 236 -20.77 -27.46 -5.39
CA TYR A 236 -22.02 -27.15 -4.63
C TYR A 236 -23.04 -26.58 -5.61
N PRO A 237 -22.77 -25.44 -6.28
CA PRO A 237 -23.73 -24.84 -7.22
C PRO A 237 -24.14 -25.76 -8.36
N VAL A 238 -23.21 -26.60 -8.85
CA VAL A 238 -23.44 -27.59 -9.95
C VAL A 238 -24.56 -28.56 -9.51
N ARG A 239 -24.53 -29.09 -8.28
CA ARG A 239 -25.55 -30.06 -7.80
C ARG A 239 -26.92 -29.40 -7.74
N ARG A 240 -26.95 -28.15 -7.28
CA ARG A 240 -28.19 -27.33 -7.22
C ARG A 240 -28.80 -27.25 -8.62
N ARG A 241 -27.99 -26.98 -9.64
CA ARG A 241 -28.46 -26.92 -11.06
C ARG A 241 -28.91 -28.32 -11.51
N GLN A 242 -28.13 -29.35 -11.23
CA GLN A 242 -28.50 -30.71 -11.70
C GLN A 242 -29.89 -31.03 -11.11
N CYS A 243 -30.09 -30.76 -9.82
CA CYS A 243 -31.37 -31.06 -9.12
C CYS A 243 -32.49 -30.27 -9.80
N GLU A 244 -32.23 -29.00 -10.13
CA GLU A 244 -33.20 -28.09 -10.82
C GLU A 244 -33.53 -28.68 -12.20
N GLU A 245 -32.51 -29.04 -13.00
CA GLU A 245 -32.68 -29.64 -14.35
C GLU A 245 -33.69 -30.79 -14.21
N VAL A 246 -33.48 -31.68 -13.24
CA VAL A 246 -34.31 -32.91 -13.06
C VAL A 246 -35.73 -32.56 -12.62
N ALA A 247 -35.93 -31.62 -11.68
CA ALA A 247 -37.27 -31.14 -11.26
C ALA A 247 -38.05 -30.59 -12.47
N ARG A 248 -37.41 -29.76 -13.31
CA ARG A 248 -38.06 -29.15 -14.49
C ARG A 248 -38.47 -30.25 -15.49
N ALA A 249 -37.56 -31.19 -15.79
CA ALA A 249 -37.79 -32.30 -16.74
C ALA A 249 -39.04 -33.12 -16.36
N LEU A 250 -39.40 -33.17 -15.07
CA LEU A 250 -40.49 -34.04 -14.56
C LEU A 250 -41.74 -33.21 -14.29
N GLY A 251 -41.67 -31.89 -14.49
CA GLY A 251 -42.79 -30.95 -14.23
C GLY A 251 -43.13 -30.86 -12.75
N ALA A 252 -42.11 -30.71 -11.91
CA ALA A 252 -42.23 -30.71 -10.44
C ALA A 252 -41.57 -29.46 -9.88
N ALA A 253 -42.27 -28.78 -8.97
CA ALA A 253 -41.76 -27.61 -8.21
C ALA A 253 -40.38 -27.95 -7.64
N SER A 254 -40.21 -29.14 -7.05
CA SER A 254 -38.96 -29.57 -6.35
C SER A 254 -38.91 -31.09 -6.32
N LEU A 255 -37.77 -31.70 -5.96
CA LEU A 255 -37.62 -33.19 -5.90
C LEU A 255 -38.35 -33.76 -4.69
N ARG A 256 -38.80 -32.90 -3.78
CA ARG A 256 -39.70 -33.26 -2.66
C ARG A 256 -40.98 -33.90 -3.19
N GLU A 257 -41.46 -33.46 -4.36
CA GLU A 257 -42.75 -33.87 -4.97
C GLU A 257 -42.58 -35.16 -5.77
N VAL A 258 -41.34 -35.58 -5.98
CA VAL A 258 -40.94 -36.76 -6.82
C VAL A 258 -40.65 -37.96 -5.92
N GLN A 259 -41.16 -39.14 -6.28
CA GLN A 259 -40.87 -40.44 -5.62
C GLN A 259 -40.00 -41.30 -6.55
N LEU A 260 -39.34 -42.33 -6.01
CA LEU A 260 -38.37 -43.17 -6.77
C LEU A 260 -39.09 -43.77 -8.00
N GLU A 261 -40.34 -44.19 -7.82
CA GLU A 261 -41.19 -44.86 -8.85
C GLU A 261 -41.44 -43.88 -9.99
N GLU A 262 -41.82 -42.65 -9.63
CA GLU A 262 -42.04 -41.54 -10.60
C GLU A 262 -40.73 -41.26 -11.33
N LEU A 263 -39.61 -41.32 -10.60
CA LEU A 263 -38.28 -40.95 -11.14
C LEU A 263 -37.83 -42.05 -12.12
N GLU A 264 -37.95 -43.32 -11.73
CA GLU A 264 -37.53 -44.50 -12.54
C GLU A 264 -38.33 -44.52 -13.86
N ALA A 265 -39.62 -44.19 -13.84
CA ALA A 265 -40.52 -44.16 -15.03
C ALA A 265 -40.02 -43.13 -16.04
N ALA A 266 -39.38 -42.06 -15.57
CA ALA A 266 -38.96 -40.88 -16.38
C ALA A 266 -37.44 -40.91 -16.61
N ARG A 267 -36.80 -42.09 -16.49
CA ARG A 267 -35.33 -42.30 -16.68
C ARG A 267 -34.83 -41.61 -17.94
N ASP A 268 -35.61 -41.67 -19.03
CA ASP A 268 -35.22 -41.22 -20.39
C ASP A 268 -35.56 -39.74 -20.60
N LEU A 269 -36.03 -39.04 -19.56
CA LEU A 269 -36.28 -37.56 -19.61
C LEU A 269 -35.11 -36.80 -19.00
N VAL A 270 -34.12 -37.51 -18.42
CA VAL A 270 -32.98 -36.90 -17.67
C VAL A 270 -31.68 -37.67 -17.98
N SER A 271 -30.54 -37.05 -17.72
CA SER A 271 -29.18 -37.62 -17.93
C SER A 271 -28.93 -38.75 -16.93
N LYS A 272 -27.79 -39.42 -17.09
CA LYS A 272 -27.33 -40.55 -16.23
C LYS A 272 -27.06 -39.98 -14.84
N GLU A 273 -26.21 -38.96 -14.76
CA GLU A 273 -25.79 -38.34 -13.48
C GLU A 273 -26.98 -37.57 -12.90
N GLY A 274 -27.74 -36.86 -13.71
CA GLY A 274 -29.07 -36.33 -13.34
C GLY A 274 -29.86 -37.34 -12.50
N PHE A 275 -30.16 -38.49 -13.06
CA PHE A 275 -30.93 -39.60 -12.42
C PHE A 275 -30.28 -40.02 -11.11
N ARG A 276 -28.94 -40.13 -11.06
CA ARG A 276 -28.18 -40.46 -9.81
C ARG A 276 -28.40 -39.35 -8.78
N ARG A 277 -28.31 -38.07 -9.18
CA ARG A 277 -28.48 -36.93 -8.25
C ARG A 277 -29.86 -37.02 -7.58
N ALA A 278 -30.91 -37.30 -8.37
CA ALA A 278 -32.32 -37.32 -7.93
C ALA A 278 -32.60 -38.59 -7.13
N ARG A 279 -31.96 -39.70 -7.45
CA ARG A 279 -32.15 -40.94 -6.65
C ARG A 279 -31.67 -40.69 -5.20
N HIS A 280 -30.53 -40.03 -5.01
CA HIS A 280 -30.03 -39.68 -3.65
C HIS A 280 -31.05 -38.81 -2.90
N VAL A 281 -31.56 -37.74 -3.53
CA VAL A 281 -32.39 -36.72 -2.84
C VAL A 281 -33.67 -37.39 -2.36
N VAL A 282 -34.37 -38.02 -3.29
CA VAL A 282 -35.64 -38.72 -3.01
C VAL A 282 -35.40 -39.69 -1.83
N GLY A 283 -34.33 -40.49 -1.94
CA GLY A 283 -33.95 -41.51 -0.94
C GLY A 283 -33.55 -40.88 0.39
N GLU A 284 -32.85 -39.74 0.35
CA GLU A 284 -32.40 -39.06 1.58
C GLU A 284 -33.59 -38.45 2.31
N ILE A 285 -34.56 -37.94 1.58
CA ILE A 285 -35.79 -37.39 2.23
C ILE A 285 -36.49 -38.51 2.99
N ARG A 286 -36.77 -39.64 2.32
CA ARG A 286 -37.37 -40.86 2.94
C ARG A 286 -36.55 -41.23 4.17
N ARG A 287 -35.24 -41.39 4.03
CA ARG A 287 -34.33 -41.83 5.12
C ARG A 287 -34.39 -40.85 6.30
N THR A 288 -34.58 -39.55 6.05
CA THR A 288 -34.60 -38.54 7.14
C THR A 288 -35.89 -38.69 7.96
N ALA A 289 -37.02 -38.90 7.26
CA ALA A 289 -38.33 -39.23 7.88
C ALA A 289 -38.15 -40.47 8.73
N GLN A 290 -37.50 -41.52 8.21
CA GLN A 290 -37.34 -42.82 8.91
C GLN A 290 -36.41 -42.61 10.12
N ALA A 291 -35.31 -41.84 9.96
CA ALA A 291 -34.32 -41.54 11.03
C ALA A 291 -35.00 -40.79 12.19
N ALA A 292 -35.72 -39.72 11.86
CA ALA A 292 -36.54 -38.97 12.81
C ALA A 292 -37.39 -39.96 13.62
N ALA A 293 -38.16 -40.84 12.96
CA ALA A 293 -39.08 -41.79 13.64
C ALA A 293 -38.23 -42.71 14.52
N ALA A 294 -37.09 -43.16 13.99
CA ALA A 294 -36.21 -44.11 14.70
C ALA A 294 -35.71 -43.44 15.99
N LEU A 295 -35.26 -42.19 15.91
CA LEU A 295 -34.61 -41.46 17.03
C LEU A 295 -35.61 -41.27 18.18
N ARG A 296 -36.85 -40.92 17.84
CA ARG A 296 -37.97 -40.72 18.80
C ARG A 296 -38.16 -41.97 19.66
N ARG A 297 -38.10 -43.19 19.08
CA ARG A 297 -38.42 -44.45 19.81
C ARG A 297 -37.13 -45.09 20.33
N GLY A 298 -36.04 -44.32 20.43
CA GLY A 298 -34.77 -44.75 21.02
C GLY A 298 -34.03 -45.80 20.19
N ASP A 299 -34.36 -45.96 18.91
CA ASP A 299 -33.84 -47.05 18.04
C ASP A 299 -32.60 -46.55 17.31
N TYR A 300 -31.48 -46.50 18.03
CA TYR A 300 -30.16 -45.98 17.58
C TYR A 300 -29.53 -46.93 16.57
N ARG A 301 -29.89 -48.21 16.60
CA ARG A 301 -29.31 -49.19 15.65
C ARG A 301 -29.92 -48.88 14.28
N ALA A 302 -31.22 -48.59 14.25
CA ALA A 302 -31.93 -48.23 13.02
C ALA A 302 -31.39 -46.89 12.53
N PHE A 303 -31.31 -45.89 13.40
CA PHE A 303 -30.77 -44.55 13.09
C PHE A 303 -29.42 -44.70 12.40
N GLY A 304 -28.52 -45.51 12.99
CA GLY A 304 -27.13 -45.68 12.51
C GLY A 304 -27.09 -46.28 11.13
N ARG A 305 -27.94 -47.28 10.87
CA ARG A 305 -28.07 -47.97 9.56
C ARG A 305 -28.48 -46.95 8.50
N LEU A 306 -29.50 -46.10 8.80
CA LEU A 306 -29.96 -45.02 7.89
C LEU A 306 -28.80 -44.02 7.66
N MET A 307 -27.97 -43.74 8.67
CA MET A 307 -26.77 -42.87 8.52
C MET A 307 -25.86 -43.48 7.45
N VAL A 308 -25.63 -44.80 7.51
CA VAL A 308 -24.71 -45.57 6.62
C VAL A 308 -25.29 -45.50 5.19
N GLU A 309 -26.58 -45.75 5.00
CA GLU A 309 -27.23 -45.67 3.67
C GLU A 309 -27.11 -44.25 3.09
N SER A 310 -27.24 -43.22 3.92
CA SER A 310 -27.05 -41.79 3.53
C SER A 310 -25.63 -41.59 2.96
N HIS A 311 -24.61 -42.10 3.64
CA HIS A 311 -23.21 -41.97 3.19
C HIS A 311 -23.02 -42.65 1.83
N ARG A 312 -23.58 -43.83 1.66
CA ARG A 312 -23.35 -44.66 0.45
C ARG A 312 -23.99 -43.93 -0.73
N SER A 313 -25.20 -43.46 -0.49
CA SER A 313 -25.98 -42.63 -1.43
C SER A 313 -25.16 -41.39 -1.81
N LEU A 314 -24.53 -40.72 -0.85
CA LEU A 314 -23.75 -39.46 -1.08
C LEU A 314 -22.46 -39.77 -1.83
N ARG A 315 -21.86 -40.93 -1.51
CA ARG A 315 -20.65 -41.48 -2.18
C ARG A 315 -20.98 -41.82 -3.62
N ASP A 316 -22.02 -42.62 -3.86
CA ASP A 316 -22.19 -43.32 -5.15
C ASP A 316 -23.10 -42.53 -6.08
N ASP A 317 -24.18 -41.96 -5.56
CA ASP A 317 -25.23 -41.33 -6.41
C ASP A 317 -24.96 -39.82 -6.49
N TYR A 318 -24.75 -39.14 -5.36
CA TYR A 318 -24.56 -37.67 -5.32
C TYR A 318 -23.08 -37.35 -5.57
N GLU A 319 -22.20 -38.32 -5.32
CA GLU A 319 -20.75 -38.17 -5.60
C GLU A 319 -20.23 -36.84 -5.03
N VAL A 320 -20.38 -36.65 -3.71
CA VAL A 320 -19.87 -35.46 -2.97
C VAL A 320 -19.04 -35.93 -1.77
N SER A 321 -18.69 -37.20 -1.70
CA SER A 321 -17.65 -37.69 -0.75
C SER A 321 -16.28 -37.46 -1.39
N CYS A 322 -15.23 -37.87 -0.68
CA CYS A 322 -13.85 -37.97 -1.20
C CYS A 322 -13.17 -39.13 -0.48
N PRO A 323 -12.04 -39.66 -1.00
CA PRO A 323 -11.29 -40.73 -0.36
C PRO A 323 -11.11 -40.53 1.16
N GLU A 324 -10.84 -39.29 1.57
CA GLU A 324 -10.55 -38.95 2.98
C GLU A 324 -11.79 -39.32 3.84
N LEU A 325 -12.96 -38.78 3.50
CA LEU A 325 -14.22 -39.00 4.28
C LEU A 325 -14.55 -40.48 4.19
N ASP A 326 -14.34 -41.10 3.04
CA ASP A 326 -14.71 -42.52 2.83
C ASP A 326 -13.88 -43.37 3.81
N GLN A 327 -12.58 -43.12 3.89
CA GLN A 327 -11.62 -43.80 4.80
C GLN A 327 -12.09 -43.58 6.24
N LEU A 328 -12.48 -42.36 6.60
CA LEU A 328 -12.90 -42.06 8.00
C LEU A 328 -14.17 -42.83 8.37
N VAL A 329 -15.09 -42.98 7.42
CA VAL A 329 -16.41 -43.61 7.67
C VAL A 329 -16.16 -45.11 7.86
N GLU A 330 -15.41 -45.71 6.93
CA GLU A 330 -15.07 -47.16 6.95
C GLU A 330 -14.39 -47.47 8.29
N ALA A 331 -13.45 -46.63 8.68
CA ALA A 331 -12.73 -46.78 9.96
C ALA A 331 -13.77 -46.90 11.08
N ALA A 332 -14.70 -45.95 11.17
CA ALA A 332 -15.64 -45.81 12.30
C ALA A 332 -16.63 -46.99 12.36
N LEU A 333 -17.04 -47.53 11.21
CA LEU A 333 -18.01 -48.65 11.14
C LEU A 333 -17.33 -49.98 11.53
N ALA A 334 -15.98 -50.00 11.63
CA ALA A 334 -15.18 -51.16 12.09
C ALA A 334 -15.17 -51.23 13.62
N VAL A 335 -15.46 -50.13 14.32
CA VAL A 335 -15.36 -50.02 15.82
C VAL A 335 -16.63 -50.57 16.47
N PRO A 336 -16.54 -51.57 17.36
CA PRO A 336 -17.70 -51.99 18.12
C PRO A 336 -18.24 -50.79 18.90
N GLY A 337 -19.56 -50.73 19.12
CA GLY A 337 -20.27 -49.67 19.86
C GLY A 337 -20.74 -48.52 18.96
N VAL A 338 -20.20 -48.46 17.73
CA VAL A 338 -20.58 -47.46 16.70
C VAL A 338 -21.88 -47.96 16.05
N TYR A 339 -22.90 -47.10 16.03
CA TYR A 339 -24.20 -47.40 15.40
C TYR A 339 -24.15 -47.06 13.91
N GLY A 340 -23.44 -45.98 13.57
CA GLY A 340 -23.38 -45.46 12.19
C GLY A 340 -22.42 -44.29 12.07
N SER A 341 -21.90 -44.06 10.88
CA SER A 341 -21.05 -42.90 10.54
C SER A 341 -21.40 -42.47 9.12
N ARG A 342 -21.31 -41.16 8.83
CA ARG A 342 -21.50 -40.56 7.49
C ARG A 342 -20.73 -39.23 7.41
N MET A 343 -20.40 -38.82 6.20
CA MET A 343 -20.06 -37.40 5.92
C MET A 343 -21.26 -36.53 6.33
N THR A 344 -20.97 -35.32 6.81
CA THR A 344 -21.96 -34.29 7.15
C THR A 344 -21.55 -32.99 6.47
N GLY A 345 -22.50 -32.16 6.08
CA GLY A 345 -22.21 -30.90 5.38
C GLY A 345 -22.14 -31.10 3.89
N GLY A 346 -21.55 -30.14 3.16
CA GLY A 346 -21.57 -30.12 1.69
C GLY A 346 -20.81 -31.29 1.08
N GLY A 347 -19.74 -31.75 1.72
CA GLY A 347 -18.88 -32.83 1.18
C GLY A 347 -17.53 -32.33 0.69
N PHE A 348 -16.80 -33.21 -0.02
CA PHE A 348 -15.48 -32.98 -0.65
C PHE A 348 -14.46 -32.54 0.40
N GLY A 349 -14.61 -33.08 1.60
CA GLY A 349 -13.82 -32.69 2.78
C GLY A 349 -14.72 -32.45 3.97
N GLY A 350 -14.24 -31.68 4.93
CA GLY A 350 -14.98 -31.37 6.16
C GLY A 350 -15.05 -32.54 7.11
N CYS A 351 -16.19 -32.71 7.77
CA CYS A 351 -16.36 -33.63 8.91
C CYS A 351 -17.20 -34.86 8.53
N THR A 352 -17.02 -35.94 9.30
CA THR A 352 -18.03 -37.03 9.42
C THR A 352 -18.72 -36.93 10.79
N VAL A 353 -19.91 -37.51 10.88
CA VAL A 353 -20.63 -37.63 12.18
C VAL A 353 -20.80 -39.13 12.45
N THR A 354 -20.62 -39.52 13.71
CA THR A 354 -20.68 -40.92 14.17
C THR A 354 -21.57 -40.93 15.40
N LEU A 355 -22.57 -41.79 15.38
CA LEU A 355 -23.44 -42.09 16.53
C LEU A 355 -22.93 -43.39 17.15
N LEU A 356 -22.67 -43.38 18.45
CA LEU A 356 -22.02 -44.54 19.16
C LEU A 356 -22.40 -44.56 20.62
N GLU A 357 -22.29 -45.74 21.25
CA GLU A 357 -22.25 -45.90 22.72
C GLU A 357 -21.14 -44.96 23.22
N ALA A 358 -21.42 -44.11 24.19
CA ALA A 358 -20.45 -43.18 24.81
C ALA A 358 -19.17 -43.92 25.22
N SER A 359 -19.31 -45.14 25.78
CA SER A 359 -18.19 -45.98 26.27
C SER A 359 -17.18 -46.22 25.15
N ALA A 360 -17.66 -46.25 23.90
CA ALA A 360 -16.87 -46.61 22.70
C ALA A 360 -16.10 -45.41 22.12
N ALA A 361 -16.42 -44.18 22.52
CA ALA A 361 -15.82 -42.98 21.88
C ALA A 361 -14.28 -43.10 21.88
N PRO A 362 -13.63 -43.36 23.03
CA PRO A 362 -12.16 -43.39 23.10
C PRO A 362 -11.54 -44.42 22.14
N HIS A 363 -12.16 -45.60 22.04
CA HIS A 363 -11.70 -46.71 21.18
C HIS A 363 -11.92 -46.30 19.71
N ALA A 364 -13.03 -45.64 19.41
CA ALA A 364 -13.35 -45.11 18.07
C ALA A 364 -12.28 -44.06 17.67
N MET A 365 -11.96 -43.12 18.56
CA MET A 365 -10.99 -42.04 18.28
C MET A 365 -9.62 -42.64 17.95
N ARG A 366 -9.12 -43.56 18.80
CA ARG A 366 -7.78 -44.18 18.55
C ARG A 366 -7.82 -44.84 17.15
N HIS A 367 -8.84 -45.66 16.86
CA HIS A 367 -8.90 -46.53 15.67
C HIS A 367 -9.06 -45.70 14.39
N ILE A 368 -9.98 -44.72 14.43
CA ILE A 368 -10.23 -43.78 13.30
C ILE A 368 -8.90 -43.12 12.96
N GLN A 369 -8.21 -42.56 13.97
CA GLN A 369 -6.90 -41.87 13.78
C GLN A 369 -5.89 -42.82 13.11
N GLU A 370 -5.66 -44.00 13.72
CA GLU A 370 -4.66 -45.00 13.24
C GLU A 370 -4.95 -45.36 11.79
N HIS A 371 -6.23 -45.52 11.41
CA HIS A 371 -6.65 -45.98 10.06
C HIS A 371 -6.73 -44.83 9.04
N TYR A 372 -6.50 -43.59 9.46
CA TYR A 372 -6.69 -42.37 8.62
C TYR A 372 -5.37 -41.81 8.10
N GLY A 373 -5.25 -41.68 6.77
CA GLY A 373 -4.05 -41.26 6.03
C GLY A 373 -3.62 -39.82 6.29
N GLY A 374 -4.52 -38.97 6.79
CA GLY A 374 -4.21 -37.59 7.24
C GLY A 374 -4.14 -37.50 8.76
N THR A 375 -4.29 -36.30 9.33
CA THR A 375 -4.42 -36.06 10.80
C THR A 375 -5.84 -35.60 11.12
N ALA A 376 -6.64 -36.47 11.73
CA ALA A 376 -8.04 -36.22 12.13
C ALA A 376 -8.05 -35.38 13.40
N THR A 377 -9.12 -34.60 13.56
CA THR A 377 -9.45 -33.82 14.79
C THR A 377 -10.81 -34.31 15.27
N PHE A 378 -11.08 -34.27 16.57
CA PHE A 378 -12.27 -34.95 17.16
C PHE A 378 -13.05 -33.95 18.02
N TYR A 379 -14.37 -33.99 17.93
CA TYR A 379 -15.29 -33.30 18.88
C TYR A 379 -16.31 -34.33 19.31
N LEU A 380 -16.49 -34.45 20.62
CA LEU A 380 -17.59 -35.19 21.27
C LEU A 380 -18.62 -34.13 21.68
N SER A 381 -19.76 -34.08 21.03
CA SER A 381 -20.67 -32.94 21.19
C SER A 381 -22.03 -33.44 21.61
N GLN A 382 -22.59 -32.84 22.64
CA GLN A 382 -24.03 -32.91 22.95
C GLN A 382 -24.76 -31.85 22.11
N ALA A 383 -26.06 -32.04 21.95
CA ALA A 383 -26.98 -31.09 21.28
C ALA A 383 -27.09 -29.83 22.13
N ALA A 384 -26.88 -28.66 21.52
CA ALA A 384 -26.72 -27.36 22.22
C ALA A 384 -27.83 -26.37 21.86
N ASP A 385 -27.88 -25.26 22.61
CA ASP A 385 -28.79 -24.11 22.36
C ASP A 385 -28.44 -23.43 21.03
N GLY A 386 -29.45 -22.84 20.37
CA GLY A 386 -29.27 -21.90 19.23
C GLY A 386 -28.88 -20.51 19.71
N ALA A 387 -29.17 -19.47 18.93
CA ALA A 387 -28.72 -18.08 19.18
C ALA A 387 -29.21 -17.60 20.56
N LYS A 388 -28.37 -16.88 21.30
CA LYS A 388 -28.64 -16.42 22.68
C LYS A 388 -28.11 -14.99 22.87
N VAL A 389 -28.68 -14.26 23.83
CA VAL A 389 -28.30 -12.86 24.18
C VAL A 389 -28.01 -12.79 25.68
N LEU A 390 -26.95 -12.08 26.07
CA LEU A 390 -26.58 -11.79 27.48
C LEU A 390 -26.24 -10.31 27.59
N CYS A 391 -27.05 -9.56 28.35
CA CYS A 391 -26.84 -8.12 28.59
C CYS A 391 -25.63 -7.98 29.52
N LEU A 392 -24.71 -7.08 29.21
CA LEU A 392 -23.45 -6.93 29.97
C LEU A 392 -23.51 -5.63 30.78
N ALA B 2 23.90 6.76 30.11
CA ALA B 2 22.69 5.86 30.00
C ALA B 2 21.37 6.63 30.21
N ALA B 3 21.48 7.93 30.51
CA ALA B 3 20.34 8.85 30.67
C ALA B 3 20.00 9.52 29.32
N LEU B 4 21.01 9.73 28.44
CA LEU B 4 20.84 10.39 27.11
C LEU B 4 19.95 9.55 26.21
N ARG B 5 18.78 10.07 25.84
CA ARG B 5 17.96 9.48 24.75
C ARG B 5 18.65 9.85 23.43
N GLN B 6 18.92 8.85 22.59
CA GLN B 6 19.39 9.05 21.19
C GLN B 6 18.17 9.00 20.29
N PRO B 7 17.85 10.08 19.54
CA PRO B 7 16.69 10.08 18.65
C PRO B 7 16.95 9.07 17.52
N GLN B 8 16.20 7.97 17.48
CA GLN B 8 16.36 6.87 16.48
C GLN B 8 15.33 7.10 15.35
N VAL B 9 15.60 8.13 14.55
CA VAL B 9 14.68 8.72 13.54
C VAL B 9 14.33 7.67 12.50
N ALA B 10 15.31 6.90 12.05
CA ALA B 10 15.14 5.88 10.98
C ALA B 10 14.32 4.72 11.54
N GLU B 11 14.48 4.45 12.83
CA GLU B 11 13.79 3.37 13.60
C GLU B 11 12.32 3.79 13.79
N LEU B 12 12.11 5.02 14.26
CA LEU B 12 10.77 5.65 14.43
C LEU B 12 9.93 5.46 13.17
N LEU B 13 10.50 5.73 11.99
CA LEU B 13 9.80 5.56 10.68
C LEU B 13 9.52 4.07 10.41
N ALA B 14 10.50 3.22 10.64
CA ALA B 14 10.39 1.75 10.42
C ALA B 14 9.34 1.18 11.36
N GLU B 15 9.35 1.57 12.63
CA GLU B 15 8.32 1.15 13.63
C GLU B 15 6.97 1.46 13.02
N ALA B 16 6.78 2.72 12.62
CA ALA B 16 5.53 3.27 12.08
C ALA B 16 5.09 2.41 10.90
N ARG B 17 6.02 2.08 9.98
CA ARG B 17 5.70 1.33 8.72
C ARG B 17 5.31 -0.12 9.05
N ARG B 18 6.06 -0.78 9.93
CA ARG B 18 5.75 -2.13 10.46
C ARG B 18 4.32 -2.12 11.04
N ALA B 19 4.08 -1.22 12.00
CA ALA B 19 2.79 -1.16 12.74
C ALA B 19 1.66 -0.86 11.76
N PHE B 20 1.92 -0.10 10.68
CA PHE B 20 0.89 0.19 9.66
C PHE B 20 0.54 -1.12 8.95
N ARG B 21 1.57 -1.80 8.43
CA ARG B 21 1.44 -3.07 7.66
C ARG B 21 0.57 -4.07 8.45
N GLU B 22 0.89 -4.27 9.72
CA GLU B 22 0.21 -5.24 10.62
C GLU B 22 -1.24 -4.77 10.89
N GLU B 23 -1.46 -3.48 11.13
CA GLU B 23 -2.81 -2.96 11.53
C GLU B 23 -3.77 -2.96 10.32
N PHE B 24 -3.33 -2.53 9.14
CA PHE B 24 -4.26 -2.29 8.00
C PHE B 24 -4.05 -3.30 6.87
N GLY B 25 -3.04 -4.16 6.96
CA GLY B 25 -2.84 -5.29 6.04
C GLY B 25 -2.22 -4.87 4.71
N ALA B 26 -1.60 -3.69 4.66
CA ALA B 26 -0.95 -3.16 3.44
C ALA B 26 0.14 -2.17 3.85
N GLU B 27 1.11 -1.96 2.96
CA GLU B 27 2.14 -0.90 3.10
C GLU B 27 1.47 0.47 3.04
N PRO B 28 1.92 1.45 3.86
CA PRO B 28 1.39 2.80 3.81
C PRO B 28 1.96 3.50 2.56
N GLU B 29 1.19 4.38 1.94
CA GLU B 29 1.57 5.10 0.69
C GLU B 29 2.42 6.35 0.99
N LEU B 30 2.23 7.03 2.13
CA LEU B 30 2.94 8.29 2.48
C LEU B 30 3.53 8.20 3.89
N ALA B 31 4.64 8.91 4.12
CA ALA B 31 5.21 9.23 5.46
C ALA B 31 5.34 10.76 5.59
N VAL B 32 4.94 11.32 6.74
CA VAL B 32 5.29 12.73 7.12
C VAL B 32 5.90 12.77 8.51
N SER B 33 6.65 13.82 8.78
CA SER B 33 7.16 14.14 10.13
C SER B 33 7.02 15.64 10.39
N ALA B 34 6.88 16.00 11.65
CA ALA B 34 6.93 17.39 12.16
C ALA B 34 7.66 17.33 13.51
N PRO B 35 8.57 18.29 13.81
CA PRO B 35 9.40 18.18 15.01
C PRO B 35 8.75 18.76 16.26
N GLY B 36 9.25 18.33 17.41
CA GLY B 36 9.11 19.08 18.67
C GLY B 36 10.03 20.29 18.66
N ARG B 37 10.03 21.05 19.75
CA ARG B 37 10.64 22.40 19.83
C ARG B 37 11.48 22.48 21.12
N VAL B 38 12.54 23.29 21.11
CA VAL B 38 13.16 23.93 22.30
C VAL B 38 13.15 25.44 22.04
N ASN B 39 12.63 26.25 22.96
CA ASN B 39 12.75 27.74 22.85
C ASN B 39 14.08 28.17 23.49
N LEU B 40 14.98 28.78 22.71
CA LEU B 40 16.32 29.20 23.22
C LEU B 40 16.12 30.38 24.16
N ILE B 41 15.24 31.29 23.79
CA ILE B 41 14.82 32.45 24.63
C ILE B 41 13.55 33.01 23.99
N GLY B 42 12.75 33.75 24.75
CA GLY B 42 11.55 34.43 24.24
C GLY B 42 10.30 33.77 24.79
N GLU B 43 10.33 33.50 26.10
CA GLU B 43 9.27 32.74 26.81
C GLU B 43 8.13 33.68 27.18
N HIS B 44 6.91 33.17 27.08
CA HIS B 44 5.64 33.90 27.28
C HIS B 44 5.69 35.25 26.56
N THR B 45 6.26 35.28 25.34
CA THR B 45 6.27 36.47 24.44
C THR B 45 5.27 36.29 23.28
N ASP B 46 5.04 35.04 22.81
CA ASP B 46 4.37 34.82 21.50
C ASP B 46 2.95 35.35 21.54
N TYR B 47 2.16 35.08 22.60
CA TYR B 47 0.78 35.64 22.76
C TYR B 47 0.87 37.14 23.10
N ASN B 48 2.07 37.67 23.36
CA ASN B 48 2.32 39.12 23.57
C ASN B 48 2.91 39.72 22.29
N GLN B 49 2.46 39.25 21.13
CA GLN B 49 2.92 39.68 19.79
C GLN B 49 4.39 40.06 19.82
N GLY B 50 5.23 39.28 20.49
CA GLY B 50 6.65 39.58 20.74
C GLY B 50 7.58 38.76 19.86
N LEU B 51 8.76 38.43 20.37
CA LEU B 51 9.81 37.71 19.63
C LEU B 51 10.10 36.41 20.35
N VAL B 52 10.41 35.36 19.58
CA VAL B 52 10.82 34.05 20.12
C VAL B 52 11.98 33.53 19.30
N LEU B 53 12.83 32.69 19.88
CA LEU B 53 14.01 32.14 19.17
C LEU B 53 14.05 30.63 19.38
N PRO B 54 13.01 29.90 18.93
CA PRO B 54 13.02 28.45 19.02
C PRO B 54 13.97 27.83 17.99
N MET B 55 14.28 26.56 18.19
CA MET B 55 14.83 25.71 17.13
C MET B 55 14.12 24.34 17.15
N ALA B 56 13.93 23.74 15.98
CA ALA B 56 13.31 22.41 15.81
C ALA B 56 14.30 21.38 16.33
N LEU B 57 13.77 20.26 16.89
CA LEU B 57 14.53 19.08 17.40
C LEU B 57 14.44 17.90 16.44
N GLU B 58 15.38 16.96 16.58
CA GLU B 58 15.34 15.63 15.93
C GLU B 58 14.31 14.72 16.63
N LEU B 59 13.77 15.17 17.76
CA LEU B 59 12.57 14.59 18.38
C LEU B 59 11.39 15.04 17.51
N MET B 60 10.59 14.09 17.01
CA MET B 60 9.54 14.38 16.01
C MET B 60 8.32 13.46 16.21
N THR B 61 7.21 13.82 15.57
CA THR B 61 6.02 12.97 15.38
C THR B 61 5.97 12.59 13.89
N VAL B 62 5.76 11.30 13.63
CA VAL B 62 5.69 10.70 12.27
C VAL B 62 4.28 10.12 12.05
N LEU B 63 3.64 10.47 10.94
CA LEU B 63 2.47 9.75 10.42
C LEU B 63 2.91 8.98 9.18
N VAL B 64 2.55 7.71 9.12
CA VAL B 64 2.51 6.94 7.86
C VAL B 64 1.05 6.53 7.63
N GLY B 65 0.59 6.59 6.40
CA GLY B 65 -0.83 6.38 6.12
C GLY B 65 -1.13 6.37 4.65
N SER B 66 -2.40 6.21 4.32
CA SER B 66 -2.89 5.97 2.95
C SER B 66 -4.30 6.53 2.92
N PRO B 67 -4.71 7.14 1.78
CA PRO B 67 -6.08 7.59 1.59
C PRO B 67 -7.04 6.40 1.61
N ARG B 68 -8.28 6.65 2.03
CA ARG B 68 -9.40 5.66 1.98
C ARG B 68 -10.49 6.21 1.05
N LYS B 69 -11.44 5.36 0.67
CA LYS B 69 -12.49 5.72 -0.31
C LYS B 69 -13.82 5.84 0.43
N ASP B 70 -13.86 5.48 1.72
CA ASP B 70 -15.12 5.38 2.50
C ASP B 70 -15.36 6.64 3.35
N GLY B 71 -14.51 7.67 3.23
CA GLY B 71 -14.71 8.92 4.00
C GLY B 71 -14.57 8.74 5.51
N LEU B 72 -13.87 7.69 5.94
CA LEU B 72 -13.57 7.37 7.37
C LEU B 72 -12.14 7.76 7.68
N VAL B 73 -11.90 8.18 8.92
CA VAL B 73 -10.50 8.28 9.45
C VAL B 73 -10.29 7.13 10.43
N SER B 74 -9.23 6.34 10.22
CA SER B 74 -8.82 5.25 11.14
C SER B 74 -7.39 5.46 11.65
N LEU B 75 -7.23 5.57 12.97
CA LEU B 75 -5.96 5.95 13.62
C LEU B 75 -5.51 4.85 14.59
N LEU B 76 -4.22 4.51 14.53
CA LEU B 76 -3.46 3.76 15.54
C LEU B 76 -2.30 4.63 15.99
N THR B 77 -2.15 4.84 17.30
CA THR B 77 -0.93 5.44 17.90
C THR B 77 -0.17 4.34 18.62
N THR B 78 1.15 4.35 18.51
CA THR B 78 2.09 3.46 19.25
C THR B 78 2.78 4.22 20.37
N SER B 79 2.54 5.52 20.51
CA SER B 79 3.30 6.38 21.44
C SER B 79 3.00 5.95 22.88
N GLU B 80 3.94 5.24 23.53
CA GLU B 80 3.92 4.96 24.99
C GLU B 80 3.60 6.28 25.70
N GLY B 81 2.60 6.29 26.59
CA GLY B 81 2.12 7.50 27.26
C GLY B 81 0.75 7.94 26.77
N ALA B 82 0.42 7.67 25.51
CA ALA B 82 -0.90 8.04 24.95
C ALA B 82 -1.99 7.42 25.84
N ASP B 83 -3.12 8.11 26.02
CA ASP B 83 -4.26 7.59 26.82
C ASP B 83 -5.11 6.66 25.94
N GLU B 84 -5.86 5.77 26.59
CA GLU B 84 -6.51 4.58 26.01
C GLU B 84 -7.80 5.03 25.36
N PRO B 85 -8.28 4.42 24.26
CA PRO B 85 -7.53 3.39 23.52
C PRO B 85 -6.48 3.97 22.56
N GLN B 86 -5.54 3.15 22.07
CA GLN B 86 -4.50 3.57 21.11
C GLN B 86 -5.13 3.70 19.71
N ARG B 87 -6.37 3.26 19.52
CA ARG B 87 -7.08 3.33 18.20
C ARG B 87 -8.32 4.19 18.34
N LEU B 88 -8.64 4.96 17.29
CA LEU B 88 -9.92 5.69 17.14
C LEU B 88 -10.28 5.78 15.66
N GLN B 89 -11.56 5.66 15.36
CA GLN B 89 -12.08 5.79 13.98
C GLN B 89 -13.28 6.70 14.07
N PHE B 90 -13.46 7.54 13.07
CA PHE B 90 -14.56 8.53 13.02
C PHE B 90 -14.79 8.88 11.56
N PRO B 91 -16.01 9.29 11.19
CA PRO B 91 -16.22 9.84 9.86
C PRO B 91 -15.64 11.26 9.80
N LEU B 92 -15.17 11.67 8.62
CA LEU B 92 -14.90 13.09 8.25
C LEU B 92 -16.08 13.94 8.68
N PRO B 93 -15.82 15.15 9.22
CA PRO B 93 -16.91 16.08 9.54
C PRO B 93 -17.56 16.54 8.23
N THR B 94 -18.79 17.06 8.34
CA THR B 94 -19.60 17.64 7.24
C THR B 94 -20.16 18.98 7.71
N ALA B 95 -20.87 19.69 6.83
CA ALA B 95 -21.76 20.83 7.20
C ALA B 95 -22.80 20.34 8.21
N GLN B 96 -23.25 19.09 8.04
CA GLN B 96 -24.17 18.40 8.98
C GLN B 96 -23.42 18.18 10.31
N ARG B 97 -22.58 17.14 10.40
CA ARG B 97 -21.91 16.70 11.66
C ARG B 97 -20.47 17.23 11.71
N SER B 98 -20.10 17.94 12.77
CA SER B 98 -18.72 18.40 13.05
C SER B 98 -18.06 17.42 14.02
N LEU B 99 -16.74 17.23 13.94
CA LEU B 99 -15.99 16.45 14.96
C LEU B 99 -16.12 17.18 16.30
N GLU B 100 -15.95 16.44 17.40
CA GLU B 100 -16.02 16.97 18.79
C GLU B 100 -14.86 16.37 19.57
N PRO B 101 -14.26 17.13 20.50
CA PRO B 101 -13.22 16.58 21.35
C PRO B 101 -13.88 15.61 22.34
N GLY B 102 -13.16 14.55 22.71
CA GLY B 102 -13.56 13.62 23.79
C GLY B 102 -12.40 12.73 24.18
N THR B 103 -12.62 11.41 24.13
CA THR B 103 -11.66 10.34 24.51
C THR B 103 -11.30 9.60 23.24
N PRO B 104 -10.03 9.18 23.03
CA PRO B 104 -8.90 9.64 23.84
C PRO B 104 -8.35 11.02 23.44
N ARG B 105 -7.62 11.68 24.36
CA ARG B 105 -7.05 13.05 24.25
C ARG B 105 -6.12 13.20 23.04
N TRP B 106 -5.25 12.24 22.76
CA TRP B 106 -4.26 12.35 21.66
C TRP B 106 -5.01 12.51 20.33
N ALA B 107 -6.18 11.89 20.20
CA ALA B 107 -6.98 11.93 18.94
C ALA B 107 -7.47 13.35 18.69
N ASN B 108 -7.70 14.13 19.72
CA ASN B 108 -8.31 15.49 19.60
C ASN B 108 -7.45 16.41 18.73
N TYR B 109 -6.12 16.26 18.79
CA TYR B 109 -5.15 17.08 18.03
C TYR B 109 -5.35 16.83 16.53
N VAL B 110 -5.48 15.57 16.16
CA VAL B 110 -5.73 15.13 14.75
C VAL B 110 -7.12 15.60 14.33
N LYS B 111 -8.12 15.46 15.21
CA LYS B 111 -9.53 15.80 14.91
C LYS B 111 -9.65 17.30 14.64
N GLY B 112 -9.08 18.13 15.52
CA GLY B 112 -9.08 19.59 15.38
C GLY B 112 -8.47 20.02 14.06
N VAL B 113 -7.27 19.54 13.75
CA VAL B 113 -6.61 19.87 12.47
C VAL B 113 -7.56 19.48 11.33
N ILE B 114 -8.19 18.30 11.37
CA ILE B 114 -9.09 17.84 10.27
C ILE B 114 -10.27 18.81 10.20
N GLN B 115 -10.84 19.19 11.35
CA GLN B 115 -12.03 20.05 11.45
C GLN B 115 -11.77 21.42 10.83
N TYR B 116 -10.56 21.99 11.04
CA TYR B 116 -10.23 23.37 10.62
C TYR B 116 -9.42 23.36 9.33
N TYR B 117 -9.18 22.18 8.71
CA TYR B 117 -8.38 22.09 7.46
C TYR B 117 -9.06 22.94 6.39
N PRO B 118 -8.40 23.93 5.78
CA PRO B 118 -9.09 24.86 4.88
C PRO B 118 -9.46 24.40 3.46
N ALA B 119 -8.99 23.26 2.96
CA ALA B 119 -9.07 22.90 1.52
C ALA B 119 -9.90 21.62 1.34
N ALA B 120 -10.37 21.38 0.10
CA ALA B 120 -11.38 20.35 -0.26
C ALA B 120 -11.16 19.88 -1.69
N PRO B 121 -11.55 18.63 -2.03
CA PRO B 121 -12.20 17.72 -1.09
C PRO B 121 -11.17 16.87 -0.32
N LEU B 122 -11.38 16.73 0.98
CA LEU B 122 -10.52 15.89 1.87
C LEU B 122 -11.07 14.47 1.96
N PRO B 123 -10.27 13.46 1.57
CA PRO B 123 -10.68 12.07 1.69
C PRO B 123 -10.36 11.47 3.08
N GLY B 124 -11.04 10.39 3.43
CA GLY B 124 -10.70 9.56 4.57
C GLY B 124 -9.30 9.02 4.42
N PHE B 125 -8.73 8.54 5.52
CA PHE B 125 -7.35 8.01 5.53
C PHE B 125 -7.15 7.09 6.73
N SER B 126 -6.22 6.16 6.56
CA SER B 126 -5.69 5.24 7.60
C SER B 126 -4.29 5.75 7.92
N ALA B 127 -3.93 5.80 9.21
CA ALA B 127 -2.63 6.34 9.65
C ALA B 127 -2.16 5.71 10.97
N VAL B 128 -0.84 5.45 11.05
CA VAL B 128 -0.13 5.21 12.35
C VAL B 128 0.59 6.50 12.79
N VAL B 129 0.39 6.86 14.05
CA VAL B 129 1.04 8.01 14.71
C VAL B 129 2.06 7.50 15.72
N VAL B 130 3.32 7.92 15.57
CA VAL B 130 4.43 7.66 16.53
C VAL B 130 5.12 8.99 16.84
N SER B 131 5.68 9.11 18.05
CA SER B 131 6.46 10.29 18.47
C SER B 131 7.61 9.88 19.42
N SER B 132 8.80 10.44 19.18
CA SER B 132 9.98 10.45 20.07
C SER B 132 9.98 11.76 20.87
N VAL B 133 8.95 12.60 20.68
CA VAL B 133 8.78 13.82 21.51
C VAL B 133 8.12 13.37 22.81
N PRO B 134 8.75 13.63 23.98
CA PRO B 134 8.22 13.17 25.26
C PRO B 134 6.88 13.88 25.42
N LEU B 135 5.80 13.10 25.53
CA LEU B 135 4.39 13.56 25.68
C LEU B 135 4.27 14.42 26.95
N GLY B 136 3.98 15.71 26.80
CA GLY B 136 3.77 16.65 27.92
C GLY B 136 5.05 17.05 28.63
N GLY B 137 6.24 16.82 28.04
CA GLY B 137 7.58 17.14 28.60
C GLY B 137 8.11 18.53 28.27
N GLY B 138 7.29 19.41 27.70
CA GLY B 138 7.67 20.82 27.41
C GLY B 138 8.31 21.08 26.04
N LEU B 139 8.40 20.08 25.16
CA LEU B 139 9.10 20.23 23.86
C LEU B 139 8.09 20.16 22.72
N SER B 140 6.84 20.55 22.99
CA SER B 140 5.75 20.74 22.00
C SER B 140 5.37 19.43 21.30
N SER B 141 5.07 18.38 22.06
CA SER B 141 4.58 17.10 21.47
C SER B 141 3.29 17.39 20.67
N SER B 142 2.42 18.25 21.19
CA SER B 142 1.09 18.51 20.61
C SER B 142 1.20 19.30 19.30
N ALA B 143 2.12 20.28 19.22
CA ALA B 143 2.35 21.07 17.99
C ALA B 143 2.86 20.12 16.90
N SER B 144 3.82 19.25 17.25
CA SER B 144 4.41 18.24 16.32
C SER B 144 3.31 17.33 15.76
N LEU B 145 2.35 16.90 16.59
CA LEU B 145 1.28 15.99 16.09
C LEU B 145 0.30 16.76 15.19
N GLU B 146 -0.11 17.97 15.60
CA GLU B 146 -0.96 18.89 14.79
C GLU B 146 -0.30 19.11 13.41
N VAL B 147 0.95 19.54 13.38
CA VAL B 147 1.65 19.94 12.11
C VAL B 147 1.89 18.67 11.28
N ALA B 148 2.26 17.58 11.93
CA ALA B 148 2.39 16.27 11.25
C ALA B 148 1.03 15.93 10.62
N THR B 149 -0.06 16.04 11.35
CA THR B 149 -1.42 15.79 10.80
C THR B 149 -1.63 16.71 9.57
N TYR B 150 -1.34 18.00 9.72
CA TYR B 150 -1.60 19.05 8.69
C TYR B 150 -0.80 18.74 7.43
N THR B 151 0.48 18.45 7.57
CA THR B 151 1.40 18.02 6.48
C THR B 151 0.84 16.77 5.76
N PHE B 152 0.26 15.84 6.51
CA PHE B 152 -0.39 14.64 5.91
C PHE B 152 -1.61 15.09 5.10
N LEU B 153 -2.48 15.93 5.68
CA LEU B 153 -3.69 16.40 4.97
C LEU B 153 -3.30 17.06 3.63
N GLN B 154 -2.20 17.84 3.59
CA GLN B 154 -1.75 18.58 2.38
C GLN B 154 -1.38 17.57 1.30
N GLN B 155 -0.97 16.36 1.67
CA GLN B 155 -0.71 15.32 0.64
C GLN B 155 -2.06 14.76 0.17
N LEU B 156 -3.07 14.68 1.02
CA LEU B 156 -4.40 14.16 0.60
C LEU B 156 -5.11 15.22 -0.26
N CYS B 157 -5.01 16.49 0.09
CA CYS B 157 -5.78 17.60 -0.53
C CYS B 157 -4.96 18.88 -0.38
N PRO B 158 -3.99 19.09 -1.31
CA PRO B 158 -3.13 20.27 -1.25
C PRO B 158 -3.90 21.56 -0.94
N ASP B 159 -3.45 22.33 0.04
CA ASP B 159 -4.03 23.66 0.34
C ASP B 159 -3.32 24.66 -0.60
N SER B 160 -3.76 25.89 -0.67
CA SER B 160 -3.01 26.91 -1.45
C SER B 160 -2.75 28.10 -0.53
N GLY B 161 -2.31 27.78 0.70
CA GLY B 161 -2.21 28.76 1.79
C GLY B 161 -0.78 29.05 2.15
N THR B 162 -0.63 29.79 3.25
CA THR B 162 0.65 30.33 3.79
C THR B 162 1.05 29.53 5.03
N ILE B 163 2.29 29.66 5.46
CA ILE B 163 2.88 29.06 6.68
C ILE B 163 2.02 29.45 7.90
N ALA B 164 1.78 30.75 8.06
CA ALA B 164 0.94 31.35 9.12
C ALA B 164 -0.48 30.76 9.10
N ALA B 165 -1.17 30.74 7.95
CA ALA B 165 -2.51 30.09 7.84
C ALA B 165 -2.47 28.67 8.44
N ARG B 166 -1.49 27.85 8.08
CA ARG B 166 -1.42 26.46 8.57
C ARG B 166 -1.16 26.48 10.08
N ALA B 167 -0.20 27.31 10.49
CA ALA B 167 0.12 27.58 11.91
C ALA B 167 -1.18 27.88 12.67
N GLN B 168 -2.05 28.73 12.13
CA GLN B 168 -3.31 29.18 12.78
C GLN B 168 -4.34 28.04 12.77
N VAL B 169 -4.36 27.18 11.76
CA VAL B 169 -5.23 25.97 11.79
C VAL B 169 -4.79 25.10 12.96
N CYS B 170 -3.48 24.79 13.03
CA CYS B 170 -2.95 23.92 14.10
C CYS B 170 -3.24 24.57 15.46
N GLN B 171 -3.12 25.90 15.51
CA GLN B 171 -3.33 26.70 16.73
C GLN B 171 -4.78 26.54 17.16
N GLN B 172 -5.73 26.73 16.24
CA GLN B 172 -7.20 26.57 16.46
C GLN B 172 -7.49 25.17 17.02
N ALA B 173 -6.90 24.13 16.46
CA ALA B 173 -7.11 22.76 16.96
C ALA B 173 -6.71 22.72 18.44
N GLU B 174 -5.54 23.25 18.79
CA GLU B 174 -5.04 23.28 20.18
C GLU B 174 -6.06 24.00 21.06
N HIS B 175 -6.54 25.16 20.61
CA HIS B 175 -7.50 26.02 21.35
C HIS B 175 -8.79 25.22 21.57
N SER B 176 -9.44 24.79 20.48
CA SER B 176 -10.85 24.31 20.48
C SER B 176 -10.95 22.83 20.87
N PHE B 177 -10.00 21.98 20.49
CA PHE B 177 -10.11 20.51 20.69
C PHE B 177 -9.28 20.05 21.87
N ALA B 178 -8.26 20.80 22.32
CA ALA B 178 -7.47 20.42 23.53
C ALA B 178 -7.63 21.48 24.63
N GLY B 179 -8.32 22.60 24.37
CA GLY B 179 -8.54 23.69 25.34
C GLY B 179 -7.24 24.24 25.93
N MET B 180 -6.22 24.47 25.10
CA MET B 180 -4.96 25.15 25.49
C MET B 180 -4.79 26.36 24.58
N PRO B 181 -4.99 27.60 25.11
CA PRO B 181 -5.01 28.80 24.27
C PRO B 181 -3.57 29.28 23.98
N CYS B 182 -2.84 28.48 23.22
CA CYS B 182 -1.40 28.66 22.96
C CYS B 182 -1.22 29.85 22.03
N GLY B 183 0.00 30.39 21.98
CA GLY B 183 0.47 31.25 20.88
C GLY B 183 0.79 30.40 19.65
N ILE B 184 1.39 31.03 18.64
CA ILE B 184 1.68 30.38 17.34
C ILE B 184 3.08 29.80 17.40
N MET B 185 3.83 30.04 18.47
CA MET B 185 5.28 29.71 18.45
C MET B 185 5.55 28.27 17.97
N ASP B 186 4.96 27.29 18.65
CA ASP B 186 5.37 25.86 18.55
C ASP B 186 4.93 25.37 17.16
N GLN B 187 3.75 25.77 16.71
CA GLN B 187 3.24 25.36 15.37
C GLN B 187 4.20 25.92 14.32
N PHE B 188 4.57 27.19 14.50
CA PHE B 188 5.42 27.96 13.56
C PHE B 188 6.76 27.25 13.40
N ILE B 189 7.44 26.98 14.52
CA ILE B 189 8.79 26.33 14.46
C ILE B 189 8.64 24.91 13.90
N SER B 190 7.54 24.22 14.18
CA SER B 190 7.35 22.82 13.72
C SER B 190 7.14 22.85 12.21
N LEU B 191 6.51 23.91 11.68
CA LEU B 191 6.36 24.06 10.21
C LEU B 191 7.68 24.46 9.55
N MET B 192 8.40 25.44 10.09
CA MET B 192 9.40 26.22 9.33
C MET B 192 10.84 26.01 9.80
N GLY B 193 11.06 25.24 10.85
CA GLY B 193 12.42 24.87 11.29
C GLY B 193 13.30 24.44 10.13
N GLN B 194 14.60 24.66 10.24
CA GLN B 194 15.57 24.23 9.21
C GLN B 194 16.81 23.70 9.93
N LYS B 195 17.34 22.57 9.49
CA LYS B 195 18.58 21.98 10.08
C LYS B 195 19.63 23.11 10.24
N GLY B 196 20.36 23.09 11.36
CA GLY B 196 21.52 23.96 11.59
C GLY B 196 21.13 25.43 11.65
N HIS B 197 19.84 25.69 11.88
CA HIS B 197 19.29 27.06 12.10
C HIS B 197 18.37 27.09 13.33
N ALA B 198 18.35 28.23 14.00
CA ALA B 198 17.28 28.66 14.90
C ALA B 198 16.37 29.55 14.06
N LEU B 199 15.17 29.83 14.55
CA LEU B 199 14.13 30.62 13.86
C LEU B 199 13.74 31.77 14.77
N LEU B 200 14.16 33.00 14.47
CA LEU B 200 13.64 34.21 15.14
C LEU B 200 12.27 34.51 14.54
N ILE B 201 11.22 34.51 15.35
CA ILE B 201 9.83 34.76 14.88
C ILE B 201 9.34 36.08 15.49
N ASP B 202 8.76 36.94 14.66
CA ASP B 202 8.07 38.18 15.08
C ASP B 202 6.57 37.89 15.03
N CYS B 203 5.96 37.74 16.20
CA CYS B 203 4.55 37.26 16.39
C CYS B 203 3.59 38.44 16.27
N ARG B 204 4.08 39.63 15.87
CA ARG B 204 3.25 40.76 15.37
C ARG B 204 3.19 40.76 13.83
N SER B 205 4.34 40.79 13.15
CA SER B 205 4.41 40.88 11.66
C SER B 205 4.35 39.48 11.02
N LEU B 206 4.78 38.45 11.76
CA LEU B 206 4.86 37.04 11.31
C LEU B 206 6.03 36.91 10.34
N GLU B 207 6.86 37.96 10.28
CA GLU B 207 8.18 37.89 9.62
C GLU B 207 8.98 36.87 10.42
N THR B 208 9.85 36.12 9.76
CA THR B 208 10.69 35.07 10.37
C THR B 208 12.13 35.26 9.89
N SER B 209 13.15 35.02 10.69
CA SER B 209 14.54 34.92 10.19
C SER B 209 15.15 33.58 10.55
N LEU B 210 15.87 32.99 9.60
CA LEU B 210 16.61 31.70 9.77
C LEU B 210 18.05 32.03 10.14
N VAL B 211 18.38 31.91 11.43
CA VAL B 211 19.66 32.34 12.05
C VAL B 211 20.58 31.13 12.09
N PRO B 212 21.67 31.09 11.31
CA PRO B 212 22.58 29.95 11.39
C PRO B 212 23.01 29.70 12.84
N LEU B 213 23.21 28.44 13.19
CA LEU B 213 23.45 27.90 14.55
C LEU B 213 24.06 26.53 14.35
N SER B 214 25.15 26.49 13.58
CA SER B 214 25.82 25.25 13.05
C SER B 214 27.16 25.00 13.75
N ASP B 215 27.82 26.06 14.24
CA ASP B 215 29.13 26.04 14.94
C ASP B 215 29.22 24.82 15.85
N PRO B 216 30.14 23.85 15.62
CA PRO B 216 30.25 22.67 16.48
C PRO B 216 30.84 23.00 17.86
N LYS B 217 31.37 24.22 18.05
CA LYS B 217 31.91 24.74 19.33
C LYS B 217 30.78 25.03 20.33
N LEU B 218 29.59 25.43 19.86
CA LEU B 218 28.37 25.53 20.69
C LEU B 218 27.78 24.12 20.84
N ALA B 219 26.65 24.01 21.54
CA ALA B 219 25.79 22.81 21.70
C ALA B 219 24.63 23.17 22.65
N VAL B 220 23.50 22.50 22.48
CA VAL B 220 22.26 22.76 23.25
C VAL B 220 21.97 21.48 24.02
N LEU B 221 22.02 21.54 25.34
CA LEU B 221 21.63 20.38 26.20
C LEU B 221 20.23 20.69 26.70
N ILE B 222 19.31 19.76 26.43
CA ILE B 222 17.90 19.82 26.92
C ILE B 222 17.78 18.79 28.03
N THR B 223 17.33 19.26 29.21
CA THR B 223 17.16 18.44 30.45
C THR B 223 15.67 18.43 30.82
N ASN B 224 15.10 17.24 30.72
CA ASN B 224 13.75 16.91 31.18
C ASN B 224 13.78 16.63 32.70
N SER B 225 13.18 17.55 33.47
CA SER B 225 12.89 17.45 34.93
C SER B 225 12.13 16.16 35.20
N ASN B 226 11.35 15.70 34.24
CA ASN B 226 10.43 14.55 34.36
C ASN B 226 9.37 14.89 35.41
N VAL B 227 8.99 16.16 35.59
CA VAL B 227 7.84 16.56 36.48
C VAL B 227 6.90 17.48 35.70
N ARG B 228 5.60 17.32 35.95
CA ARG B 228 4.50 18.22 35.48
C ARG B 228 3.61 18.55 36.68
N HIS B 229 3.75 19.74 37.26
CA HIS B 229 2.84 20.26 38.31
C HIS B 229 1.47 20.49 37.66
N SER B 230 0.38 20.25 38.40
CA SER B 230 -1.03 20.45 37.99
C SER B 230 -1.23 21.92 37.59
N LEU B 231 -0.54 22.84 38.25
CA LEU B 231 -0.64 24.32 38.09
C LEU B 231 -0.25 24.77 36.68
N ALA B 232 0.27 23.87 35.83
CA ALA B 232 0.65 24.14 34.42
C ALA B 232 -0.60 24.48 33.58
N SER B 233 -1.47 23.50 33.35
CA SER B 233 -2.68 23.60 32.51
C SER B 233 -3.51 24.83 32.91
N SER B 234 -3.67 25.07 34.21
CA SER B 234 -4.66 26.03 34.80
C SER B 234 -4.15 27.48 34.73
N GLU B 235 -2.84 27.67 34.97
CA GLU B 235 -2.21 28.99 35.21
C GLU B 235 -1.74 29.64 33.90
N TYR B 236 -1.41 28.86 32.85
CA TYR B 236 -0.95 29.40 31.54
C TYR B 236 -1.98 30.41 31.04
N PRO B 237 -3.29 30.10 30.92
CA PRO B 237 -4.27 31.10 30.48
C PRO B 237 -4.42 32.24 31.49
N VAL B 238 -4.10 32.01 32.77
CA VAL B 238 -4.21 33.06 33.83
C VAL B 238 -3.24 34.18 33.42
N ARG B 239 -1.98 33.79 33.20
CA ARG B 239 -0.87 34.65 32.71
C ARG B 239 -1.30 35.44 31.46
N ARG B 240 -1.99 34.78 30.52
CA ARG B 240 -2.50 35.45 29.30
C ARG B 240 -3.42 36.58 29.74
N ARG B 241 -4.57 36.28 30.36
CA ARG B 241 -5.59 37.26 30.80
C ARG B 241 -4.92 38.41 31.60
N GLN B 242 -3.91 38.12 32.43
CA GLN B 242 -3.15 39.11 33.24
C GLN B 242 -2.43 40.07 32.28
N CYS B 243 -1.82 39.56 31.20
CA CYS B 243 -1.16 40.34 30.12
C CYS B 243 -2.19 41.16 29.33
N GLU B 244 -3.38 40.62 29.04
CA GLU B 244 -4.41 41.32 28.22
C GLU B 244 -4.94 42.57 28.96
N GLU B 245 -4.75 42.63 30.29
CA GLU B 245 -5.19 43.76 31.17
C GLU B 245 -4.09 44.81 31.27
N VAL B 246 -2.87 44.40 31.67
CA VAL B 246 -1.64 45.25 31.72
C VAL B 246 -1.44 46.01 30.41
N ALA B 247 -2.03 45.56 29.30
CA ALA B 247 -1.99 46.20 27.96
C ALA B 247 -3.26 47.03 27.72
N ARG B 248 -4.45 46.56 28.12
CA ARG B 248 -5.73 47.30 28.00
C ARG B 248 -5.76 48.46 29.02
N ALA B 249 -4.85 48.44 30.00
CA ALA B 249 -4.64 49.53 30.99
C ALA B 249 -3.85 50.67 30.33
N LEU B 250 -2.77 50.33 29.63
CA LEU B 250 -1.78 51.31 29.10
C LEU B 250 -2.15 51.79 27.69
N GLY B 251 -3.37 51.51 27.21
CA GLY B 251 -3.84 51.94 25.87
C GLY B 251 -3.26 51.11 24.73
N ALA B 252 -2.10 50.46 24.95
CA ALA B 252 -1.31 49.67 23.98
C ALA B 252 -2.01 48.37 23.57
N ALA B 253 -1.88 48.00 22.29
CA ALA B 253 -2.48 46.82 21.64
C ALA B 253 -1.75 45.53 22.09
N SER B 254 -0.55 45.64 22.67
CA SER B 254 0.28 44.48 23.06
C SER B 254 1.48 44.92 23.93
N LEU B 255 1.96 44.03 24.79
CA LEU B 255 3.19 44.27 25.58
C LEU B 255 4.41 44.44 24.65
N ARG B 256 4.28 44.19 23.34
CA ARG B 256 5.34 44.58 22.38
C ARG B 256 5.23 46.08 22.12
N GLU B 257 4.02 46.55 21.76
CA GLU B 257 3.67 47.97 21.50
C GLU B 257 3.99 48.84 22.73
N VAL B 258 3.84 48.30 23.96
CA VAL B 258 4.25 48.99 25.22
C VAL B 258 5.77 48.85 25.34
N GLN B 259 6.44 49.94 25.71
CA GLN B 259 7.91 50.04 25.96
C GLN B 259 8.17 49.91 27.47
N LEU B 260 9.36 49.45 27.88
CA LEU B 260 9.76 49.27 29.30
C LEU B 260 9.66 50.60 30.06
N GLU B 261 10.30 51.66 29.55
CA GLU B 261 10.18 53.05 30.06
C GLU B 261 8.70 53.33 30.34
N GLU B 262 7.84 53.17 29.32
CA GLU B 262 6.39 53.50 29.33
C GLU B 262 5.65 52.80 30.49
N LEU B 263 6.15 51.64 30.95
CA LEU B 263 5.52 50.80 32.00
C LEU B 263 5.86 51.37 33.38
N GLU B 264 7.16 51.56 33.68
CA GLU B 264 7.67 52.08 34.97
C GLU B 264 6.94 53.41 35.31
N ALA B 265 6.70 54.25 34.30
CA ALA B 265 5.96 55.52 34.40
C ALA B 265 4.44 55.28 34.20
N ALA B 266 3.96 54.08 34.52
CA ALA B 266 2.52 53.78 34.76
C ALA B 266 2.38 52.69 35.84
N ARG B 267 3.46 52.38 36.57
CA ARG B 267 3.56 51.44 37.72
C ARG B 267 2.28 51.47 38.59
N ASP B 268 1.67 52.64 38.76
CA ASP B 268 0.43 52.84 39.57
C ASP B 268 -0.79 52.31 38.79
N LEU B 269 -0.82 52.51 37.46
CA LEU B 269 -2.02 52.28 36.59
C LEU B 269 -2.38 50.79 36.47
N VAL B 270 -1.55 49.88 37.01
CA VAL B 270 -1.75 48.39 36.99
C VAL B 270 -1.20 47.79 38.30
N SER B 271 -1.64 46.56 38.63
CA SER B 271 -1.29 45.80 39.87
C SER B 271 0.23 45.62 40.04
N LYS B 272 0.66 45.01 41.15
CA LYS B 272 2.08 44.62 41.42
C LYS B 272 2.31 43.22 40.84
N GLU B 273 1.23 42.45 40.74
CA GLU B 273 1.08 41.21 39.92
C GLU B 273 1.29 41.57 38.46
N GLY B 274 0.36 42.34 37.86
CA GLY B 274 0.40 42.82 36.47
C GLY B 274 1.80 43.31 36.08
N PHE B 275 2.21 44.47 36.61
CA PHE B 275 3.56 45.09 36.43
C PHE B 275 4.65 44.01 36.51
N ARG B 276 4.52 43.06 37.42
CA ARG B 276 5.49 41.94 37.56
C ARG B 276 5.50 41.09 36.27
N ARG B 277 4.35 40.90 35.61
CA ARG B 277 4.22 40.03 34.40
C ARG B 277 4.93 40.73 33.23
N ALA B 278 4.61 42.01 33.03
CA ALA B 278 5.22 42.90 32.01
C ALA B 278 6.74 42.99 32.19
N ARG B 279 7.26 43.16 33.41
CA ARG B 279 8.71 43.41 33.62
C ARG B 279 9.50 42.24 32.99
N HIS B 280 9.02 41.01 33.19
CA HIS B 280 9.50 39.80 32.48
C HIS B 280 9.29 39.92 30.95
N VAL B 281 8.08 40.29 30.47
CA VAL B 281 7.61 40.17 29.06
C VAL B 281 8.24 41.29 28.23
N VAL B 282 7.62 42.49 28.30
CA VAL B 282 8.08 43.76 27.67
C VAL B 282 9.59 43.76 27.76
N GLY B 283 10.09 43.50 28.98
CA GLY B 283 11.46 43.03 29.19
C GLY B 283 11.81 42.09 28.07
N GLU B 284 11.30 40.84 28.16
CA GLU B 284 11.66 39.58 27.43
C GLU B 284 11.67 39.82 25.92
N ILE B 285 10.66 40.51 25.39
CA ILE B 285 10.61 40.93 23.96
C ILE B 285 11.94 41.58 23.61
N ARG B 286 12.30 42.63 24.37
CA ARG B 286 13.48 43.50 24.14
C ARG B 286 14.80 42.74 24.38
N ARG B 287 14.80 41.57 25.02
CA ARG B 287 16.06 40.75 25.17
C ARG B 287 16.09 39.58 24.19
N THR B 288 14.98 39.29 23.50
CA THR B 288 14.97 38.28 22.41
C THR B 288 15.73 38.94 21.26
N ALA B 289 15.29 40.14 20.90
CA ALA B 289 15.96 41.05 19.95
C ALA B 289 17.48 41.04 20.24
N GLN B 290 17.89 41.41 21.46
CA GLN B 290 19.32 41.50 21.84
C GLN B 290 19.98 40.14 21.65
N ALA B 291 19.30 39.05 21.98
CA ALA B 291 19.89 37.68 21.96
C ALA B 291 20.07 37.16 20.53
N ALA B 292 19.17 37.54 19.62
CA ALA B 292 19.29 37.24 18.18
C ALA B 292 20.52 38.00 17.67
N ALA B 293 20.40 39.35 17.66
CA ALA B 293 21.49 40.29 17.32
C ALA B 293 22.82 39.78 17.90
N ALA B 294 22.80 39.31 19.15
CA ALA B 294 23.95 38.70 19.88
C ALA B 294 24.39 37.40 19.23
N LEU B 295 23.47 36.52 18.84
CA LEU B 295 23.77 35.19 18.22
C LEU B 295 24.43 35.38 16.84
N ARG B 296 23.95 36.31 16.02
CA ARG B 296 24.54 36.63 14.67
C ARG B 296 26.03 36.95 14.88
N ARG B 297 26.32 37.86 15.82
CA ARG B 297 27.69 38.33 16.14
C ARG B 297 28.53 37.25 16.83
N GLY B 298 28.08 35.99 16.94
CA GLY B 298 28.86 34.84 17.49
C GLY B 298 29.09 34.91 19.00
N ASP B 299 28.38 35.82 19.68
CA ASP B 299 28.63 36.33 21.07
C ASP B 299 27.84 35.48 22.07
N TYR B 300 28.28 34.25 22.31
CA TYR B 300 27.54 33.20 23.05
C TYR B 300 27.23 33.70 24.47
N ARG B 301 28.24 34.10 25.25
CA ARG B 301 28.06 34.79 26.55
C ARG B 301 27.34 36.11 26.26
N ALA B 302 26.27 36.42 27.02
CA ALA B 302 25.24 37.45 26.72
C ALA B 302 24.05 36.80 25.99
N PHE B 303 24.29 35.70 25.27
CA PHE B 303 23.29 34.65 24.99
C PHE B 303 23.27 33.73 26.22
N GLY B 304 24.39 33.03 26.46
CA GLY B 304 24.67 32.24 27.67
C GLY B 304 24.37 32.98 28.96
N ARG B 305 24.30 34.32 28.92
CA ARG B 305 24.02 35.17 30.11
C ARG B 305 22.60 35.73 30.01
N LEU B 306 22.09 36.05 28.81
CA LEU B 306 20.77 36.71 28.64
C LEU B 306 19.66 35.65 28.80
N MET B 307 20.04 34.37 28.65
CA MET B 307 19.22 33.15 28.96
C MET B 307 18.91 33.13 30.47
N VAL B 308 19.95 32.96 31.31
CA VAL B 308 19.87 32.94 32.81
C VAL B 308 19.09 34.18 33.26
N GLU B 309 19.29 35.30 32.58
CA GLU B 309 18.56 36.56 32.87
C GLU B 309 17.06 36.34 32.55
N SER B 310 16.73 35.35 31.70
CA SER B 310 15.34 35.03 31.32
C SER B 310 14.74 34.08 32.36
N HIS B 311 15.45 33.00 32.72
CA HIS B 311 15.05 32.05 33.79
C HIS B 311 14.85 32.77 35.11
N ARG B 312 15.87 33.51 35.57
CA ARG B 312 15.77 34.33 36.81
C ARG B 312 14.48 35.15 36.72
N SER B 313 14.18 35.69 35.53
CA SER B 313 12.99 36.55 35.28
C SER B 313 11.73 35.67 35.12
N LEU B 314 11.91 34.37 34.88
CA LEU B 314 10.72 33.49 34.75
C LEU B 314 10.33 33.00 36.16
N ARG B 315 11.31 32.46 36.91
CA ARG B 315 11.20 32.14 38.37
C ARG B 315 10.63 33.33 39.14
N ASP B 316 11.36 34.44 39.25
CA ASP B 316 11.12 35.50 40.29
C ASP B 316 10.03 36.49 39.83
N ASP B 317 9.61 36.51 38.56
CA ASP B 317 8.85 37.70 38.03
C ASP B 317 7.58 37.28 37.28
N TYR B 318 7.62 36.21 36.47
CA TYR B 318 6.44 35.68 35.74
C TYR B 318 5.84 34.49 36.52
N GLU B 319 6.62 33.92 37.45
CA GLU B 319 6.18 32.87 38.43
C GLU B 319 5.66 31.68 37.63
N VAL B 320 6.53 31.09 36.81
CA VAL B 320 6.22 29.90 35.96
C VAL B 320 7.41 28.96 35.99
N SER B 321 8.40 29.21 36.84
CA SER B 321 9.38 28.15 37.16
C SER B 321 8.84 27.22 38.26
N CYS B 322 9.71 26.36 38.78
CA CYS B 322 9.35 25.29 39.74
C CYS B 322 10.64 24.69 40.29
N PRO B 323 10.73 24.46 41.61
CA PRO B 323 11.98 24.04 42.23
C PRO B 323 12.84 23.06 41.40
N GLU B 324 12.24 22.08 40.72
CA GLU B 324 12.94 21.10 39.86
CA GLU B 324 13.00 21.10 39.90
C GLU B 324 13.68 21.84 38.74
N LEU B 325 12.99 22.80 38.10
CA LEU B 325 13.59 23.64 37.03
C LEU B 325 14.80 24.33 37.65
N ASP B 326 14.56 25.10 38.71
CA ASP B 326 15.54 25.98 39.41
C ASP B 326 16.76 25.14 39.81
N GLN B 327 16.57 23.90 40.23
CA GLN B 327 17.66 23.01 40.70
C GLN B 327 18.43 22.44 39.49
N LEU B 328 17.83 22.46 38.30
CA LEU B 328 18.53 22.07 37.04
C LEU B 328 19.22 23.32 36.49
N VAL B 329 18.56 24.48 36.48
CA VAL B 329 19.19 25.77 36.07
C VAL B 329 20.37 26.03 37.02
N GLU B 330 20.07 26.37 38.28
CA GLU B 330 21.05 26.75 39.33
C GLU B 330 22.25 25.79 39.28
N ALA B 331 22.03 24.49 39.00
CA ALA B 331 23.11 23.48 38.89
C ALA B 331 24.05 23.86 37.73
N ALA B 332 23.47 24.13 36.55
CA ALA B 332 24.20 24.44 35.29
C ALA B 332 24.83 25.84 35.38
N LEU B 333 24.01 26.89 35.58
CA LEU B 333 24.41 28.33 35.67
C LEU B 333 25.60 28.50 36.62
N ALA B 334 25.89 27.49 37.46
CA ALA B 334 27.06 27.43 38.36
C ALA B 334 28.20 26.61 37.71
N VAL B 335 27.86 25.60 36.89
CA VAL B 335 28.85 24.72 36.20
C VAL B 335 29.63 25.55 35.18
N PRO B 336 30.98 25.64 35.28
CA PRO B 336 31.79 26.31 34.26
C PRO B 336 31.88 25.47 32.98
N GLY B 337 31.96 26.14 31.83
CA GLY B 337 31.80 25.53 30.50
C GLY B 337 30.34 25.35 30.14
N VAL B 338 29.50 26.27 30.64
CA VAL B 338 28.06 26.49 30.30
C VAL B 338 27.94 27.98 30.00
N TYR B 339 27.77 28.37 28.73
CA TYR B 339 27.47 29.79 28.41
C TYR B 339 26.34 30.20 29.37
N GLY B 340 25.28 29.38 29.48
CA GLY B 340 24.02 29.73 30.20
C GLY B 340 22.98 28.62 30.22
N SER B 341 21.82 28.91 30.84
CA SER B 341 20.71 27.95 31.08
C SER B 341 19.46 28.66 31.58
N ARG B 342 18.35 27.93 31.50
CA ARG B 342 16.98 28.46 31.73
C ARG B 342 15.94 27.39 31.43
N MET B 343 14.72 27.65 31.88
CA MET B 343 13.53 26.82 31.60
C MET B 343 13.11 27.15 30.17
N THR B 344 12.71 26.12 29.41
CA THR B 344 12.13 26.29 28.06
C THR B 344 10.65 25.93 28.11
N GLY B 345 9.84 26.61 27.30
CA GLY B 345 8.42 26.28 27.12
C GLY B 345 7.57 26.85 28.22
N GLY B 346 6.43 26.22 28.49
CA GLY B 346 5.31 26.81 29.25
C GLY B 346 5.70 26.93 30.70
N GLY B 347 6.52 25.99 31.17
CA GLY B 347 6.99 25.95 32.57
C GLY B 347 6.22 24.99 33.45
N PHE B 348 6.21 25.28 34.76
CA PHE B 348 5.74 24.40 35.87
C PHE B 348 6.22 22.97 35.63
N GLY B 349 7.47 22.81 35.17
CA GLY B 349 8.09 21.51 34.86
C GLY B 349 8.51 21.42 33.40
N GLY B 350 8.59 20.19 32.88
CA GLY B 350 9.17 19.89 31.57
C GLY B 350 10.67 20.09 31.57
N CYS B 351 11.18 20.87 30.60
CA CYS B 351 12.62 20.84 30.23
C CYS B 351 13.30 22.17 30.52
N THR B 352 14.61 22.11 30.72
CA THR B 352 15.52 23.27 30.61
C THR B 352 16.40 23.08 29.37
N VAL B 353 16.99 24.19 28.94
CA VAL B 353 17.92 24.25 27.80
C VAL B 353 19.18 25.01 28.25
N THR B 354 20.35 24.37 28.09
CA THR B 354 21.68 24.93 28.44
C THR B 354 22.58 24.87 27.19
N LEU B 355 23.00 26.04 26.67
CA LEU B 355 24.08 26.18 25.65
C LEU B 355 25.44 25.92 26.31
N LEU B 356 26.03 24.72 26.10
CA LEU B 356 27.31 24.25 26.69
C LEU B 356 28.31 23.92 25.58
N GLU B 357 29.61 23.84 25.90
CA GLU B 357 30.70 23.37 24.99
C GLU B 357 30.64 21.85 24.92
N ALA B 358 30.66 21.28 23.71
CA ALA B 358 30.40 19.85 23.43
C ALA B 358 31.40 18.95 24.16
N SER B 359 32.63 19.40 24.37
CA SER B 359 33.72 18.73 25.13
C SER B 359 33.20 18.33 26.53
N ALA B 360 32.55 19.30 27.21
CA ALA B 360 32.06 19.20 28.60
C ALA B 360 30.86 18.24 28.72
N ALA B 361 30.24 17.85 27.62
CA ALA B 361 28.87 17.28 27.61
C ALA B 361 28.77 16.13 28.61
N PRO B 362 29.59 15.05 28.53
CA PRO B 362 29.47 13.97 29.50
C PRO B 362 29.80 14.41 30.95
N HIS B 363 30.44 15.59 31.12
CA HIS B 363 30.61 16.30 32.43
C HIS B 363 29.31 17.07 32.72
N ALA B 364 28.99 18.05 31.87
CA ALA B 364 27.78 18.92 31.91
C ALA B 364 26.53 18.16 32.36
N MET B 365 26.45 16.85 32.12
CA MET B 365 25.31 16.02 32.57
C MET B 365 25.31 16.03 34.10
N ARG B 366 26.33 15.41 34.71
CA ARG B 366 26.39 14.99 36.15
C ARG B 366 26.38 16.20 37.09
N GLN B 369 22.68 15.23 36.54
CA GLN B 369 22.03 14.04 37.15
C GLN B 369 22.32 14.03 38.65
N GLU B 370 23.62 13.96 39.01
CA GLU B 370 24.14 13.71 40.40
C GLU B 370 23.60 14.77 41.39
N HIS B 371 23.42 16.03 40.95
CA HIS B 371 22.88 17.16 41.75
C HIS B 371 21.41 17.44 41.43
N TYR B 372 20.67 16.43 40.93
CA TYR B 372 19.24 16.52 40.56
C TYR B 372 18.42 15.56 41.42
N GLY B 373 17.56 16.11 42.29
CA GLY B 373 16.72 15.35 43.25
C GLY B 373 15.82 14.35 42.54
N GLY B 374 15.20 14.77 41.42
CA GLY B 374 14.33 13.92 40.58
C GLY B 374 15.11 13.16 39.53
N THR B 375 14.43 12.37 38.70
CA THR B 375 15.00 11.71 37.49
C THR B 375 15.33 12.81 36.45
N ALA B 376 16.43 12.61 35.72
CA ALA B 376 16.87 13.47 34.60
C ALA B 376 16.89 12.62 33.31
N THR B 377 16.35 13.20 32.23
CA THR B 377 16.48 12.67 30.86
C THR B 377 17.27 13.68 30.03
N PHE B 378 18.19 13.18 29.21
CA PHE B 378 19.11 14.02 28.39
C PHE B 378 18.80 13.88 26.90
N TYR B 379 18.74 15.05 26.25
CA TYR B 379 18.68 15.28 24.79
C TYR B 379 19.83 16.23 24.40
N LEU B 380 20.75 15.75 23.55
CA LEU B 380 21.79 16.59 22.86
C LEU B 380 21.42 16.68 21.37
N SER B 381 20.81 17.79 20.94
CA SER B 381 20.16 17.88 19.60
C SER B 381 20.84 18.96 18.74
N GLN B 382 21.19 18.57 17.51
CA GLN B 382 21.35 19.48 16.35
C GLN B 382 20.02 20.23 16.15
N ALA B 383 20.07 21.53 15.87
CA ALA B 383 18.97 22.33 15.27
C ALA B 383 18.48 21.58 14.04
N ALA B 384 17.18 21.34 13.91
CA ALA B 384 16.66 20.33 12.96
C ALA B 384 15.67 20.97 11.98
N ASP B 385 15.35 20.20 10.94
CA ASP B 385 14.31 20.51 9.93
C ASP B 385 12.91 20.52 10.54
N GLY B 386 12.04 21.34 9.95
CA GLY B 386 10.59 21.34 10.21
C GLY B 386 9.91 20.21 9.45
N ALA B 387 8.60 20.39 9.22
CA ALA B 387 7.68 19.41 8.59
C ALA B 387 8.29 18.86 7.31
N LYS B 388 8.28 17.55 7.10
CA LYS B 388 8.76 17.03 5.79
C LYS B 388 7.95 15.81 5.39
N VAL B 389 8.11 15.42 4.14
CA VAL B 389 7.32 14.36 3.46
C VAL B 389 8.33 13.40 2.88
N LEU B 390 7.97 12.13 2.87
CA LEU B 390 8.68 11.06 2.12
C LEU B 390 7.60 10.20 1.49
N CYS B 391 7.52 10.20 0.15
CA CYS B 391 6.62 9.28 -0.60
C CYS B 391 7.18 7.87 -0.41
N LEU B 392 6.31 6.85 -0.30
CA LEU B 392 6.75 5.49 0.11
C LEU B 392 6.39 4.46 -0.96
N HIS C 1 -4.17 41.81 -22.00
CA HIS C 1 -4.46 40.37 -21.75
C HIS C 1 -3.76 39.51 -22.81
N ALA C 2 -3.69 39.97 -24.07
CA ALA C 2 -3.19 39.20 -25.25
C ALA C 2 -1.82 38.57 -24.98
N ALA C 3 -0.89 39.37 -24.44
CA ALA C 3 0.53 39.02 -24.18
C ALA C 3 0.74 38.58 -22.72
N LEU C 4 -0.31 38.62 -21.88
CA LEU C 4 -0.29 38.13 -20.47
C LEU C 4 -0.41 36.60 -20.48
N ARG C 5 0.74 35.92 -20.39
CA ARG C 5 0.87 34.45 -20.19
C ARG C 5 0.36 34.10 -18.78
N GLN C 6 -0.67 33.26 -18.69
CA GLN C 6 -1.33 32.89 -17.41
C GLN C 6 -1.16 31.38 -17.19
N PRO C 7 0.08 30.84 -17.10
CA PRO C 7 0.28 29.38 -17.03
C PRO C 7 -0.02 28.77 -15.66
N GLN C 8 -1.02 27.88 -15.60
CA GLN C 8 -1.55 27.28 -14.34
C GLN C 8 -0.77 26.00 -14.05
N VAL C 9 -0.31 25.86 -12.81
CA VAL C 9 0.35 24.66 -12.22
C VAL C 9 -0.54 23.44 -12.43
N ALA C 10 -1.86 23.58 -12.26
CA ALA C 10 -2.84 22.49 -12.45
C ALA C 10 -2.57 21.82 -13.81
N GLU C 11 -2.53 22.63 -14.87
CA GLU C 11 -2.30 22.20 -16.27
C GLU C 11 -0.87 21.63 -16.42
N LEU C 12 0.15 22.20 -15.77
CA LEU C 12 1.57 21.74 -15.84
C LEU C 12 1.66 20.27 -15.40
N LEU C 13 1.02 19.94 -14.27
CA LEU C 13 1.15 18.63 -13.57
C LEU C 13 0.37 17.60 -14.38
N ALA C 14 -0.90 17.91 -14.66
CA ALA C 14 -1.77 17.21 -15.65
C ALA C 14 -1.03 16.96 -16.96
N GLU C 15 -0.28 17.94 -17.49
CA GLU C 15 0.52 17.81 -18.74
C GLU C 15 1.69 16.86 -18.50
N ALA C 16 2.35 16.90 -17.34
CA ALA C 16 3.57 16.11 -17.02
C ALA C 16 3.21 14.63 -16.79
N ARG C 17 2.01 14.37 -16.26
CA ARG C 17 1.48 13.01 -15.95
C ARG C 17 1.00 12.32 -17.24
N ARG C 18 0.22 13.03 -18.07
CA ARG C 18 -0.24 12.59 -19.42
C ARG C 18 0.95 12.08 -20.23
N ALA C 19 2.07 12.81 -20.24
CA ALA C 19 3.28 12.46 -21.00
C ALA C 19 4.02 11.29 -20.35
N PHE C 20 4.10 11.23 -19.02
CA PHE C 20 4.85 10.15 -18.30
C PHE C 20 4.17 8.80 -18.55
N ARG C 21 2.85 8.76 -18.35
CA ARG C 21 1.99 7.61 -18.74
C ARG C 21 2.39 7.20 -20.16
N GLU C 22 1.98 8.00 -21.17
CA GLU C 22 2.17 7.73 -22.62
C GLU C 22 3.60 7.23 -22.88
N GLU C 23 4.63 7.81 -22.28
CA GLU C 23 6.05 7.49 -22.56
C GLU C 23 6.46 6.19 -21.85
N PHE C 24 6.04 5.98 -20.61
CA PHE C 24 6.61 4.92 -19.73
C PHE C 24 5.61 3.78 -19.51
N GLY C 25 4.32 4.03 -19.78
CA GLY C 25 3.25 3.02 -19.79
C GLY C 25 2.64 2.83 -18.41
N ALA C 26 3.21 3.46 -17.38
CA ALA C 26 2.80 3.37 -15.97
C ALA C 26 2.49 4.77 -15.42
N GLU C 27 1.80 4.84 -14.28
CA GLU C 27 1.58 6.08 -13.49
C GLU C 27 2.89 6.45 -12.82
N PRO C 28 3.21 7.77 -12.70
CA PRO C 28 4.39 8.20 -11.95
C PRO C 28 4.01 8.12 -10.47
N GLU C 29 4.94 7.67 -9.62
CA GLU C 29 4.73 7.54 -8.16
C GLU C 29 4.71 8.93 -7.50
N LEU C 30 5.52 9.86 -8.02
CA LEU C 30 6.00 11.05 -7.25
C LEU C 30 5.98 12.32 -8.13
N ALA C 31 5.57 13.45 -7.56
CA ALA C 31 5.67 14.81 -8.18
C ALA C 31 6.50 15.77 -7.30
N VAL C 32 7.32 16.61 -7.94
CA VAL C 32 8.02 17.76 -7.28
C VAL C 32 7.97 18.99 -8.20
N SER C 33 8.12 20.16 -7.58
CA SER C 33 8.22 21.46 -8.27
C SER C 33 9.24 22.35 -7.55
N ALA C 34 9.91 23.19 -8.34
CA ALA C 34 10.77 24.30 -7.89
C ALA C 34 10.45 25.49 -8.79
N PRO C 35 10.27 26.70 -8.23
CA PRO C 35 9.89 27.86 -9.03
C PRO C 35 11.09 28.60 -9.61
N GLY C 36 10.82 29.37 -10.67
CA GLY C 36 11.60 30.53 -11.08
C GLY C 36 11.45 31.65 -10.07
N ARG C 37 12.15 32.75 -10.35
CA ARG C 37 12.53 33.81 -9.40
C ARG C 37 12.55 35.15 -10.14
N VAL C 38 12.09 36.18 -9.47
CA VAL C 38 12.38 37.60 -9.81
C VAL C 38 13.17 38.20 -8.64
N ASN C 39 14.25 38.91 -8.92
CA ASN C 39 14.95 39.77 -7.92
C ASN C 39 14.22 41.11 -7.84
N LEU C 40 13.61 41.44 -6.70
CA LEU C 40 12.85 42.70 -6.58
C LEU C 40 13.85 43.88 -6.58
N ILE C 41 15.03 43.66 -5.98
CA ILE C 41 16.14 44.65 -5.85
C ILE C 41 17.32 43.94 -5.18
N GLY C 42 18.52 44.46 -5.40
CA GLY C 42 19.75 43.84 -4.87
C GLY C 42 20.46 43.09 -5.97
N GLU C 43 20.64 43.75 -7.11
CA GLU C 43 21.24 43.17 -8.34
C GLU C 43 22.75 43.31 -8.27
N HIS C 44 23.47 42.20 -8.50
CA HIS C 44 24.94 42.06 -8.64
C HIS C 44 25.63 42.35 -7.30
N THR C 45 24.99 41.93 -6.22
CA THR C 45 25.52 42.05 -4.83
C THR C 45 25.83 40.67 -4.26
N ASP C 46 25.19 39.61 -4.76
CA ASP C 46 25.16 38.29 -4.10
C ASP C 46 26.59 37.76 -4.05
N TYR C 47 27.35 37.90 -5.14
CA TYR C 47 28.79 37.51 -5.22
C TYR C 47 29.68 38.56 -4.54
N ASN C 48 29.11 39.67 -4.05
CA ASN C 48 29.84 40.70 -3.25
C ASN C 48 29.48 40.62 -1.76
N GLN C 49 28.97 39.46 -1.29
CA GLN C 49 28.52 39.22 0.11
C GLN C 49 27.50 40.30 0.47
N GLY C 50 26.60 40.63 -0.45
CA GLY C 50 25.61 41.69 -0.26
C GLY C 50 24.29 41.15 0.24
N LEU C 51 23.25 41.97 0.09
CA LEU C 51 21.84 41.64 0.34
C LEU C 51 21.15 41.44 -1.01
N VAL C 52 20.24 40.47 -1.11
CA VAL C 52 19.35 40.29 -2.30
C VAL C 52 17.93 40.19 -1.79
N LEU C 53 16.98 40.68 -2.55
CA LEU C 53 15.58 40.65 -2.12
C LEU C 53 14.77 40.00 -3.22
N PRO C 54 14.97 38.69 -3.45
CA PRO C 54 14.13 37.95 -4.39
C PRO C 54 12.78 37.44 -3.88
N MET C 55 11.94 37.08 -4.83
CA MET C 55 10.61 36.48 -4.62
C MET C 55 10.45 35.34 -5.64
N ALA C 56 9.95 34.19 -5.21
CA ALA C 56 9.60 33.07 -6.12
C ALA C 56 8.34 33.43 -6.93
N LEU C 57 8.31 32.98 -8.17
CA LEU C 57 7.23 33.23 -9.16
C LEU C 57 6.30 32.03 -9.26
N GLU C 58 5.09 32.27 -9.79
CA GLU C 58 4.08 31.20 -10.05
C GLU C 58 4.52 30.35 -11.25
N LEU C 59 5.59 30.74 -11.94
CA LEU C 59 6.25 29.91 -12.99
C LEU C 59 7.16 28.88 -12.32
N MET C 60 7.16 27.64 -12.78
CA MET C 60 7.89 26.53 -12.11
C MET C 60 8.26 25.40 -13.08
N THR C 61 9.35 24.69 -12.79
CA THR C 61 9.74 23.40 -13.39
C THR C 61 9.18 22.26 -12.51
N VAL C 62 8.28 21.44 -13.06
CA VAL C 62 7.70 20.22 -12.43
C VAL C 62 8.53 18.99 -12.89
N LEU C 63 8.83 18.09 -11.95
CA LEU C 63 9.23 16.69 -12.27
C LEU C 63 8.14 15.75 -11.75
N VAL C 64 7.75 14.79 -12.58
CA VAL C 64 6.91 13.63 -12.15
C VAL C 64 7.73 12.39 -12.50
N GLY C 65 7.96 11.52 -11.51
CA GLY C 65 8.84 10.36 -11.69
C GLY C 65 8.53 9.20 -10.77
N SER C 66 9.44 8.23 -10.75
CA SER C 66 9.35 6.90 -10.08
C SER C 66 10.75 6.36 -9.97
N PRO C 67 11.14 5.69 -8.87
CA PRO C 67 12.48 5.09 -8.77
C PRO C 67 12.64 3.95 -9.79
N ARG C 68 13.87 3.41 -9.91
CA ARG C 68 14.21 2.27 -10.82
C ARG C 68 15.31 1.42 -10.16
N ASP C 70 16.60 -1.06 -14.72
CA ASP C 70 17.03 -0.36 -13.48
C ASP C 70 18.52 0.02 -13.60
N GLY C 71 19.08 0.74 -12.61
CA GLY C 71 20.42 1.36 -12.65
C GLY C 71 20.46 2.57 -13.59
N LEU C 72 19.40 2.78 -14.38
CA LEU C 72 19.34 3.73 -15.53
C LEU C 72 18.49 4.96 -15.16
N VAL C 73 18.93 6.15 -15.64
CA VAL C 73 18.20 7.45 -15.58
C VAL C 73 17.55 7.72 -16.94
N SER C 74 16.23 7.67 -17.02
CA SER C 74 15.42 7.90 -18.25
C SER C 74 14.65 9.22 -18.12
N LEU C 75 14.96 10.22 -18.97
CA LEU C 75 14.38 11.59 -18.91
C LEU C 75 13.71 11.93 -20.25
N LEU C 76 12.48 12.44 -20.21
CA LEU C 76 11.83 13.13 -21.36
C LEU C 76 11.26 14.49 -20.90
N THR C 77 11.56 15.55 -21.66
CA THR C 77 11.02 16.91 -21.39
C THR C 77 10.04 17.31 -22.50
N THR C 78 8.91 17.89 -22.11
CA THR C 78 7.86 18.44 -23.00
C THR C 78 8.06 19.96 -23.16
N SER C 79 9.19 20.54 -22.72
CA SER C 79 9.47 22.00 -22.77
C SER C 79 9.99 22.39 -24.16
N GLU C 80 9.27 23.30 -24.84
CA GLU C 80 9.41 23.56 -26.30
C GLU C 80 10.78 24.18 -26.63
N GLY C 81 11.26 25.12 -25.80
CA GLY C 81 12.59 25.72 -25.98
C GLY C 81 13.70 24.69 -25.86
N ALA C 82 13.44 23.55 -25.22
CA ALA C 82 14.46 22.54 -24.86
C ALA C 82 15.22 22.08 -26.10
N ASP C 83 16.53 21.84 -25.93
CA ASP C 83 17.51 21.31 -26.91
C ASP C 83 17.00 19.97 -27.48
N GLU C 84 17.73 19.36 -28.42
CA GLU C 84 17.37 18.03 -28.97
C GLU C 84 18.42 17.01 -28.53
N PRO C 85 18.02 15.73 -28.26
CA PRO C 85 16.61 15.33 -28.20
C PRO C 85 15.90 15.67 -26.88
N GLN C 86 14.60 15.93 -26.97
CA GLN C 86 13.66 16.16 -25.84
C GLN C 86 13.49 14.86 -25.03
N ARG C 87 14.39 13.88 -25.20
CA ARG C 87 14.31 12.48 -24.70
C ARG C 87 15.74 11.94 -24.49
N LEU C 88 15.96 11.12 -23.48
CA LEU C 88 17.33 10.73 -23.05
C LEU C 88 17.28 9.51 -22.12
N GLN C 89 18.34 8.71 -22.12
CA GLN C 89 18.57 7.56 -21.22
C GLN C 89 20.08 7.40 -21.04
N PHE C 90 20.57 7.31 -19.82
CA PHE C 90 22.03 7.23 -19.53
C PHE C 90 22.24 6.53 -18.19
N PRO C 91 23.43 5.91 -17.96
CA PRO C 91 23.68 5.19 -16.72
C PRO C 91 23.92 6.17 -15.57
N LEU C 92 23.49 5.81 -14.35
CA LEU C 92 23.89 6.49 -13.08
C LEU C 92 25.40 6.68 -13.09
N PRO C 93 25.96 7.70 -12.41
CA PRO C 93 27.41 7.79 -12.22
C PRO C 93 27.90 6.78 -11.17
N THR C 94 29.22 6.75 -10.98
CA THR C 94 29.96 5.84 -10.06
C THR C 94 30.96 6.68 -9.26
N ALA C 95 31.90 6.04 -8.55
CA ALA C 95 33.05 6.70 -7.88
C ALA C 95 34.29 6.58 -8.76
N GLN C 96 34.14 5.98 -9.96
CA GLN C 96 35.21 5.68 -10.94
C GLN C 96 34.97 6.55 -12.19
N ARG C 97 33.84 6.35 -12.86
CA ARG C 97 33.44 7.04 -14.13
C ARG C 97 32.34 8.07 -13.83
N SER C 98 32.75 9.25 -13.33
CA SER C 98 31.91 10.44 -13.05
C SER C 98 31.10 10.83 -14.31
N LEU C 99 30.11 11.71 -14.15
CA LEU C 99 29.23 12.21 -15.25
C LEU C 99 29.90 13.42 -15.91
N GLU C 100 29.81 13.52 -17.24
CA GLU C 100 30.46 14.59 -18.05
C GLU C 100 29.39 15.38 -18.82
N PRO C 101 29.49 16.73 -18.84
CA PRO C 101 28.53 17.56 -19.57
C PRO C 101 28.68 17.44 -21.09
N GLY C 102 27.57 17.18 -21.80
CA GLY C 102 27.51 17.06 -23.27
C GLY C 102 26.20 17.61 -23.83
N THR C 103 25.50 16.82 -24.66
CA THR C 103 24.27 17.19 -25.39
C THR C 103 23.20 16.14 -25.05
N PRO C 104 21.91 16.50 -24.85
CA PRO C 104 21.43 17.88 -24.91
C PRO C 104 21.97 18.79 -23.80
N ARG C 105 21.93 20.10 -24.03
CA ARG C 105 22.38 21.17 -23.10
C ARG C 105 21.52 21.18 -21.83
N TRP C 106 20.20 20.95 -21.96
CA TRP C 106 19.21 20.99 -20.84
C TRP C 106 19.50 19.87 -19.84
N ALA C 107 19.78 18.66 -20.33
CA ALA C 107 20.13 17.48 -19.53
C ALA C 107 21.35 17.79 -18.63
N ASN C 108 22.22 18.73 -19.01
CA ASN C 108 23.44 19.05 -18.23
C ASN C 108 23.08 19.46 -16.80
N TYR C 109 21.95 20.15 -16.62
CA TYR C 109 21.49 20.70 -15.31
C TYR C 109 21.10 19.55 -14.38
N VAL C 110 20.30 18.60 -14.88
CA VAL C 110 19.91 17.35 -14.16
C VAL C 110 21.18 16.53 -13.89
N LYS C 111 21.95 16.21 -14.93
CA LYS C 111 23.22 15.44 -14.87
C LYS C 111 24.18 16.08 -13.83
N GLY C 112 24.08 17.38 -13.60
CA GLY C 112 24.99 18.10 -12.70
C GLY C 112 24.61 17.88 -11.24
N VAL C 113 23.31 17.81 -10.96
CA VAL C 113 22.75 17.72 -9.59
C VAL C 113 22.98 16.29 -9.08
N ILE C 114 22.79 15.29 -9.94
CA ILE C 114 23.13 13.86 -9.64
C ILE C 114 24.60 13.78 -9.21
N GLN C 115 25.50 14.19 -10.11
CA GLN C 115 26.97 14.14 -9.93
C GLN C 115 27.41 14.60 -8.54
N TYR C 116 26.91 15.74 -8.05
CA TYR C 116 27.37 16.37 -6.78
C TYR C 116 26.39 16.07 -5.63
N TYR C 117 25.42 15.16 -5.82
CA TYR C 117 24.38 14.85 -4.80
C TYR C 117 25.04 14.14 -3.62
N PRO C 118 24.94 14.68 -2.38
CA PRO C 118 25.83 14.25 -1.29
C PRO C 118 25.35 13.08 -0.44
N ALA C 119 24.42 12.25 -0.94
CA ALA C 119 23.78 11.14 -0.19
C ALA C 119 23.63 9.91 -1.07
N ALA C 120 23.66 8.72 -0.45
CA ALA C 120 23.73 7.40 -1.12
C ALA C 120 22.89 6.40 -0.34
N PRO C 121 22.39 5.33 -0.97
CA PRO C 121 22.56 5.09 -2.41
C PRO C 121 21.48 5.70 -3.33
N LEU C 122 21.90 6.21 -4.50
CA LEU C 122 21.00 6.86 -5.50
C LEU C 122 20.48 5.83 -6.50
N PRO C 123 19.17 5.47 -6.48
CA PRO C 123 18.61 4.62 -7.52
C PRO C 123 18.29 5.37 -8.83
N GLY C 124 18.26 4.67 -9.95
CA GLY C 124 17.78 5.21 -11.22
C GLY C 124 16.33 5.62 -11.12
N PHE C 125 15.80 6.30 -12.14
CA PHE C 125 14.40 6.79 -12.15
C PHE C 125 13.94 7.17 -13.57
N SER C 126 12.63 7.07 -13.79
CA SER C 126 11.88 7.66 -14.93
C SER C 126 11.34 9.03 -14.47
N ALA C 127 11.54 10.09 -15.27
CA ALA C 127 11.17 11.50 -15.00
C ALA C 127 10.71 12.21 -16.29
N VAL C 128 9.51 12.77 -16.30
CA VAL C 128 9.04 13.78 -17.31
C VAL C 128 9.24 15.19 -16.71
N VAL C 129 10.03 16.03 -17.40
CA VAL C 129 10.31 17.45 -17.02
C VAL C 129 9.41 18.37 -17.85
N VAL C 130 8.53 19.13 -17.19
CA VAL C 130 7.79 20.27 -17.81
C VAL C 130 8.26 21.54 -17.11
N SER C 131 8.21 22.70 -17.77
CA SER C 131 8.46 24.02 -17.14
C SER C 131 7.56 25.10 -17.76
N SER C 132 7.09 26.04 -16.93
CA SER C 132 6.42 27.28 -17.38
C SER C 132 7.39 28.47 -17.21
N VAL C 133 8.66 28.18 -16.89
CA VAL C 133 9.68 29.25 -16.72
C VAL C 133 10.30 29.47 -18.09
N PRO C 134 10.28 30.68 -18.66
CA PRO C 134 10.90 30.91 -19.97
C PRO C 134 12.38 30.49 -19.89
N LEU C 135 12.77 29.51 -20.70
CA LEU C 135 14.16 29.01 -20.82
C LEU C 135 15.09 30.18 -21.22
N GLY C 136 16.03 30.52 -20.33
CA GLY C 136 17.04 31.56 -20.56
C GLY C 136 16.49 32.99 -20.57
N GLY C 137 15.23 33.23 -20.19
CA GLY C 137 14.59 34.55 -20.23
C GLY C 137 14.91 35.42 -19.01
N GLY C 138 15.85 34.98 -18.15
CA GLY C 138 16.35 35.75 -16.99
C GLY C 138 15.56 35.55 -15.71
N LEU C 139 14.73 34.50 -15.59
CA LEU C 139 13.93 34.22 -14.36
C LEU C 139 14.38 32.91 -13.70
N SER C 140 15.60 32.44 -14.01
CA SER C 140 16.29 31.27 -13.40
C SER C 140 15.58 29.94 -13.72
N SER C 141 15.23 29.72 -14.99
CA SER C 141 14.72 28.41 -15.47
C SER C 141 15.69 27.32 -15.01
N SER C 142 16.98 27.62 -15.06
CA SER C 142 18.11 26.70 -14.76
C SER C 142 18.13 26.37 -13.26
N ALA C 143 18.06 27.35 -12.38
CA ALA C 143 18.02 27.09 -10.92
C ALA C 143 16.77 26.25 -10.59
N SER C 144 15.62 26.53 -11.19
CA SER C 144 14.36 25.79 -10.88
C SER C 144 14.50 24.32 -11.31
N LEU C 145 15.14 24.03 -12.45
CA LEU C 145 15.36 22.64 -12.91
C LEU C 145 16.35 21.96 -11.96
N GLU C 146 17.46 22.62 -11.61
CA GLU C 146 18.46 22.13 -10.63
C GLU C 146 17.82 21.82 -9.28
N VAL C 147 16.99 22.70 -8.75
CA VAL C 147 16.37 22.53 -7.40
C VAL C 147 15.23 21.52 -7.47
N ALA C 148 14.45 21.50 -8.57
CA ALA C 148 13.38 20.51 -8.77
C ALA C 148 14.02 19.12 -8.82
N THR C 149 15.17 19.00 -9.49
CA THR C 149 15.94 17.74 -9.65
C THR C 149 16.42 17.30 -8.27
N TYR C 150 17.01 18.22 -7.53
CA TYR C 150 17.52 17.99 -6.15
C TYR C 150 16.40 17.45 -5.25
N THR C 151 15.27 18.15 -5.21
CA THR C 151 14.05 17.78 -4.43
C THR C 151 13.62 16.35 -4.78
N PHE C 152 13.71 15.96 -6.06
CA PHE C 152 13.28 14.65 -6.58
C PHE C 152 14.21 13.58 -6.00
N LEU C 153 15.53 13.86 -6.02
CA LEU C 153 16.59 12.96 -5.51
C LEU C 153 16.41 12.79 -4.00
N GLN C 154 15.97 13.84 -3.30
CA GLN C 154 15.74 13.80 -1.83
C GLN C 154 14.71 12.68 -1.53
N GLN C 155 13.71 12.51 -2.38
CA GLN C 155 12.63 11.52 -2.17
C GLN C 155 13.09 10.08 -2.46
N LEU C 156 14.13 9.92 -3.28
CA LEU C 156 14.72 8.61 -3.67
C LEU C 156 15.78 8.23 -2.64
N CYS C 157 16.58 9.20 -2.22
CA CYS C 157 17.66 9.02 -1.23
C CYS C 157 17.77 10.29 -0.39
N PRO C 158 17.02 10.39 0.74
CA PRO C 158 17.11 11.54 1.63
C PRO C 158 18.54 11.96 1.98
N ASP C 159 18.76 13.25 2.16
CA ASP C 159 20.05 13.84 2.64
C ASP C 159 19.88 14.11 4.13
N SER C 160 20.90 14.65 4.80
CA SER C 160 20.81 15.19 6.18
C SER C 160 21.47 16.57 6.20
N GLY C 161 21.30 17.31 5.09
CA GLY C 161 22.00 18.57 4.77
C GLY C 161 21.14 19.80 5.02
N THR C 162 21.82 20.95 5.08
CA THR C 162 21.27 22.32 5.18
C THR C 162 20.75 22.79 3.82
N ILE C 163 19.95 23.87 3.85
CA ILE C 163 19.46 24.62 2.66
C ILE C 163 20.66 25.18 1.90
N ALA C 164 21.56 25.87 2.61
CA ALA C 164 22.81 26.48 2.08
C ALA C 164 23.60 25.43 1.29
N ALA C 165 23.77 24.24 1.87
CA ALA C 165 24.50 23.10 1.26
C ALA C 165 23.83 22.67 -0.04
N ARG C 166 22.49 22.56 -0.08
CA ARG C 166 21.73 22.15 -1.29
C ARG C 166 21.83 23.24 -2.36
N ALA C 167 21.69 24.51 -1.95
CA ALA C 167 21.93 25.70 -2.81
C ALA C 167 23.32 25.61 -3.45
N GLN C 168 24.35 25.27 -2.67
CA GLN C 168 25.76 25.22 -3.12
C GLN C 168 25.94 24.03 -4.08
N VAL C 169 25.12 22.98 -3.99
CA VAL C 169 25.19 21.77 -4.87
C VAL C 169 24.64 22.13 -6.26
N CYS C 170 23.46 22.77 -6.29
CA CYS C 170 22.81 23.24 -7.54
C CYS C 170 23.71 24.32 -8.18
N GLN C 171 24.39 25.12 -7.36
CA GLN C 171 25.30 26.20 -7.81
C GLN C 171 26.50 25.57 -8.55
N GLN C 172 27.19 24.60 -7.94
CA GLN C 172 28.37 23.94 -8.57
C GLN C 172 27.92 23.27 -9.87
N ALA C 173 26.72 22.67 -9.90
CA ALA C 173 26.12 22.08 -11.11
C ALA C 173 26.01 23.14 -12.23
N GLU C 174 25.64 24.38 -11.89
CA GLU C 174 25.55 25.53 -12.82
C GLU C 174 26.96 25.85 -13.36
N HIS C 175 27.90 26.22 -12.49
CA HIS C 175 29.32 26.58 -12.80
C HIS C 175 29.95 25.50 -13.68
N SER C 176 29.94 24.24 -13.21
CA SER C 176 30.73 23.11 -13.77
C SER C 176 30.11 22.58 -15.08
N PHE C 177 28.79 22.44 -15.14
CA PHE C 177 28.08 21.70 -16.22
C PHE C 177 27.38 22.63 -17.24
N ALA C 178 27.19 23.92 -16.92
CA ALA C 178 26.58 24.91 -17.85
C ALA C 178 27.55 26.07 -18.15
N GLY C 179 28.57 26.30 -17.30
CA GLY C 179 29.61 27.33 -17.53
C GLY C 179 29.37 28.62 -16.74
N MET C 180 28.18 28.84 -16.17
CA MET C 180 27.73 30.14 -15.57
C MET C 180 28.16 30.28 -14.11
N PRO C 181 29.17 31.11 -13.79
CA PRO C 181 29.62 31.31 -12.40
C PRO C 181 28.73 32.20 -11.51
N CYS C 182 27.46 31.81 -11.30
CA CYS C 182 26.43 32.60 -10.57
C CYS C 182 26.73 32.65 -9.06
N GLY C 183 26.09 33.57 -8.33
CA GLY C 183 25.97 33.55 -6.85
C GLY C 183 24.94 32.51 -6.42
N ILE C 184 24.53 32.53 -5.13
CA ILE C 184 23.56 31.52 -4.55
C ILE C 184 22.11 31.97 -4.79
N MET C 185 21.88 33.28 -4.96
CA MET C 185 20.53 33.89 -5.00
C MET C 185 19.50 32.92 -5.62
N ASP C 186 19.72 32.53 -6.88
CA ASP C 186 18.71 31.88 -7.75
C ASP C 186 18.35 30.52 -7.13
N GLN C 187 19.38 29.79 -6.69
CA GLN C 187 19.20 28.44 -6.09
C GLN C 187 18.44 28.63 -4.77
N PHE C 188 18.85 29.63 -3.99
CA PHE C 188 18.33 29.85 -2.61
C PHE C 188 16.85 30.21 -2.63
N ILE C 189 16.41 31.15 -3.48
CA ILE C 189 14.98 31.52 -3.58
C ILE C 189 14.15 30.31 -4.06
N SER C 190 14.67 29.52 -5.01
CA SER C 190 13.94 28.37 -5.58
C SER C 190 13.68 27.33 -4.49
N LEU C 191 14.65 27.12 -3.58
CA LEU C 191 14.52 26.21 -2.41
C LEU C 191 13.59 26.85 -1.39
N MET C 192 13.77 28.13 -1.05
CA MET C 192 13.29 28.70 0.24
C MET C 192 12.13 29.69 0.05
N GLY C 193 11.67 29.94 -1.17
CA GLY C 193 10.51 30.82 -1.36
C GLY C 193 9.35 30.30 -0.55
N GLN C 194 8.49 31.19 -0.05
CA GLN C 194 7.19 30.81 0.53
C GLN C 194 6.14 31.75 -0.06
N LYS C 195 4.94 31.23 -0.32
CA LYS C 195 3.80 32.02 -0.84
C LYS C 195 3.61 33.29 0.01
N GLY C 196 3.38 34.42 -0.62
CA GLY C 196 3.04 35.68 0.09
C GLY C 196 4.22 36.24 0.87
N HIS C 197 5.45 35.84 0.51
CA HIS C 197 6.69 36.31 1.16
C HIS C 197 7.71 36.66 0.08
N ALA C 198 8.46 37.74 0.30
CA ALA C 198 9.74 38.01 -0.40
C ALA C 198 10.79 37.45 0.53
N LEU C 199 11.97 37.15 0.00
CA LEU C 199 13.07 36.54 0.80
C LEU C 199 14.22 37.57 0.88
N LEU C 200 14.63 37.98 2.08
CA LEU C 200 15.87 38.78 2.28
C LEU C 200 17.00 37.81 2.60
N ILE C 201 18.02 37.75 1.75
CA ILE C 201 19.19 36.85 1.90
C ILE C 201 20.39 37.75 2.08
N ASP C 202 21.04 37.61 3.23
CA ASP C 202 22.34 38.20 3.55
C ASP C 202 23.37 37.20 3.06
N CYS C 203 24.08 37.48 1.96
CA CYS C 203 25.00 36.53 1.29
C CYS C 203 26.37 36.57 2.01
N ARG C 204 26.50 37.32 3.10
CA ARG C 204 27.65 37.17 4.04
C ARG C 204 27.32 36.11 5.10
N SER C 205 26.27 36.34 5.89
CA SER C 205 25.90 35.49 7.07
C SER C 205 25.11 34.25 6.64
N LEU C 206 24.55 34.25 5.41
CA LEU C 206 23.62 33.22 4.90
C LEU C 206 22.35 33.18 5.77
N GLU C 207 22.06 34.28 6.43
CA GLU C 207 20.78 34.50 7.13
C GLU C 207 19.74 34.86 6.05
N THR C 208 18.54 34.31 6.17
CA THR C 208 17.41 34.61 5.27
C THR C 208 16.25 35.02 6.16
N SER C 209 15.51 36.04 5.75
CA SER C 209 14.24 36.40 6.39
C SER C 209 13.11 36.24 5.39
N LEU C 210 11.99 35.68 5.85
CA LEU C 210 10.72 35.67 5.09
C LEU C 210 9.92 36.91 5.49
N VAL C 211 9.80 37.84 4.53
CA VAL C 211 9.20 39.18 4.72
C VAL C 211 7.80 39.17 4.14
N PRO C 212 6.73 39.19 4.95
CA PRO C 212 5.37 39.19 4.40
C PRO C 212 5.12 40.33 3.39
N LEU C 213 4.56 39.99 2.22
CA LEU C 213 3.93 40.94 1.29
C LEU C 213 2.46 41.03 1.66
N SER C 214 2.06 42.10 2.37
CA SER C 214 0.79 42.26 3.12
C SER C 214 -0.11 43.34 2.50
N ASP C 215 -0.21 43.44 1.17
CA ASP C 215 -1.24 44.28 0.50
C ASP C 215 -1.76 43.60 -0.77
N PRO C 216 -3.04 43.15 -0.80
CA PRO C 216 -3.60 42.49 -1.99
C PRO C 216 -3.91 43.40 -3.19
N LYS C 217 -3.81 44.73 -3.01
CA LYS C 217 -4.03 45.75 -4.06
C LYS C 217 -2.74 45.91 -4.89
N LEU C 218 -1.72 45.08 -4.65
CA LEU C 218 -0.39 45.19 -5.29
C LEU C 218 -0.08 43.91 -6.03
N ALA C 219 0.62 44.03 -7.14
CA ALA C 219 1.10 42.90 -7.96
C ALA C 219 2.52 43.21 -8.44
N VAL C 220 3.22 42.19 -8.89
CA VAL C 220 4.51 42.33 -9.61
C VAL C 220 4.22 41.98 -11.06
N LEU C 221 4.54 42.89 -11.98
CA LEU C 221 4.45 42.65 -13.44
C LEU C 221 5.87 42.34 -13.91
N ILE C 222 6.09 41.16 -14.45
CA ILE C 222 7.39 40.79 -15.08
C ILE C 222 7.18 41.00 -16.56
N THR C 223 8.11 41.69 -17.21
CA THR C 223 8.06 42.03 -18.65
C THR C 223 9.35 41.52 -19.30
N ASN C 224 9.25 40.45 -20.07
CA ASN C 224 10.37 39.88 -20.85
C ASN C 224 10.54 40.75 -22.10
N SER C 225 11.75 41.24 -22.34
CA SER C 225 12.14 42.04 -23.53
C SER C 225 12.23 41.13 -24.76
N ASN C 226 12.37 39.82 -24.54
CA ASN C 226 12.49 38.77 -25.59
C ASN C 226 13.73 39.06 -26.44
N VAL C 227 14.74 39.71 -25.86
CA VAL C 227 16.10 39.81 -26.46
C VAL C 227 17.12 39.24 -25.48
N ARG C 228 18.22 38.70 -26.01
CA ARG C 228 19.46 38.37 -25.27
C ARG C 228 20.64 38.81 -26.15
N HIS C 229 21.24 39.97 -25.86
CA HIS C 229 22.51 40.44 -26.49
C HIS C 229 23.61 39.42 -26.19
N SER C 230 24.47 39.13 -27.17
CA SER C 230 25.60 38.16 -27.08
C SER C 230 26.57 38.58 -25.96
N LEU C 231 26.39 39.78 -25.41
CA LEU C 231 27.19 40.36 -24.28
C LEU C 231 26.73 39.79 -22.94
N ALA C 232 25.81 38.82 -22.94
CA ALA C 232 25.25 38.14 -21.74
C ALA C 232 26.33 37.27 -21.08
N SER C 233 26.84 36.27 -21.80
CA SER C 233 27.78 35.23 -21.31
C SER C 233 29.13 35.84 -20.89
N SER C 234 29.63 36.83 -21.64
CA SER C 234 31.02 37.35 -21.52
C SER C 234 31.19 38.28 -20.30
N GLU C 235 30.18 39.11 -19.98
CA GLU C 235 30.34 40.31 -19.10
C GLU C 235 30.11 40.00 -17.61
N TYR C 236 29.16 39.11 -17.25
CA TYR C 236 28.90 38.70 -15.85
C TYR C 236 30.24 38.47 -15.15
N PRO C 237 31.03 37.44 -15.55
CA PRO C 237 32.34 37.16 -14.94
C PRO C 237 33.34 38.33 -14.90
N VAL C 238 33.39 39.15 -15.96
CA VAL C 238 34.32 40.33 -16.06
C VAL C 238 34.12 41.25 -14.84
N ARG C 239 32.85 41.55 -14.53
CA ARG C 239 32.39 42.45 -13.41
C ARG C 239 32.89 41.97 -12.05
N ARG C 240 32.78 40.65 -11.80
CA ARG C 240 33.26 39.94 -10.58
C ARG C 240 34.70 40.35 -10.27
N ARG C 241 35.58 40.27 -11.29
CA ARG C 241 37.01 40.67 -11.22
C ARG C 241 37.11 42.11 -10.69
N GLN C 242 36.40 43.06 -11.31
CA GLN C 242 36.55 44.53 -11.04
C GLN C 242 36.18 44.81 -9.57
N CYS C 243 35.12 44.16 -9.07
CA CYS C 243 34.65 44.32 -7.67
C CYS C 243 35.77 43.90 -6.69
N GLU C 244 36.39 42.75 -6.92
CA GLU C 244 37.51 42.16 -6.10
C GLU C 244 38.68 43.15 -6.02
N GLU C 245 39.14 43.66 -7.16
CA GLU C 245 40.25 44.66 -7.30
C GLU C 245 40.04 45.80 -6.30
N VAL C 246 38.80 46.33 -6.21
CA VAL C 246 38.45 47.56 -5.45
C VAL C 246 38.33 47.25 -3.96
N ALA C 247 37.78 46.08 -3.62
CA ALA C 247 37.65 45.57 -2.24
C ALA C 247 39.05 45.45 -1.62
N ARG C 248 39.98 44.88 -2.39
CA ARG C 248 41.43 44.72 -2.05
C ARG C 248 42.02 46.12 -1.79
N ALA C 249 41.93 47.00 -2.79
CA ALA C 249 42.54 48.35 -2.84
C ALA C 249 42.15 49.18 -1.61
N LEU C 250 40.94 48.98 -1.05
CA LEU C 250 40.45 49.70 0.16
C LEU C 250 40.61 48.81 1.40
N GLY C 251 41.20 47.61 1.24
CA GLY C 251 41.72 46.79 2.34
C GLY C 251 40.64 45.98 3.03
N ALA C 252 39.75 45.38 2.24
CA ALA C 252 38.48 44.77 2.69
C ALA C 252 38.27 43.43 2.00
N ALA C 253 37.63 42.49 2.71
CA ALA C 253 37.38 41.14 2.18
C ALA C 253 36.41 41.24 0.99
N SER C 254 35.35 42.05 1.10
CA SER C 254 34.34 42.26 0.03
C SER C 254 33.77 43.68 0.09
N LEU C 255 33.05 44.09 -0.96
CA LEU C 255 32.43 45.44 -1.02
C LEU C 255 31.33 45.54 0.06
N ARG C 256 31.00 44.43 0.70
CA ARG C 256 30.06 44.42 1.85
C ARG C 256 30.71 45.16 3.02
N GLU C 257 32.04 45.13 3.10
CA GLU C 257 32.84 45.80 4.16
C GLU C 257 33.00 47.31 3.85
N VAL C 258 32.88 47.71 2.58
CA VAL C 258 33.14 49.10 2.12
C VAL C 258 31.91 49.98 2.36
N GLN C 259 32.08 51.08 3.08
CA GLN C 259 31.03 52.13 3.28
C GLN C 259 31.01 53.08 2.07
N LEU C 260 29.82 53.56 1.68
CA LEU C 260 29.63 54.35 0.43
C LEU C 260 30.42 55.65 0.50
N GLU C 261 30.39 56.34 1.64
CA GLU C 261 31.03 57.67 1.78
C GLU C 261 32.56 57.50 1.76
N GLU C 262 33.08 56.44 2.38
CA GLU C 262 34.54 56.10 2.36
C GLU C 262 35.00 55.78 0.94
N LEU C 263 34.18 55.07 0.16
CA LEU C 263 34.50 54.73 -1.26
C LEU C 263 34.61 56.01 -2.10
N GLU C 264 33.69 56.98 -1.93
CA GLU C 264 33.54 58.19 -2.78
C GLU C 264 34.78 59.10 -2.62
N ALA C 265 35.54 58.90 -1.55
CA ALA C 265 36.79 59.64 -1.24
C ALA C 265 38.03 58.88 -1.76
N ALA C 266 37.90 57.63 -2.22
CA ALA C 266 39.00 56.71 -2.61
C ALA C 266 39.12 56.63 -4.14
N ARG C 267 38.81 57.72 -4.84
CA ARG C 267 38.85 57.77 -6.33
C ARG C 267 40.28 57.69 -6.85
N ASP C 268 41.29 58.04 -6.05
CA ASP C 268 42.71 57.99 -6.49
C ASP C 268 43.32 56.60 -6.22
N LEU C 269 42.60 55.69 -5.57
CA LEU C 269 43.10 54.33 -5.30
C LEU C 269 42.69 53.34 -6.40
N VAL C 270 41.65 53.61 -7.18
CA VAL C 270 41.05 52.57 -8.07
C VAL C 270 40.84 53.17 -9.46
N SER C 271 40.61 52.32 -10.47
CA SER C 271 40.29 52.68 -11.88
C SER C 271 38.96 53.43 -11.90
N LYS C 272 38.71 54.21 -12.95
CA LYS C 272 37.44 54.96 -13.11
C LYS C 272 36.31 53.94 -13.23
N GLU C 273 36.55 52.85 -13.96
CA GLU C 273 35.55 51.79 -14.22
C GLU C 273 35.28 51.07 -12.89
N GLY C 274 36.34 50.66 -12.19
CA GLY C 274 36.25 49.95 -10.89
C GLY C 274 35.48 50.76 -9.85
N PHE C 275 35.71 52.08 -9.81
CA PHE C 275 35.00 52.98 -8.89
C PHE C 275 33.49 52.91 -9.18
N ARG C 276 33.09 53.05 -10.44
CA ARG C 276 31.67 53.07 -10.86
C ARG C 276 31.04 51.73 -10.51
N ARG C 277 31.75 50.61 -10.68
CA ARG C 277 31.18 49.27 -10.40
C ARG C 277 30.97 49.14 -8.89
N ALA C 278 32.02 49.48 -8.10
CA ALA C 278 31.93 49.41 -6.62
C ALA C 278 30.81 50.34 -6.17
N ARG C 279 30.62 51.48 -6.82
CA ARG C 279 29.58 52.46 -6.36
C ARG C 279 28.21 51.82 -6.55
N HIS C 280 27.95 51.21 -7.71
CA HIS C 280 26.70 50.44 -7.92
C HIS C 280 26.51 49.45 -6.77
N VAL C 281 27.50 48.61 -6.51
CA VAL C 281 27.37 47.43 -5.59
C VAL C 281 27.16 47.95 -4.16
N VAL C 282 28.02 48.86 -3.70
CA VAL C 282 27.93 49.43 -2.33
C VAL C 282 26.60 50.19 -2.18
N GLY C 283 26.25 51.03 -3.15
CA GLY C 283 24.93 51.69 -3.21
C GLY C 283 23.81 50.66 -3.21
N GLU C 284 23.95 49.58 -3.97
CA GLU C 284 22.85 48.59 -4.14
C GLU C 284 22.61 47.88 -2.80
N ILE C 285 23.68 47.62 -2.02
CA ILE C 285 23.56 46.95 -0.69
C ILE C 285 22.76 47.85 0.27
N ARG C 286 23.14 49.13 0.33
CA ARG C 286 22.42 50.14 1.15
C ARG C 286 20.95 50.11 0.75
N ARG C 287 20.66 50.31 -0.54
CA ARG C 287 19.27 50.43 -1.09
C ARG C 287 18.44 49.18 -0.78
N THR C 288 19.06 48.00 -0.81
CA THR C 288 18.36 46.73 -0.50
C THR C 288 17.97 46.67 0.99
N ALA C 289 18.85 47.07 1.90
CA ALA C 289 18.48 47.21 3.34
C ALA C 289 17.31 48.18 3.46
N GLN C 290 17.26 49.27 2.70
CA GLN C 290 16.16 50.27 2.84
C GLN C 290 14.90 49.74 2.17
N ALA C 291 15.07 48.97 1.09
CA ALA C 291 13.96 48.32 0.34
C ALA C 291 13.21 47.38 1.29
N ALA C 292 13.94 46.52 2.01
CA ALA C 292 13.39 45.55 2.99
C ALA C 292 12.59 46.32 4.05
N ALA C 293 13.18 47.39 4.63
CA ALA C 293 12.60 48.25 5.68
C ALA C 293 11.31 48.91 5.18
N ALA C 294 11.28 49.35 3.90
CA ALA C 294 10.06 49.90 3.25
C ALA C 294 8.99 48.80 3.15
N LEU C 295 9.40 47.59 2.81
CA LEU C 295 8.51 46.40 2.76
C LEU C 295 7.87 46.19 4.13
N ARG C 296 8.66 46.21 5.20
CA ARG C 296 8.22 45.93 6.59
C ARG C 296 7.13 46.89 7.08
N ARG C 297 7.00 48.11 6.52
CA ARG C 297 6.06 49.15 7.01
C ARG C 297 5.05 49.48 5.92
N GLY C 298 4.98 48.66 4.87
CA GLY C 298 3.95 48.76 3.83
C GLY C 298 4.20 49.95 2.92
N ASP C 299 5.42 50.49 2.92
CA ASP C 299 5.77 51.70 2.14
C ASP C 299 6.20 51.26 0.73
N TYR C 300 5.23 51.08 -0.16
CA TYR C 300 5.41 50.47 -1.50
C TYR C 300 5.86 51.55 -2.48
N ARG C 301 5.39 52.78 -2.29
CA ARG C 301 5.90 53.95 -3.07
C ARG C 301 7.43 54.04 -2.83
N ALA C 302 7.88 54.04 -1.59
CA ALA C 302 9.34 54.17 -1.28
C ALA C 302 10.07 52.99 -1.94
N PHE C 303 9.50 51.79 -1.86
CA PHE C 303 10.08 50.56 -2.46
C PHE C 303 10.30 50.81 -3.96
N GLY C 304 9.30 51.37 -4.62
CA GLY C 304 9.36 51.69 -6.06
C GLY C 304 10.48 52.64 -6.40
N ARG C 305 10.59 53.75 -5.66
CA ARG C 305 11.67 54.75 -5.87
C ARG C 305 13.02 54.02 -5.81
N LEU C 306 13.22 53.14 -4.82
CA LEU C 306 14.51 52.40 -4.63
C LEU C 306 14.76 51.48 -5.84
N MET C 307 13.72 50.84 -6.37
CA MET C 307 13.81 49.97 -7.58
C MET C 307 14.31 50.81 -8.75
N VAL C 308 13.78 52.03 -8.90
CA VAL C 308 14.18 52.97 -9.99
C VAL C 308 15.65 53.39 -9.80
N GLU C 309 16.07 53.76 -8.58
CA GLU C 309 17.50 54.12 -8.29
C GLU C 309 18.43 52.93 -8.63
N SER C 310 18.02 51.68 -8.30
CA SER C 310 18.71 50.41 -8.68
C SER C 310 18.91 50.34 -10.20
N HIS C 311 17.83 50.57 -10.96
CA HIS C 311 17.87 50.56 -12.44
C HIS C 311 18.91 51.60 -12.93
N ARG C 312 18.84 52.84 -12.45
CA ARG C 312 19.74 53.93 -12.93
C ARG C 312 21.17 53.48 -12.63
N SER C 313 21.39 52.87 -11.47
CA SER C 313 22.73 52.47 -11.02
C SER C 313 23.23 51.34 -11.91
N LEU C 314 22.37 50.37 -12.23
CA LEU C 314 22.71 49.24 -13.11
C LEU C 314 23.01 49.74 -14.52
N ARG C 315 22.25 50.73 -14.97
CA ARG C 315 22.40 51.31 -16.33
C ARG C 315 23.72 52.08 -16.41
N ASP C 316 23.97 53.03 -15.52
CA ASP C 316 25.09 54.02 -15.65
C ASP C 316 26.35 53.52 -14.92
N ASP C 317 26.23 52.99 -13.69
CA ASP C 317 27.43 52.59 -12.89
C ASP C 317 27.86 51.16 -13.24
N TYR C 318 26.96 50.17 -13.23
CA TYR C 318 27.35 48.77 -13.48
C TYR C 318 27.35 48.49 -14.99
N GLU C 319 26.56 49.22 -15.78
CA GLU C 319 26.50 49.11 -17.26
C GLU C 319 26.20 47.68 -17.67
N VAL C 320 25.07 47.17 -17.20
CA VAL C 320 24.59 45.80 -17.50
C VAL C 320 23.13 45.88 -18.01
N SER C 321 22.63 47.09 -18.26
CA SER C 321 21.30 47.24 -18.89
C SER C 321 21.45 47.13 -20.42
N CYS C 322 20.37 47.42 -21.14
CA CYS C 322 20.38 47.53 -22.62
C CYS C 322 19.26 48.47 -23.04
N PRO C 323 19.31 49.02 -24.27
CA PRO C 323 18.27 49.94 -24.73
C PRO C 323 16.87 49.37 -24.55
N GLU C 324 16.69 48.07 -24.80
CA GLU C 324 15.37 47.40 -24.68
C GLU C 324 14.86 47.52 -23.25
N LEU C 325 15.70 47.13 -22.29
CA LEU C 325 15.40 47.17 -20.84
C LEU C 325 15.08 48.60 -20.41
N ASP C 326 15.88 49.57 -20.85
CA ASP C 326 15.73 51.01 -20.49
C ASP C 326 14.38 51.49 -21.04
N GLN C 327 14.08 51.16 -22.28
CA GLN C 327 12.78 51.49 -22.93
C GLN C 327 11.66 50.88 -22.07
N LEU C 328 11.77 49.61 -21.71
CA LEU C 328 10.69 48.91 -20.95
C LEU C 328 10.45 49.62 -19.61
N VAL C 329 11.52 50.05 -18.94
CA VAL C 329 11.45 50.74 -17.61
C VAL C 329 10.80 52.13 -17.78
N GLU C 330 11.24 52.94 -18.76
CA GLU C 330 10.66 54.29 -19.03
C GLU C 330 9.14 54.15 -19.24
N ALA C 331 8.72 53.22 -20.10
CA ALA C 331 7.31 53.00 -20.44
C ALA C 331 6.53 52.72 -19.15
N ALA C 332 7.00 51.75 -18.37
CA ALA C 332 6.32 51.32 -17.13
C ALA C 332 6.20 52.52 -16.17
N LEU C 333 7.25 53.36 -16.09
CA LEU C 333 7.28 54.48 -15.11
C LEU C 333 6.25 55.55 -15.49
N ALA C 334 5.93 55.67 -16.78
CA ALA C 334 4.96 56.64 -17.33
C ALA C 334 3.52 56.21 -17.04
N VAL C 335 3.27 55.02 -16.47
CA VAL C 335 1.88 54.50 -16.27
C VAL C 335 1.39 54.80 -14.86
N PRO C 336 0.22 55.46 -14.67
CA PRO C 336 -0.29 55.71 -13.32
C PRO C 336 -0.59 54.39 -12.59
N GLY C 337 -0.25 54.33 -11.29
CA GLY C 337 -0.39 53.13 -10.46
C GLY C 337 0.88 52.26 -10.45
N VAL C 338 1.89 52.59 -11.27
CA VAL C 338 3.24 51.97 -11.23
C VAL C 338 4.07 52.67 -10.17
N TYR C 339 4.50 51.95 -9.13
CA TYR C 339 5.35 52.49 -8.03
C TYR C 339 6.82 52.51 -8.44
N GLY C 340 7.26 51.50 -9.20
CA GLY C 340 8.64 51.40 -9.66
C GLY C 340 8.87 50.29 -10.68
N SER C 341 10.03 50.31 -11.33
CA SER C 341 10.38 49.33 -12.38
C SER C 341 11.90 49.30 -12.55
N ARG C 342 12.43 48.15 -12.91
CA ARG C 342 13.89 47.98 -13.14
C ARG C 342 14.15 46.66 -13.87
N MET C 343 15.30 46.55 -14.51
CA MET C 343 15.83 45.24 -14.96
C MET C 343 16.03 44.35 -13.73
N THR C 344 15.81 43.04 -13.90
CA THR C 344 15.96 41.99 -12.88
C THR C 344 16.88 40.94 -13.49
N GLY C 345 17.63 40.23 -12.66
CA GLY C 345 18.57 39.20 -13.14
C GLY C 345 19.84 39.87 -13.63
N GLY C 346 20.60 39.16 -14.48
CA GLY C 346 21.99 39.49 -14.86
C GLY C 346 22.06 40.70 -15.77
N GLY C 347 21.07 40.89 -16.63
CA GLY C 347 20.98 42.05 -17.55
C GLY C 347 21.44 41.70 -18.95
N PHE C 348 21.60 42.71 -19.81
CA PHE C 348 21.91 42.55 -21.25
C PHE C 348 20.72 41.87 -21.92
N GLY C 349 19.55 42.08 -21.34
CA GLY C 349 18.28 41.52 -21.80
C GLY C 349 17.52 40.90 -20.66
N GLY C 350 16.72 39.90 -20.99
CA GLY C 350 15.76 39.28 -20.06
C GLY C 350 14.62 40.22 -19.78
N CYS C 351 14.25 40.31 -18.49
CA CYS C 351 13.00 40.93 -18.03
C CYS C 351 13.30 42.15 -17.19
N THR C 352 12.25 42.92 -16.98
CA THR C 352 12.12 44.00 -15.99
C THR C 352 11.12 43.50 -14.95
N VAL C 353 11.13 44.07 -13.76
CA VAL C 353 10.12 43.80 -12.70
C VAL C 353 9.44 45.12 -12.37
N THR C 354 8.12 45.12 -12.27
CA THR C 354 7.36 46.34 -12.00
C THR C 354 6.52 46.06 -10.76
N LEU C 355 6.59 46.93 -9.75
CA LEU C 355 5.63 46.95 -8.63
C LEU C 355 4.55 47.99 -8.93
N LEU C 356 3.27 47.57 -8.95
CA LEU C 356 2.10 48.42 -9.30
C LEU C 356 0.84 48.03 -8.53
N GLU C 357 -0.14 48.92 -8.53
CA GLU C 357 -1.55 48.57 -8.19
C GLU C 357 -2.03 47.54 -9.20
N ALA C 358 -2.56 46.42 -8.71
CA ALA C 358 -3.10 45.33 -9.55
C ALA C 358 -4.04 45.93 -10.61
N SER C 359 -4.94 46.84 -10.22
CA SER C 359 -5.96 47.45 -11.11
C SER C 359 -5.29 48.13 -12.31
N ALA C 360 -4.06 48.63 -12.15
CA ALA C 360 -3.33 49.33 -13.23
C ALA C 360 -2.66 48.34 -14.18
N ALA C 361 -2.67 47.03 -13.92
CA ALA C 361 -1.85 46.09 -14.73
C ALA C 361 -2.31 46.12 -16.19
N PRO C 362 -3.62 46.10 -16.47
CA PRO C 362 -4.13 46.16 -17.85
C PRO C 362 -3.66 47.39 -18.62
N HIS C 363 -3.81 48.60 -18.05
CA HIS C 363 -3.24 49.82 -18.65
C HIS C 363 -1.73 49.61 -18.87
N ALA C 364 -1.02 49.11 -17.86
CA ALA C 364 0.45 49.01 -17.88
C ALA C 364 0.89 48.14 -19.05
N MET C 365 0.23 47.01 -19.25
CA MET C 365 0.54 46.10 -20.39
C MET C 365 0.21 46.80 -21.72
N ARG C 366 -0.95 47.46 -21.83
CA ARG C 366 -1.32 48.12 -23.11
C ARG C 366 -0.20 49.12 -23.41
N HIS C 367 0.14 49.97 -22.45
CA HIS C 367 1.18 51.02 -22.61
C HIS C 367 2.57 50.43 -22.91
N ILE C 368 3.04 49.44 -22.13
CA ILE C 368 4.43 48.93 -22.30
C ILE C 368 4.56 48.36 -23.72
N GLN C 369 3.53 47.65 -24.23
CA GLN C 369 3.63 46.95 -25.54
C GLN C 369 3.66 48.00 -26.66
N GLU C 370 2.83 49.04 -26.57
CA GLU C 370 2.73 50.08 -27.64
C GLU C 370 4.09 50.78 -27.74
N HIS C 371 4.65 51.21 -26.59
CA HIS C 371 5.85 52.08 -26.49
C HIS C 371 7.14 51.28 -26.56
N TYR C 372 7.07 49.96 -26.79
CA TYR C 372 8.25 49.07 -26.86
C TYR C 372 8.43 48.57 -28.31
N GLY C 373 9.62 48.78 -28.87
CA GLY C 373 9.94 48.44 -30.26
C GLY C 373 9.81 46.95 -30.54
N GLY C 374 10.14 46.09 -29.59
CA GLY C 374 10.14 44.63 -29.76
C GLY C 374 8.79 44.05 -29.37
N THR C 375 8.75 42.73 -29.16
CA THR C 375 7.56 42.00 -28.64
C THR C 375 7.76 41.69 -27.15
N ALA C 376 7.06 42.43 -26.29
CA ALA C 376 6.97 42.18 -24.83
C ALA C 376 6.09 40.96 -24.53
N THR C 377 6.53 40.12 -23.59
CA THR C 377 5.68 39.11 -22.91
C THR C 377 5.53 39.54 -21.44
N PHE C 378 4.31 39.52 -20.91
CA PHE C 378 3.98 39.89 -19.52
C PHE C 378 3.69 38.63 -18.70
N TYR C 379 4.21 38.59 -17.45
CA TYR C 379 3.76 37.69 -16.36
C TYR C 379 3.34 38.57 -15.17
N LEU C 380 2.20 38.25 -14.61
CA LEU C 380 1.68 38.92 -13.40
C LEU C 380 1.75 37.90 -12.26
N SER C 381 2.59 38.12 -11.26
CA SER C 381 2.83 37.07 -10.22
C SER C 381 2.67 37.64 -8.82
N GLN C 382 2.18 36.81 -7.93
CA GLN C 382 2.32 36.97 -6.47
C GLN C 382 3.54 36.15 -6.06
N ALA C 383 4.03 36.37 -4.86
CA ALA C 383 5.09 35.58 -4.22
C ALA C 383 4.59 34.16 -4.09
N ALA C 384 5.33 33.19 -4.62
CA ALA C 384 4.98 31.77 -4.65
C ALA C 384 5.87 30.96 -3.70
N ASP C 385 5.47 29.72 -3.45
CA ASP C 385 6.23 28.70 -2.70
C ASP C 385 7.54 28.36 -3.41
N GLY C 386 8.45 27.82 -2.63
CA GLY C 386 9.69 27.16 -3.10
C GLY C 386 9.42 25.70 -3.39
N ALA C 387 10.48 24.89 -3.44
CA ALA C 387 10.44 23.45 -3.75
C ALA C 387 9.37 22.74 -2.92
N LYS C 388 8.59 21.89 -3.58
CA LYS C 388 7.46 21.16 -2.97
C LYS C 388 7.44 19.73 -3.51
N VAL C 389 6.77 18.87 -2.77
CA VAL C 389 6.57 17.42 -3.08
C VAL C 389 5.08 17.12 -3.01
N LEU C 390 4.55 16.44 -4.03
CA LEU C 390 3.22 15.77 -3.95
C LEU C 390 3.42 14.28 -4.23
N CYS C 391 2.95 13.41 -3.35
CA CYS C 391 3.00 11.93 -3.54
C CYS C 391 1.79 11.54 -4.37
N LEU C 392 2.02 10.88 -5.51
CA LEU C 392 0.95 10.51 -6.49
C LEU C 392 0.48 9.08 -6.22
N PRO D 7 0.33 -14.90 -25.93
CA PRO D 7 1.56 -14.29 -25.37
C PRO D 7 2.85 -14.96 -25.88
N GLN D 8 3.53 -14.34 -26.85
CA GLN D 8 4.69 -14.91 -27.60
C GLN D 8 5.87 -15.17 -26.65
N VAL D 9 6.78 -16.08 -27.03
CA VAL D 9 8.04 -16.41 -26.28
C VAL D 9 8.72 -15.12 -25.84
N ALA D 10 8.89 -14.15 -26.76
CA ALA D 10 9.67 -12.90 -26.56
C ALA D 10 9.18 -12.16 -25.30
N GLU D 11 7.86 -11.92 -25.21
CA GLU D 11 7.20 -11.24 -24.06
C GLU D 11 7.61 -11.94 -22.77
N LEU D 12 7.36 -13.25 -22.66
CA LEU D 12 7.63 -14.04 -21.44
C LEU D 12 9.09 -13.80 -21.00
N LEU D 13 10.02 -13.88 -21.95
CA LEU D 13 11.47 -13.82 -21.69
C LEU D 13 11.85 -12.43 -21.18
N ALA D 14 11.31 -11.37 -21.80
CA ALA D 14 11.45 -9.97 -21.35
C ALA D 14 10.93 -9.83 -19.92
N GLU D 15 9.63 -10.10 -19.74
CA GLU D 15 8.90 -9.94 -18.45
C GLU D 15 9.66 -10.70 -17.35
N ALA D 16 10.35 -11.79 -17.69
CA ALA D 16 11.12 -12.57 -16.71
C ALA D 16 12.40 -11.82 -16.37
N ARG D 17 13.09 -11.25 -17.37
CA ARG D 17 14.43 -10.59 -17.25
C ARG D 17 14.29 -9.24 -16.51
N ARG D 18 13.29 -8.42 -16.85
CA ARG D 18 12.87 -7.19 -16.11
C ARG D 18 12.71 -7.51 -14.61
N ALA D 19 11.91 -8.53 -14.28
CA ALA D 19 11.53 -8.90 -12.90
C ALA D 19 12.74 -9.45 -12.12
N PHE D 20 13.70 -10.06 -12.81
CA PHE D 20 14.91 -10.64 -12.17
C PHE D 20 15.83 -9.52 -11.68
N ARG D 21 16.11 -8.54 -12.57
CA ARG D 21 17.04 -7.39 -12.36
C ARG D 21 16.53 -6.51 -11.20
N GLU D 22 15.21 -6.44 -11.03
CA GLU D 22 14.51 -5.66 -9.97
C GLU D 22 14.62 -6.36 -8.60
N GLU D 23 14.51 -7.69 -8.54
CA GLU D 23 14.49 -8.45 -7.25
C GLU D 23 15.82 -9.18 -7.00
N PHE D 24 16.80 -9.07 -7.90
CA PHE D 24 18.20 -9.52 -7.66
C PHE D 24 19.16 -8.32 -7.77
N GLY D 25 18.75 -7.20 -8.37
CA GLY D 25 19.56 -5.97 -8.49
C GLY D 25 20.66 -6.09 -9.53
N ALA D 26 20.51 -7.03 -10.47
CA ALA D 26 21.49 -7.33 -11.55
C ALA D 26 20.80 -8.15 -12.65
N GLU D 27 21.29 -8.04 -13.91
CA GLU D 27 20.75 -8.77 -15.09
C GLU D 27 20.88 -10.28 -14.87
N PRO D 28 20.00 -11.08 -15.51
CA PRO D 28 20.11 -12.53 -15.42
C PRO D 28 21.23 -13.00 -16.36
N GLU D 29 22.00 -14.01 -15.94
CA GLU D 29 23.09 -14.67 -16.72
C GLU D 29 22.49 -15.65 -17.76
N LEU D 30 21.38 -16.35 -17.45
CA LEU D 30 20.76 -17.46 -18.24
C LEU D 30 19.26 -17.25 -18.46
N ALA D 31 18.71 -17.85 -19.51
CA ALA D 31 17.27 -18.11 -19.72
C ALA D 31 17.08 -19.57 -20.16
N VAL D 32 16.14 -20.30 -19.57
CA VAL D 32 15.70 -21.64 -20.06
C VAL D 32 14.19 -21.61 -20.25
N SER D 33 13.65 -22.62 -20.93
CA SER D 33 12.19 -22.79 -21.12
C SER D 33 11.86 -24.27 -21.29
N ALA D 34 10.61 -24.61 -21.00
CA ALA D 34 10.06 -25.96 -21.16
C ALA D 34 8.59 -25.75 -21.49
N PRO D 35 8.08 -26.38 -22.57
CA PRO D 35 6.74 -26.07 -23.05
C PRO D 35 5.74 -26.85 -22.20
N GLY D 36 4.49 -26.44 -22.25
CA GLY D 36 3.35 -27.33 -21.94
C GLY D 36 3.12 -28.30 -23.08
N ARG D 37 2.09 -29.12 -22.95
CA ARG D 37 1.82 -30.27 -23.86
C ARG D 37 0.32 -30.41 -24.03
N VAL D 38 -0.10 -30.95 -25.15
CA VAL D 38 -1.44 -31.54 -25.31
C VAL D 38 -1.26 -32.99 -25.72
N ASN D 39 -2.07 -33.89 -25.17
CA ASN D 39 -2.18 -35.27 -25.66
C ASN D 39 -3.17 -35.25 -26.81
N LEU D 40 -2.75 -35.62 -28.01
CA LEU D 40 -3.65 -35.66 -29.21
C LEU D 40 -4.56 -36.89 -29.15
N ILE D 41 -4.04 -38.02 -28.64
CA ILE D 41 -4.75 -39.33 -28.52
C ILE D 41 -3.86 -40.27 -27.68
N GLY D 42 -4.47 -41.17 -26.91
CA GLY D 42 -3.78 -42.31 -26.28
C GLY D 42 -3.46 -42.15 -24.80
N GLU D 43 -3.66 -40.98 -24.20
CA GLU D 43 -3.49 -40.85 -22.73
C GLU D 43 -4.70 -41.59 -22.11
N HIS D 44 -4.52 -42.16 -20.92
CA HIS D 44 -5.43 -43.16 -20.30
C HIS D 44 -4.98 -44.56 -20.69
N THR D 45 -3.88 -44.65 -21.41
CA THR D 45 -3.35 -45.89 -22.01
C THR D 45 -1.94 -46.14 -21.49
N ASP D 46 -1.29 -45.16 -20.86
CA ASP D 46 0.16 -45.22 -20.51
C ASP D 46 0.40 -46.07 -19.24
N TYR D 47 -0.58 -46.21 -18.35
CA TYR D 47 -0.53 -47.12 -17.18
C TYR D 47 -0.67 -48.58 -17.66
N ASN D 48 -1.13 -48.78 -18.90
CA ASN D 48 -1.46 -50.11 -19.48
C ASN D 48 -0.47 -50.44 -20.58
N GLN D 49 0.74 -49.88 -20.54
CA GLN D 49 1.83 -50.20 -21.49
C GLN D 49 1.37 -49.87 -22.92
N GLY D 50 0.59 -48.80 -23.06
CA GLY D 50 -0.05 -48.43 -24.32
C GLY D 50 0.78 -47.43 -25.08
N LEU D 51 0.12 -46.66 -25.96
CA LEU D 51 0.75 -45.70 -26.89
C LEU D 51 0.16 -44.31 -26.62
N VAL D 52 1.02 -43.30 -26.73
CA VAL D 52 0.62 -41.89 -26.46
C VAL D 52 1.20 -41.05 -27.57
N LEU D 53 0.49 -39.99 -27.96
CA LEU D 53 0.88 -39.15 -29.11
C LEU D 53 0.80 -37.67 -28.71
N PRO D 54 1.63 -37.22 -27.75
CA PRO D 54 1.64 -35.81 -27.37
C PRO D 54 2.29 -34.91 -28.42
N MET D 55 2.07 -33.61 -28.27
CA MET D 55 2.69 -32.51 -29.07
C MET D 55 2.97 -31.35 -28.13
N ALA D 56 4.21 -30.84 -28.04
CA ALA D 56 4.55 -29.71 -27.15
C ALA D 56 3.77 -28.49 -27.64
N LEU D 57 3.32 -27.62 -26.73
CA LEU D 57 2.51 -26.42 -27.08
C LEU D 57 3.39 -25.16 -27.11
N GLU D 58 2.93 -24.12 -27.80
CA GLU D 58 3.55 -22.77 -27.85
C GLU D 58 3.24 -22.00 -26.54
N LEU D 59 2.66 -22.67 -25.54
CA LEU D 59 2.59 -22.22 -24.13
C LEU D 59 3.77 -22.87 -23.39
N MET D 60 4.53 -22.09 -22.63
CA MET D 60 5.77 -22.59 -21.98
C MET D 60 5.96 -21.92 -20.61
N THR D 61 6.91 -22.45 -19.86
CA THR D 61 7.41 -21.90 -18.59
C THR D 61 8.88 -21.48 -18.82
N VAL D 62 9.14 -20.16 -18.80
CA VAL D 62 10.50 -19.55 -18.85
C VAL D 62 11.08 -19.48 -17.42
N LEU D 63 12.40 -19.58 -17.30
CA LEU D 63 13.14 -19.42 -16.02
C LEU D 63 14.48 -18.72 -16.30
N VAL D 64 14.65 -17.52 -15.78
CA VAL D 64 15.85 -16.65 -15.96
C VAL D 64 16.54 -16.53 -14.60
N GLY D 65 17.86 -16.52 -14.57
CA GLY D 65 18.57 -16.53 -13.29
C GLY D 65 20.07 -16.60 -13.44
N SER D 66 20.75 -16.76 -12.32
CA SER D 66 22.22 -16.63 -12.19
C SER D 66 22.65 -17.51 -11.03
N PRO D 67 23.88 -18.05 -11.03
CA PRO D 67 24.37 -18.81 -9.88
C PRO D 67 24.59 -17.86 -8.69
N ARG D 68 25.02 -18.42 -7.55
CA ARG D 68 25.26 -17.68 -6.27
C ARG D 68 26.56 -18.19 -5.62
N LYS D 69 27.33 -17.27 -5.03
CA LYS D 69 28.63 -17.56 -4.37
C LYS D 69 28.38 -18.11 -2.96
N ASP D 70 27.21 -17.83 -2.35
CA ASP D 70 26.93 -18.14 -0.92
C ASP D 70 26.54 -19.62 -0.73
N GLY D 71 25.37 -20.02 -1.23
CA GLY D 71 24.76 -21.35 -0.94
C GLY D 71 23.27 -21.26 -0.62
N LEU D 72 22.63 -20.13 -0.95
CA LEU D 72 21.16 -19.94 -0.87
C LEU D 72 20.54 -20.32 -2.22
N VAL D 73 19.23 -20.55 -2.20
CA VAL D 73 18.33 -20.67 -3.40
C VAL D 73 17.23 -19.61 -3.20
N SER D 74 17.21 -18.55 -4.01
CA SER D 74 16.22 -17.46 -3.94
C SER D 74 15.38 -17.46 -5.21
N LEU D 75 14.06 -17.61 -5.10
CA LEU D 75 13.11 -17.75 -6.24
C LEU D 75 12.05 -16.63 -6.19
N LEU D 76 11.51 -16.23 -7.35
CA LEU D 76 10.36 -15.29 -7.46
C LEU D 76 9.46 -15.70 -8.64
N THR D 77 8.14 -15.51 -8.50
CA THR D 77 7.11 -15.81 -9.52
C THR D 77 6.33 -14.53 -9.85
N THR D 78 6.37 -14.08 -11.11
CA THR D 78 5.64 -12.90 -11.65
C THR D 78 4.31 -13.38 -12.26
N ALA D 82 -0.67 -18.30 -8.98
CA ALA D 82 0.10 -19.13 -8.04
C ALA D 82 -0.20 -18.68 -6.60
N ASP D 83 0.10 -19.54 -5.61
CA ASP D 83 -0.22 -19.32 -4.18
C ASP D 83 0.86 -18.45 -3.51
N GLU D 84 0.44 -17.43 -2.76
CA GLU D 84 1.32 -16.44 -2.08
C GLU D 84 2.13 -17.15 -0.99
N PRO D 85 3.37 -16.69 -0.64
CA PRO D 85 3.97 -15.50 -1.24
C PRO D 85 4.58 -15.69 -2.65
N GLN D 86 4.78 -14.57 -3.36
CA GLN D 86 5.38 -14.49 -4.71
C GLN D 86 6.91 -14.64 -4.65
N ARG D 87 7.54 -14.49 -3.47
CA ARG D 87 9.00 -14.70 -3.25
C ARG D 87 9.20 -15.89 -2.29
N LEU D 88 10.44 -16.35 -2.11
CA LEU D 88 10.85 -17.44 -1.18
C LEU D 88 12.38 -17.63 -1.26
N GLN D 89 12.99 -18.15 -0.20
CA GLN D 89 14.45 -18.39 -0.07
C GLN D 89 14.68 -19.64 0.78
N PHE D 90 15.77 -20.39 0.56
CA PHE D 90 16.03 -21.69 1.22
C PHE D 90 17.47 -22.11 0.98
N PRO D 91 18.21 -22.60 2.00
CA PRO D 91 19.52 -23.22 1.74
C PRO D 91 19.37 -24.57 1.03
N LEU D 92 20.39 -24.99 0.29
CA LEU D 92 20.41 -26.29 -0.46
C LEU D 92 20.37 -27.44 0.55
N PRO D 93 19.85 -28.63 0.15
CA PRO D 93 19.87 -29.82 1.02
C PRO D 93 21.29 -30.36 1.29
N THR D 94 21.40 -31.29 2.25
CA THR D 94 22.65 -32.02 2.62
C THR D 94 22.42 -33.53 2.47
N SER D 98 18.19 -32.35 4.34
CA SER D 98 17.46 -32.48 3.04
C SER D 98 16.35 -31.44 2.96
N LEU D 99 15.86 -31.15 1.74
CA LEU D 99 14.73 -30.22 1.49
C LEU D 99 13.44 -30.90 1.96
N GLU D 100 12.50 -30.13 2.51
CA GLU D 100 11.16 -30.60 2.93
C GLU D 100 10.12 -29.73 2.21
N PRO D 101 9.10 -30.33 1.56
CA PRO D 101 8.18 -29.59 0.69
C PRO D 101 7.62 -28.34 1.37
N GLY D 102 6.54 -28.47 2.16
CA GLY D 102 5.89 -27.32 2.81
C GLY D 102 5.12 -26.44 1.84
N THR D 103 5.37 -25.12 1.84
CA THR D 103 4.62 -24.07 1.09
C THR D 103 5.58 -22.95 0.68
N PRO D 104 5.36 -22.23 -0.45
CA PRO D 104 4.21 -22.42 -1.33
C PRO D 104 4.27 -23.68 -2.22
N ARG D 105 3.12 -24.09 -2.79
CA ARG D 105 2.95 -25.36 -3.53
C ARG D 105 3.93 -25.41 -4.72
N TRP D 106 3.92 -24.38 -5.58
CA TRP D 106 4.77 -24.32 -6.79
C TRP D 106 6.21 -24.64 -6.41
N ALA D 107 6.76 -23.90 -5.44
CA ALA D 107 8.17 -24.00 -5.00
C ALA D 107 8.52 -25.46 -4.72
N ASN D 108 7.51 -26.27 -4.34
CA ASN D 108 7.71 -27.70 -3.96
C ASN D 108 8.23 -28.47 -5.17
N TYR D 109 7.80 -28.09 -6.39
CA TYR D 109 8.27 -28.68 -7.68
C TYR D 109 9.76 -28.41 -7.85
N VAL D 110 10.14 -27.12 -7.80
CA VAL D 110 11.55 -26.63 -7.89
C VAL D 110 12.42 -27.35 -6.85
N LYS D 111 11.94 -27.37 -5.59
CA LYS D 111 12.64 -27.93 -4.42
C LYS D 111 12.79 -29.45 -4.62
N GLY D 112 11.71 -30.09 -5.09
CA GLY D 112 11.72 -31.50 -5.53
C GLY D 112 12.91 -31.78 -6.47
N VAL D 113 13.10 -30.93 -7.48
CA VAL D 113 14.12 -31.12 -8.58
C VAL D 113 15.53 -30.95 -8.00
N ILE D 114 15.74 -29.92 -7.17
CA ILE D 114 17.02 -29.71 -6.43
C ILE D 114 17.32 -30.97 -5.61
N GLN D 115 16.34 -31.42 -4.82
CA GLN D 115 16.49 -32.53 -3.83
C GLN D 115 16.94 -33.80 -4.56
N TYR D 116 16.38 -34.07 -5.74
CA TYR D 116 16.63 -35.37 -6.46
C TYR D 116 17.59 -35.16 -7.62
N TYR D 117 18.16 -33.95 -7.80
CA TYR D 117 19.14 -33.64 -8.88
C TYR D 117 20.39 -34.49 -8.70
N PRO D 118 20.83 -35.23 -9.73
CA PRO D 118 21.82 -36.29 -9.54
C PRO D 118 23.32 -35.90 -9.61
N ALA D 119 23.67 -34.63 -9.83
CA ALA D 119 25.06 -34.24 -10.15
C ALA D 119 25.59 -33.21 -9.14
N ALA D 120 26.90 -33.31 -8.83
CA ALA D 120 27.60 -32.48 -7.82
C ALA D 120 28.87 -31.88 -8.43
N PRO D 121 29.31 -30.68 -7.99
CA PRO D 121 28.62 -29.90 -6.94
C PRO D 121 27.62 -28.89 -7.53
N LEU D 122 26.39 -28.89 -7.02
CA LEU D 122 25.34 -27.92 -7.42
C LEU D 122 25.50 -26.67 -6.57
N PRO D 123 25.80 -25.50 -7.16
CA PRO D 123 25.78 -24.25 -6.42
C PRO D 123 24.34 -23.86 -6.07
N GLY D 124 24.20 -22.93 -5.13
CA GLY D 124 22.99 -22.10 -4.99
C GLY D 124 22.84 -21.22 -6.21
N PHE D 125 21.69 -20.56 -6.36
CA PHE D 125 21.34 -19.72 -7.53
C PHE D 125 20.18 -18.82 -7.16
N SER D 126 20.02 -17.71 -7.85
CA SER D 126 18.81 -16.84 -7.82
C SER D 126 18.08 -17.07 -9.14
N ALA D 127 16.75 -17.02 -9.13
CA ALA D 127 15.90 -17.45 -10.26
C ALA D 127 14.56 -16.71 -10.22
N VAL D 128 14.03 -16.32 -11.38
CA VAL D 128 12.60 -15.91 -11.60
C VAL D 128 11.91 -16.97 -12.46
N VAL D 129 10.58 -17.13 -12.31
CA VAL D 129 9.71 -18.14 -13.00
C VAL D 129 8.47 -17.44 -13.56
N VAL D 130 8.34 -17.29 -14.89
CA VAL D 130 7.10 -16.85 -15.61
C VAL D 130 6.52 -18.04 -16.41
N SER D 131 5.27 -17.95 -16.88
CA SER D 131 4.57 -19.04 -17.61
C SER D 131 3.29 -18.55 -18.31
N SER D 132 2.93 -19.26 -19.37
CA SER D 132 1.75 -19.03 -20.25
C SER D 132 0.87 -20.28 -20.20
N VAL D 133 1.36 -21.30 -19.50
CA VAL D 133 0.63 -22.59 -19.33
C VAL D 133 -0.43 -22.33 -18.27
N PRO D 134 -1.74 -22.41 -18.59
CA PRO D 134 -2.78 -22.26 -17.58
C PRO D 134 -2.70 -23.37 -16.52
N LEU D 135 -2.68 -22.99 -15.23
CA LEU D 135 -2.77 -23.95 -14.10
C LEU D 135 -4.15 -24.61 -14.17
N GLY D 136 -4.21 -25.93 -13.97
CA GLY D 136 -5.45 -26.71 -13.80
C GLY D 136 -6.15 -27.07 -15.11
N GLY D 137 -5.53 -26.79 -16.26
CA GLY D 137 -6.14 -27.08 -17.57
C GLY D 137 -5.61 -28.34 -18.21
N GLY D 138 -4.73 -29.09 -17.53
CA GLY D 138 -4.21 -30.38 -18.00
C GLY D 138 -3.32 -30.23 -19.24
N LEU D 139 -2.62 -29.10 -19.34
CA LEU D 139 -1.63 -28.80 -20.40
C LEU D 139 -0.20 -28.94 -19.84
N SER D 140 -0.05 -29.65 -18.72
CA SER D 140 1.24 -30.07 -18.12
C SER D 140 2.00 -28.86 -17.58
N SER D 141 1.31 -27.97 -16.85
CA SER D 141 1.89 -26.77 -16.17
C SER D 141 3.04 -27.19 -15.25
N SER D 142 2.88 -28.27 -14.49
CA SER D 142 3.82 -28.71 -13.43
C SER D 142 5.04 -29.45 -14.03
N ALA D 143 4.85 -30.11 -15.18
CA ALA D 143 5.94 -30.78 -15.93
C ALA D 143 6.82 -29.71 -16.59
N SER D 144 6.20 -28.77 -17.29
CA SER D 144 6.77 -27.47 -17.74
C SER D 144 7.75 -26.93 -16.70
N LEU D 145 7.24 -26.60 -15.49
CA LEU D 145 8.05 -26.06 -14.37
C LEU D 145 9.19 -27.02 -14.05
N GLU D 146 8.88 -28.28 -13.75
CA GLU D 146 9.92 -29.27 -13.32
C GLU D 146 11.03 -29.32 -14.38
N VAL D 147 10.69 -29.31 -15.67
CA VAL D 147 11.66 -29.52 -16.78
C VAL D 147 12.44 -28.22 -16.98
N ALA D 148 11.77 -27.05 -17.02
CA ALA D 148 12.43 -25.73 -17.07
C ALA D 148 13.43 -25.60 -15.91
N THR D 149 13.04 -26.01 -14.70
CA THR D 149 13.88 -26.02 -13.48
C THR D 149 15.08 -26.94 -13.70
N TYR D 150 14.85 -28.19 -14.08
CA TYR D 150 15.93 -29.20 -14.30
C TYR D 150 16.94 -28.70 -15.34
N THR D 151 16.50 -27.92 -16.34
CA THR D 151 17.35 -27.46 -17.45
C THR D 151 18.26 -26.32 -16.98
N PHE D 152 17.73 -25.45 -16.11
CA PHE D 152 18.47 -24.40 -15.37
C PHE D 152 19.57 -25.04 -14.53
N LEU D 153 19.24 -26.08 -13.78
CA LEU D 153 20.23 -26.78 -12.92
C LEU D 153 21.35 -27.36 -13.81
N GLN D 154 21.02 -27.96 -14.96
CA GLN D 154 22.03 -28.54 -15.89
C GLN D 154 23.07 -27.47 -16.29
N GLN D 155 22.69 -26.20 -16.41
CA GLN D 155 23.62 -25.09 -16.72
C GLN D 155 24.55 -24.83 -15.52
N LEU D 156 24.00 -24.86 -14.29
CA LEU D 156 24.74 -24.62 -13.03
C LEU D 156 25.70 -25.76 -12.73
N CYS D 157 25.27 -27.01 -12.93
CA CYS D 157 26.10 -28.21 -12.62
C CYS D 157 25.73 -29.37 -13.57
N PRO D 158 26.40 -29.46 -14.76
CA PRO D 158 26.06 -30.45 -15.78
C PRO D 158 26.06 -31.90 -15.30
N ASP D 159 24.96 -32.63 -15.59
CA ASP D 159 24.83 -34.10 -15.35
C ASP D 159 25.47 -34.86 -16.53
N SER D 160 25.50 -36.19 -16.44
CA SER D 160 26.00 -37.07 -17.52
C SER D 160 24.91 -38.08 -17.92
N GLY D 161 23.64 -37.76 -17.64
CA GLY D 161 22.51 -38.72 -17.61
C GLY D 161 21.78 -38.86 -18.94
N THR D 162 20.86 -39.83 -19.00
CA THR D 162 19.91 -40.11 -20.12
C THR D 162 18.68 -39.20 -20.02
N ILE D 163 17.85 -39.11 -21.07
CA ILE D 163 16.52 -38.42 -21.06
C ILE D 163 15.60 -39.11 -20.01
N ALA D 164 15.63 -40.44 -19.95
CA ALA D 164 14.80 -41.28 -19.04
C ALA D 164 15.11 -40.94 -17.59
N ALA D 165 16.38 -41.05 -17.17
CA ALA D 165 16.89 -40.70 -15.81
C ALA D 165 16.43 -39.29 -15.40
N ARG D 166 16.54 -38.31 -16.31
CA ARG D 166 16.10 -36.90 -16.08
C ARG D 166 14.58 -36.86 -15.86
N ALA D 167 13.83 -37.66 -16.61
CA ALA D 167 12.36 -37.76 -16.50
C ALA D 167 11.99 -38.42 -15.15
N GLN D 168 12.82 -39.37 -14.69
CA GLN D 168 12.66 -40.10 -13.39
C GLN D 168 12.85 -39.11 -12.24
N VAL D 169 13.79 -38.18 -12.37
CA VAL D 169 14.06 -37.13 -11.33
C VAL D 169 12.81 -36.25 -11.21
N CYS D 170 12.26 -35.81 -12.34
CA CYS D 170 11.08 -34.92 -12.43
C CYS D 170 9.83 -35.67 -11.95
N GLN D 171 9.67 -36.95 -12.33
CA GLN D 171 8.55 -37.82 -11.89
C GLN D 171 8.66 -38.03 -10.37
N GLN D 172 9.87 -38.33 -9.86
CA GLN D 172 10.17 -38.46 -8.41
C GLN D 172 9.79 -37.16 -7.69
N ALA D 173 10.34 -36.02 -8.14
CA ALA D 173 10.10 -34.68 -7.56
C ALA D 173 8.59 -34.46 -7.37
N GLU D 174 7.83 -34.60 -8.45
CA GLU D 174 6.36 -34.37 -8.49
C GLU D 174 5.70 -35.21 -7.38
N HIS D 175 5.81 -36.56 -7.47
CA HIS D 175 5.23 -37.53 -6.51
C HIS D 175 5.54 -37.09 -5.07
N SER D 176 6.82 -37.10 -4.69
CA SER D 176 7.33 -36.89 -3.31
C SER D 176 7.04 -35.48 -2.76
N PHE D 177 6.68 -34.50 -3.61
CA PHE D 177 6.52 -33.07 -3.21
C PHE D 177 5.16 -32.48 -3.63
N ALA D 178 4.24 -33.27 -4.18
CA ALA D 178 2.86 -32.83 -4.55
C ALA D 178 1.89 -34.01 -4.43
N MET D 185 5.28 -39.85 -19.14
CA MET D 185 5.20 -39.27 -20.52
C MET D 185 5.27 -37.73 -20.46
N ASP D 186 4.87 -37.11 -19.35
CA ASP D 186 4.60 -35.65 -19.28
C ASP D 186 5.93 -34.89 -19.26
N GLN D 187 6.95 -35.49 -18.64
CA GLN D 187 8.35 -34.97 -18.58
C GLN D 187 9.06 -35.24 -19.91
N PHE D 188 8.81 -36.40 -20.54
CA PHE D 188 9.43 -36.81 -21.83
C PHE D 188 9.11 -35.73 -22.88
N ILE D 189 7.85 -35.32 -22.99
CA ILE D 189 7.38 -34.40 -24.07
C ILE D 189 8.00 -33.00 -23.88
N SER D 190 7.98 -32.46 -22.64
CA SER D 190 8.59 -31.15 -22.31
C SER D 190 10.09 -31.23 -22.60
N LEU D 191 10.74 -32.36 -22.31
CA LEU D 191 12.18 -32.59 -22.56
C LEU D 191 12.46 -32.72 -24.07
N MET D 192 11.71 -33.56 -24.80
CA MET D 192 12.12 -34.16 -26.10
C MET D 192 11.30 -33.58 -27.26
N GLY D 193 10.31 -32.74 -26.99
CA GLY D 193 9.49 -32.14 -28.06
C GLY D 193 10.35 -31.41 -29.08
N GLN D 194 9.87 -31.26 -30.32
CA GLN D 194 10.57 -30.50 -31.39
C GLN D 194 9.52 -29.80 -32.24
N LYS D 195 9.77 -28.53 -32.56
CA LYS D 195 8.89 -27.71 -33.43
C LYS D 195 8.49 -28.56 -34.65
N GLY D 196 7.21 -28.49 -35.03
CA GLY D 196 6.60 -29.15 -36.20
C GLY D 196 6.63 -30.67 -36.10
N HIS D 197 6.54 -31.23 -34.89
CA HIS D 197 6.63 -32.68 -34.63
C HIS D 197 5.68 -33.08 -33.51
N ALA D 198 5.08 -34.25 -33.67
CA ALA D 198 4.45 -34.97 -32.56
C ALA D 198 5.44 -36.03 -32.07
N LEU D 199 5.31 -36.43 -30.81
CA LEU D 199 6.15 -37.48 -30.19
C LEU D 199 5.25 -38.70 -29.98
N LEU D 200 5.53 -39.82 -30.66
CA LEU D 200 4.87 -41.11 -30.39
C LEU D 200 5.68 -41.81 -29.32
N ILE D 201 5.03 -42.19 -28.23
CA ILE D 201 5.72 -42.88 -27.12
C ILE D 201 5.07 -44.25 -26.94
N ASP D 202 5.86 -45.30 -27.14
CA ASP D 202 5.48 -46.70 -26.80
C ASP D 202 5.78 -46.94 -25.32
N CYS D 203 4.75 -47.03 -24.49
CA CYS D 203 4.88 -47.13 -23.02
C CYS D 203 5.21 -48.57 -22.59
N ARG D 204 5.39 -49.51 -23.53
CA ARG D 204 5.87 -50.88 -23.21
C ARG D 204 7.40 -50.90 -23.37
N SER D 205 7.88 -50.67 -24.61
CA SER D 205 9.32 -50.69 -24.98
C SER D 205 10.00 -49.36 -24.62
N LEU D 206 9.23 -48.34 -24.25
CA LEU D 206 9.73 -46.95 -23.99
C LEU D 206 10.43 -46.41 -25.24
N GLU D 207 10.23 -47.02 -26.42
CA GLU D 207 10.68 -46.43 -27.71
C GLU D 207 9.83 -45.20 -28.03
N THR D 208 10.47 -44.15 -28.55
CA THR D 208 9.85 -42.87 -28.96
C THR D 208 10.17 -42.63 -30.43
N SER D 209 9.32 -41.86 -31.11
CA SER D 209 9.57 -41.37 -32.49
C SER D 209 9.12 -39.93 -32.60
N LEU D 210 9.90 -39.13 -33.31
CA LEU D 210 9.50 -37.78 -33.71
C LEU D 210 8.86 -37.88 -35.08
N VAL D 211 7.60 -37.46 -35.19
CA VAL D 211 6.82 -37.56 -36.45
C VAL D 211 6.58 -36.16 -37.00
N PRO D 212 7.12 -35.85 -38.19
CA PRO D 212 6.90 -34.55 -38.80
C PRO D 212 5.40 -34.25 -39.06
N LEU D 213 4.98 -33.02 -38.76
CA LEU D 213 3.67 -32.46 -39.14
C LEU D 213 3.86 -31.55 -40.37
N SER D 214 3.17 -31.88 -41.47
CA SER D 214 3.53 -31.55 -42.87
C SER D 214 2.33 -30.93 -43.65
N ASP D 215 1.64 -29.96 -43.04
CA ASP D 215 0.56 -29.19 -43.71
C ASP D 215 0.42 -27.83 -43.02
N PRO D 216 0.95 -26.75 -43.61
CA PRO D 216 0.96 -25.44 -42.97
C PRO D 216 -0.41 -24.75 -42.88
N LYS D 217 -1.40 -25.23 -43.64
CA LYS D 217 -2.84 -24.88 -43.53
C LYS D 217 -3.39 -25.16 -42.11
N LEU D 218 -2.81 -26.11 -41.35
CA LEU D 218 -3.43 -26.72 -40.14
C LEU D 218 -2.91 -26.12 -38.85
N ALA D 219 -3.72 -26.23 -37.80
CA ALA D 219 -3.32 -25.93 -36.41
C ALA D 219 -4.17 -26.76 -35.44
N VAL D 220 -3.87 -26.58 -34.15
CA VAL D 220 -4.54 -27.24 -33.00
C VAL D 220 -5.14 -26.14 -32.13
N LEU D 221 -6.47 -26.18 -32.00
CA LEU D 221 -7.24 -25.29 -31.11
C LEU D 221 -7.44 -26.02 -29.77
N ILE D 222 -6.93 -25.46 -28.67
CA ILE D 222 -7.20 -25.96 -27.30
C ILE D 222 -8.29 -25.10 -26.67
N THR D 223 -9.42 -25.72 -26.32
CA THR D 223 -10.58 -25.07 -25.68
C THR D 223 -10.67 -25.54 -24.23
N ASN D 224 -10.42 -24.67 -23.27
CA ASN D 224 -10.65 -24.94 -21.82
C ASN D 224 -12.13 -24.72 -21.48
N SER D 225 -12.81 -25.81 -21.07
CA SER D 225 -14.20 -25.83 -20.59
C SER D 225 -14.30 -24.95 -19.33
N ASN D 226 -13.19 -24.79 -18.62
CA ASN D 226 -13.07 -23.99 -17.36
C ASN D 226 -13.96 -24.59 -16.27
N VAL D 227 -14.28 -25.89 -16.35
CA VAL D 227 -14.93 -26.60 -15.23
C VAL D 227 -14.06 -27.79 -14.84
N ARG D 228 -14.20 -28.24 -13.60
CA ARG D 228 -13.62 -29.52 -13.11
C ARG D 228 -14.59 -30.10 -12.08
N HIS D 229 -15.22 -31.24 -12.39
CA HIS D 229 -16.40 -31.77 -11.64
C HIS D 229 -16.00 -32.90 -10.68
N SER D 230 -14.80 -33.44 -10.81
CA SER D 230 -14.40 -34.63 -10.01
C SER D 230 -12.91 -34.60 -9.73
N LEU D 231 -12.53 -35.16 -8.60
CA LEU D 231 -11.12 -35.41 -8.19
C LEU D 231 -10.52 -36.53 -9.06
N ALA D 232 -9.25 -36.41 -9.44
CA ALA D 232 -8.49 -37.52 -10.08
C ALA D 232 -8.43 -38.72 -9.14
N SER D 233 -8.28 -38.51 -7.82
CA SER D 233 -8.16 -39.59 -6.80
C SER D 233 -9.46 -40.41 -6.73
N SER D 234 -10.59 -39.79 -7.09
CA SER D 234 -11.95 -40.36 -7.01
C SER D 234 -12.25 -41.21 -8.26
N GLU D 235 -11.38 -41.20 -9.28
CA GLU D 235 -11.78 -41.59 -10.65
C GLU D 235 -10.79 -42.59 -11.27
N TYR D 236 -9.49 -42.36 -11.12
CA TYR D 236 -8.43 -43.14 -11.82
C TYR D 236 -8.05 -44.42 -11.10
N PRO D 237 -7.82 -44.48 -9.76
CA PRO D 237 -7.50 -45.76 -9.13
C PRO D 237 -8.48 -46.89 -9.44
N VAL D 238 -9.79 -46.65 -9.33
CA VAL D 238 -10.84 -47.69 -9.60
C VAL D 238 -10.64 -48.22 -11.03
N ARG D 239 -10.51 -47.33 -12.01
CA ARG D 239 -10.35 -47.72 -13.44
C ARG D 239 -9.03 -48.48 -13.65
N ARG D 240 -7.94 -48.03 -13.04
CA ARG D 240 -6.64 -48.76 -13.13
C ARG D 240 -6.86 -50.17 -12.54
N ARG D 241 -7.71 -50.30 -11.51
CA ARG D 241 -8.03 -51.61 -10.86
C ARG D 241 -8.95 -52.43 -11.80
N GLN D 242 -10.03 -51.84 -12.31
CA GLN D 242 -10.98 -52.55 -13.21
C GLN D 242 -10.24 -53.10 -14.44
N CYS D 243 -9.33 -52.32 -15.03
CA CYS D 243 -8.49 -52.72 -16.20
C CYS D 243 -7.54 -53.85 -15.84
N GLU D 244 -7.02 -53.87 -14.60
CA GLU D 244 -6.02 -54.88 -14.13
C GLU D 244 -6.75 -56.22 -13.92
N GLU D 245 -7.94 -56.20 -13.34
CA GLU D 245 -8.83 -57.37 -13.12
C GLU D 245 -9.22 -57.98 -14.47
N VAL D 246 -9.47 -57.12 -15.48
CA VAL D 246 -9.88 -57.54 -16.86
C VAL D 246 -8.71 -58.24 -17.54
N ALA D 247 -7.51 -57.68 -17.49
CA ALA D 247 -6.31 -58.36 -18.01
C ALA D 247 -6.20 -59.76 -17.39
N ARG D 248 -6.28 -59.83 -16.05
CA ARG D 248 -6.14 -61.07 -15.24
C ARG D 248 -7.12 -62.13 -15.76
N ALA D 249 -8.42 -61.82 -15.78
CA ALA D 249 -9.50 -62.70 -16.27
C ALA D 249 -9.23 -63.25 -17.69
N LEU D 250 -8.30 -62.65 -18.47
CA LEU D 250 -7.93 -63.04 -19.87
C LEU D 250 -6.48 -63.51 -19.96
N GLY D 251 -5.77 -63.63 -18.83
CA GLY D 251 -4.41 -64.19 -18.79
C GLY D 251 -3.36 -63.23 -19.33
N ALA D 252 -3.69 -61.94 -19.45
CA ALA D 252 -2.74 -60.93 -19.97
C ALA D 252 -2.07 -60.20 -18.80
N ALA D 253 -0.76 -59.97 -18.92
CA ALA D 253 0.07 -59.07 -18.08
C ALA D 253 -0.61 -57.70 -17.93
N SER D 254 -1.00 -57.09 -19.06
CA SER D 254 -1.57 -55.74 -19.21
C SER D 254 -2.46 -55.67 -20.46
N LEU D 255 -3.30 -54.66 -20.54
CA LEU D 255 -4.23 -54.45 -21.68
C LEU D 255 -3.48 -54.24 -23.01
N ARG D 256 -2.18 -53.96 -23.03
CA ARG D 256 -1.39 -53.86 -24.30
C ARG D 256 -1.25 -55.24 -24.97
N GLU D 257 -1.56 -56.33 -24.26
CA GLU D 257 -1.39 -57.72 -24.76
C GLU D 257 -2.76 -58.26 -25.15
N VAL D 258 -3.83 -57.57 -24.78
CA VAL D 258 -5.23 -57.98 -25.10
C VAL D 258 -5.64 -57.39 -26.45
N GLN D 259 -6.16 -58.22 -27.39
CA GLN D 259 -6.62 -57.76 -28.72
C GLN D 259 -8.11 -57.43 -28.60
N LEU D 260 -8.59 -56.44 -29.34
CA LEU D 260 -9.97 -55.94 -29.17
C LEU D 260 -10.97 -57.10 -29.40
N GLU D 261 -10.74 -57.97 -30.38
CA GLU D 261 -11.77 -58.99 -30.77
C GLU D 261 -11.87 -60.03 -29.65
N GLU D 262 -10.75 -60.45 -29.06
CA GLU D 262 -10.74 -61.46 -27.97
C GLU D 262 -11.41 -60.82 -26.74
N LEU D 263 -11.15 -59.55 -26.47
CA LEU D 263 -11.83 -58.81 -25.36
C LEU D 263 -13.35 -58.85 -25.58
N GLU D 264 -13.83 -58.54 -26.78
CA GLU D 264 -15.30 -58.43 -27.06
C GLU D 264 -15.97 -59.81 -27.05
N ALA D 265 -15.18 -60.89 -27.07
CA ALA D 265 -15.63 -62.31 -27.04
C ALA D 265 -15.44 -62.90 -25.63
N ALA D 266 -14.95 -62.11 -24.68
CA ALA D 266 -14.64 -62.52 -23.29
C ALA D 266 -15.50 -61.72 -22.31
N ARG D 267 -16.71 -61.39 -22.75
CA ARG D 267 -17.66 -60.47 -22.09
C ARG D 267 -18.31 -61.14 -20.87
N ASP D 268 -17.94 -62.39 -20.56
CA ASP D 268 -18.54 -63.15 -19.43
C ASP D 268 -17.47 -63.39 -18.37
N LEU D 269 -16.20 -63.08 -18.66
CA LEU D 269 -15.07 -63.36 -17.73
C LEU D 269 -14.84 -62.22 -16.72
N VAL D 270 -15.62 -61.12 -16.78
CA VAL D 270 -15.31 -59.77 -16.22
C VAL D 270 -16.61 -58.97 -16.07
N SER D 271 -16.63 -57.93 -15.23
CA SER D 271 -17.82 -57.08 -14.93
C SER D 271 -18.33 -56.33 -16.18
N LYS D 272 -19.54 -55.78 -16.10
CA LYS D 272 -20.18 -54.94 -17.13
C LYS D 272 -19.40 -53.62 -17.29
N GLU D 273 -18.78 -53.13 -16.21
CA GLU D 273 -18.14 -51.79 -16.15
C GLU D 273 -16.66 -51.96 -16.50
N GLY D 274 -15.98 -52.94 -15.89
CA GLY D 274 -14.56 -53.23 -16.18
C GLY D 274 -14.34 -53.53 -17.66
N PHE D 275 -15.34 -54.15 -18.30
CA PHE D 275 -15.35 -54.49 -19.73
C PHE D 275 -15.21 -53.19 -20.54
N ARG D 276 -16.13 -52.24 -20.33
CA ARG D 276 -16.14 -50.89 -20.93
C ARG D 276 -14.79 -50.23 -20.68
N ARG D 277 -14.35 -50.08 -19.42
CA ARG D 277 -13.06 -49.43 -19.10
C ARG D 277 -11.95 -50.05 -19.96
N ALA D 278 -11.86 -51.36 -20.01
CA ALA D 278 -10.80 -52.07 -20.77
C ALA D 278 -11.05 -51.90 -22.27
N ARG D 279 -12.31 -51.83 -22.70
CA ARG D 279 -12.61 -51.61 -24.13
C ARG D 279 -12.03 -50.25 -24.54
N HIS D 280 -12.17 -49.19 -23.72
CA HIS D 280 -11.61 -47.86 -24.08
C HIS D 280 -10.11 -48.01 -24.33
N VAL D 281 -9.42 -48.69 -23.40
CA VAL D 281 -7.94 -48.72 -23.36
C VAL D 281 -7.43 -49.49 -24.57
N VAL D 282 -8.05 -50.64 -24.83
CA VAL D 282 -7.60 -51.56 -25.90
C VAL D 282 -7.92 -50.88 -27.24
N GLY D 283 -9.11 -50.33 -27.40
CA GLY D 283 -9.50 -49.63 -28.63
C GLY D 283 -8.60 -48.43 -28.88
N GLU D 284 -8.27 -47.70 -27.80
CA GLU D 284 -7.40 -46.49 -27.85
C GLU D 284 -5.97 -46.87 -28.27
N ILE D 285 -5.43 -47.99 -27.82
CA ILE D 285 -4.07 -48.43 -28.23
C ILE D 285 -4.08 -48.60 -29.75
N ARG D 286 -5.08 -49.29 -30.28
CA ARG D 286 -5.27 -49.51 -31.73
C ARG D 286 -5.41 -48.15 -32.45
N ARG D 287 -6.31 -47.29 -31.98
CA ARG D 287 -6.56 -45.98 -32.62
C ARG D 287 -5.24 -45.18 -32.67
N THR D 288 -4.45 -45.22 -31.60
CA THR D 288 -3.20 -44.41 -31.49
C THR D 288 -2.19 -44.88 -32.55
N ALA D 289 -2.06 -46.19 -32.75
CA ALA D 289 -1.18 -46.79 -33.78
C ALA D 289 -1.68 -46.36 -35.15
N GLN D 290 -2.99 -46.40 -35.35
CA GLN D 290 -3.66 -45.95 -36.61
C GLN D 290 -3.47 -44.44 -36.79
N ALA D 291 -3.50 -43.65 -35.72
CA ALA D 291 -3.35 -42.17 -35.80
C ALA D 291 -1.93 -41.84 -36.26
N ALA D 292 -0.94 -42.57 -35.74
CA ALA D 292 0.49 -42.37 -36.07
C ALA D 292 0.68 -42.69 -37.55
N ALA D 293 0.05 -43.76 -38.03
CA ALA D 293 0.19 -44.19 -39.45
C ALA D 293 -0.39 -43.09 -40.34
N ALA D 294 -1.54 -42.54 -39.96
CA ALA D 294 -2.22 -41.43 -40.67
C ALA D 294 -1.31 -40.21 -40.68
N LEU D 295 -0.64 -39.92 -39.56
CA LEU D 295 0.35 -38.81 -39.55
C LEU D 295 1.39 -39.14 -40.66
N ARG D 296 1.97 -40.34 -40.61
CA ARG D 296 3.08 -40.74 -41.52
C ARG D 296 2.70 -40.53 -42.99
N ARG D 297 1.46 -40.79 -43.38
CA ARG D 297 1.05 -40.65 -44.80
C ARG D 297 0.36 -39.30 -45.02
N GLY D 298 0.41 -38.39 -44.05
CA GLY D 298 -0.15 -37.02 -44.16
C GLY D 298 -1.66 -37.02 -44.37
N ASP D 299 -2.35 -38.06 -43.90
CA ASP D 299 -3.84 -38.14 -43.92
C ASP D 299 -4.38 -37.55 -42.62
N TYR D 300 -4.37 -36.22 -42.52
CA TYR D 300 -4.78 -35.49 -41.30
C TYR D 300 -6.29 -35.64 -41.04
N ARG D 301 -7.07 -35.84 -42.10
CA ARG D 301 -8.54 -36.02 -42.03
C ARG D 301 -8.85 -37.30 -41.25
N ALA D 302 -8.17 -38.39 -41.59
CA ALA D 302 -8.24 -39.69 -40.87
C ALA D 302 -7.78 -39.52 -39.41
N PHE D 303 -6.73 -38.73 -39.18
CA PHE D 303 -6.25 -38.42 -37.83
C PHE D 303 -7.45 -37.87 -37.06
N GLY D 304 -8.14 -36.91 -37.68
CA GLY D 304 -9.32 -36.21 -37.11
C GLY D 304 -10.45 -37.17 -36.76
N ARG D 305 -10.73 -38.15 -37.62
CA ARG D 305 -11.79 -39.16 -37.35
C ARG D 305 -11.35 -40.02 -36.17
N LEU D 306 -10.06 -40.37 -36.08
CA LEU D 306 -9.57 -41.21 -34.97
C LEU D 306 -9.69 -40.38 -33.69
N MET D 307 -9.52 -39.07 -33.79
CA MET D 307 -9.72 -38.17 -32.63
C MET D 307 -11.19 -38.26 -32.16
N VAL D 308 -12.15 -38.24 -33.09
CA VAL D 308 -13.61 -38.27 -32.74
C VAL D 308 -13.95 -39.63 -32.15
N GLU D 309 -13.40 -40.70 -32.70
CA GLU D 309 -13.64 -42.08 -32.22
C GLU D 309 -13.14 -42.18 -30.77
N SER D 310 -12.05 -41.47 -30.46
CA SER D 310 -11.39 -41.47 -29.13
C SER D 310 -12.30 -40.79 -28.13
N HIS D 311 -12.83 -39.62 -28.47
CA HIS D 311 -13.77 -38.88 -27.60
C HIS D 311 -14.96 -39.79 -27.27
N ARG D 312 -15.53 -40.48 -28.25
CA ARG D 312 -16.77 -41.28 -28.07
C ARG D 312 -16.47 -42.46 -27.14
N SER D 313 -15.28 -43.06 -27.28
CA SER D 313 -14.75 -44.14 -26.41
C SER D 313 -14.58 -43.57 -24.98
N LEU D 314 -13.99 -42.39 -24.86
CA LEU D 314 -13.75 -41.78 -23.53
C LEU D 314 -15.09 -41.44 -22.88
N ARG D 315 -16.06 -40.98 -23.67
CA ARG D 315 -17.38 -40.50 -23.18
C ARG D 315 -18.24 -41.68 -22.70
N ASP D 316 -18.28 -42.77 -23.48
CA ASP D 316 -19.29 -43.85 -23.35
C ASP D 316 -18.66 -45.08 -22.69
N ASP D 317 -17.38 -45.40 -22.93
CA ASP D 317 -16.72 -46.60 -22.36
C ASP D 317 -15.85 -46.23 -21.15
N TYR D 318 -14.93 -45.27 -21.25
CA TYR D 318 -14.10 -44.92 -20.05
C TYR D 318 -14.97 -44.03 -19.15
N GLU D 319 -15.97 -43.37 -19.72
CA GLU D 319 -16.88 -42.41 -19.02
C GLU D 319 -16.08 -41.42 -18.17
N VAL D 320 -15.15 -40.67 -18.78
CA VAL D 320 -14.39 -39.60 -18.08
C VAL D 320 -14.65 -38.26 -18.75
N SER D 321 -15.59 -38.20 -19.71
CA SER D 321 -16.08 -36.93 -20.28
C SER D 321 -17.10 -36.34 -19.32
N CYS D 322 -17.77 -35.26 -19.75
CA CYS D 322 -18.83 -34.57 -19.00
C CYS D 322 -19.62 -33.75 -20.02
N PRO D 323 -20.82 -33.24 -19.67
CA PRO D 323 -21.65 -32.52 -20.65
C PRO D 323 -20.92 -31.32 -21.30
N GLU D 324 -20.20 -30.50 -20.54
CA GLU D 324 -19.44 -29.35 -21.07
C GLU D 324 -18.46 -29.80 -22.16
N LEU D 325 -17.69 -30.87 -21.93
CA LEU D 325 -16.70 -31.39 -22.91
C LEU D 325 -17.42 -31.88 -24.16
N ASP D 326 -18.57 -32.53 -23.98
CA ASP D 326 -19.30 -33.14 -25.12
C ASP D 326 -19.87 -32.03 -26.01
N GLN D 327 -20.29 -30.93 -25.39
CA GLN D 327 -20.91 -29.76 -26.06
C GLN D 327 -19.80 -29.08 -26.88
N LEU D 328 -18.63 -28.87 -26.28
CA LEU D 328 -17.45 -28.28 -26.95
C LEU D 328 -17.02 -29.15 -28.14
N VAL D 329 -17.08 -30.47 -28.03
CA VAL D 329 -16.69 -31.35 -29.16
C VAL D 329 -17.74 -31.20 -30.25
N GLU D 330 -19.03 -31.26 -29.93
CA GLU D 330 -20.15 -31.17 -30.91
C GLU D 330 -20.03 -29.85 -31.67
N ALA D 331 -19.86 -28.74 -30.96
CA ALA D 331 -19.73 -27.42 -31.59
C ALA D 331 -18.56 -27.47 -32.58
N ALA D 332 -17.33 -27.78 -32.12
CA ALA D 332 -16.10 -27.89 -32.94
C ALA D 332 -16.39 -28.69 -34.23
N LEU D 333 -17.01 -29.86 -34.14
CA LEU D 333 -17.23 -30.76 -35.29
C LEU D 333 -18.27 -30.16 -36.25
N ALA D 334 -18.89 -29.04 -35.86
CA ALA D 334 -19.92 -28.36 -36.68
C ALA D 334 -19.25 -27.39 -37.66
N VAL D 335 -18.15 -26.77 -37.26
CA VAL D 335 -17.42 -25.71 -38.05
C VAL D 335 -16.68 -26.34 -39.22
N PRO D 336 -17.10 -26.10 -40.48
CA PRO D 336 -16.36 -26.60 -41.65
C PRO D 336 -14.87 -26.26 -41.57
N GLY D 337 -14.00 -27.21 -41.95
CA GLY D 337 -12.54 -27.06 -41.83
C GLY D 337 -12.03 -27.54 -40.47
N VAL D 338 -12.87 -28.22 -39.70
CA VAL D 338 -12.45 -28.93 -38.46
C VAL D 338 -12.39 -30.43 -38.81
N TYR D 339 -11.26 -31.07 -38.54
CA TYR D 339 -10.95 -32.47 -38.94
C TYR D 339 -11.38 -33.44 -37.82
N GLY D 340 -11.27 -33.01 -36.58
CA GLY D 340 -11.68 -33.82 -35.42
C GLY D 340 -11.56 -33.01 -34.15
N SER D 341 -12.15 -33.50 -33.07
CA SER D 341 -12.02 -32.89 -31.71
C SER D 341 -12.17 -33.98 -30.67
N ARG D 342 -11.56 -33.82 -29.50
CA ARG D 342 -11.82 -34.72 -28.36
C ARG D 342 -11.47 -34.00 -27.07
N MET D 343 -11.99 -34.51 -25.95
CA MET D 343 -11.43 -34.13 -24.63
C MET D 343 -9.98 -34.63 -24.59
N THR D 344 -9.15 -34.00 -23.78
CA THR D 344 -7.74 -34.40 -23.58
C THR D 344 -7.44 -34.24 -22.10
N GLY D 345 -6.55 -35.07 -21.55
CA GLY D 345 -6.24 -35.08 -20.12
C GLY D 345 -7.25 -35.90 -19.33
N GLY D 346 -7.39 -35.58 -18.04
CA GLY D 346 -8.10 -36.39 -17.01
C GLY D 346 -9.61 -36.44 -17.24
N GLY D 347 -10.21 -35.42 -17.85
CA GLY D 347 -11.67 -35.39 -18.08
C GLY D 347 -12.40 -34.79 -16.89
N PHE D 348 -13.71 -35.01 -16.80
CA PHE D 348 -14.56 -34.38 -15.78
C PHE D 348 -14.43 -32.86 -15.90
N GLY D 349 -14.04 -32.36 -17.08
CA GLY D 349 -13.73 -30.96 -17.41
C GLY D 349 -12.37 -30.80 -18.10
N GLY D 350 -11.68 -29.69 -17.87
CA GLY D 350 -10.43 -29.33 -18.57
C GLY D 350 -10.72 -28.94 -20.02
N CYS D 351 -9.83 -29.34 -20.93
CA CYS D 351 -9.79 -28.87 -22.33
C CYS D 351 -10.24 -29.94 -23.30
N THR D 352 -10.75 -29.49 -24.45
CA THR D 352 -10.85 -30.27 -25.70
C THR D 352 -9.64 -29.89 -26.56
N VAL D 353 -9.29 -30.77 -27.49
CA VAL D 353 -8.23 -30.48 -28.48
C VAL D 353 -8.88 -30.67 -29.87
N THR D 354 -8.64 -29.71 -30.76
CA THR D 354 -9.30 -29.67 -32.07
C THR D 354 -8.22 -29.52 -33.14
N LEU D 355 -8.32 -30.33 -34.19
CA LEU D 355 -7.40 -30.26 -35.33
C LEU D 355 -8.19 -29.59 -36.46
N LEU D 356 -7.74 -28.43 -36.92
CA LEU D 356 -8.51 -27.66 -37.93
C LEU D 356 -7.57 -26.94 -38.90
N GLU D 357 -8.11 -26.60 -40.07
CA GLU D 357 -7.57 -25.55 -40.97
C GLU D 357 -7.47 -24.26 -40.16
N ALA D 358 -6.27 -23.69 -40.07
CA ALA D 358 -5.97 -22.42 -39.37
C ALA D 358 -6.92 -21.35 -39.87
N SER D 359 -7.30 -21.41 -41.15
CA SER D 359 -8.27 -20.52 -41.83
C SER D 359 -9.57 -20.49 -41.01
N ALA D 360 -10.05 -21.63 -40.52
CA ALA D 360 -11.39 -21.76 -39.88
C ALA D 360 -11.31 -21.46 -38.38
N ALA D 361 -10.11 -21.26 -37.83
CA ALA D 361 -9.89 -21.02 -36.40
C ALA D 361 -10.83 -19.93 -35.86
N PRO D 362 -10.91 -18.73 -36.49
CA PRO D 362 -11.71 -17.63 -35.95
C PRO D 362 -13.20 -17.99 -35.90
N HIS D 363 -13.70 -18.62 -36.96
CA HIS D 363 -15.07 -19.17 -36.98
C HIS D 363 -15.23 -20.11 -35.77
N ALA D 364 -14.32 -21.08 -35.62
CA ALA D 364 -14.41 -22.17 -34.62
C ALA D 364 -14.51 -21.57 -33.22
N MET D 365 -13.55 -20.73 -32.85
CA MET D 365 -13.51 -20.03 -31.55
C MET D 365 -14.84 -19.29 -31.31
N ARG D 366 -15.37 -18.57 -32.29
CA ARG D 366 -16.59 -17.74 -32.13
C ARG D 366 -17.83 -18.65 -32.07
N HIS D 367 -17.89 -19.74 -32.86
CA HIS D 367 -19.08 -20.65 -32.94
C HIS D 367 -19.14 -21.60 -31.76
N ILE D 368 -17.98 -21.96 -31.20
CA ILE D 368 -17.91 -22.82 -29.99
C ILE D 368 -18.37 -21.95 -28.82
N GLN D 369 -17.83 -20.73 -28.69
CA GLN D 369 -18.08 -19.83 -27.53
C GLN D 369 -19.59 -19.56 -27.39
N GLU D 370 -20.30 -19.57 -28.52
CA GLU D 370 -21.74 -19.21 -28.64
C GLU D 370 -22.62 -20.44 -28.36
N HIS D 371 -22.11 -21.66 -28.48
CA HIS D 371 -22.89 -22.91 -28.24
C HIS D 371 -22.51 -23.57 -26.91
N TYR D 372 -21.75 -22.88 -26.07
CA TYR D 372 -21.25 -23.37 -24.76
C TYR D 372 -21.77 -22.46 -23.65
N GLY D 373 -22.46 -23.05 -22.66
CA GLY D 373 -23.10 -22.37 -21.53
C GLY D 373 -22.10 -21.64 -20.66
N GLY D 374 -20.88 -22.18 -20.54
CA GLY D 374 -19.81 -21.59 -19.72
C GLY D 374 -19.06 -20.55 -20.53
N THR D 375 -17.96 -20.04 -19.97
CA THR D 375 -16.97 -19.20 -20.68
C THR D 375 -15.79 -20.09 -21.09
N ALA D 376 -15.69 -20.41 -22.38
CA ALA D 376 -14.52 -21.08 -23.00
C ALA D 376 -13.34 -20.10 -23.08
N THR D 377 -12.14 -20.57 -22.71
CA THR D 377 -10.83 -19.96 -23.02
C THR D 377 -10.21 -20.71 -24.21
N PHE D 378 -9.56 -20.01 -25.14
CA PHE D 378 -8.96 -20.61 -26.36
C PHE D 378 -7.44 -20.41 -26.36
N TYR D 379 -6.74 -21.36 -26.98
CA TYR D 379 -5.32 -21.24 -27.42
C TYR D 379 -5.21 -21.88 -28.82
N LEU D 380 -4.54 -21.20 -29.76
CA LEU D 380 -4.14 -21.78 -31.06
C LEU D 380 -2.66 -22.08 -30.94
N SER D 381 -2.25 -23.30 -31.32
CA SER D 381 -0.85 -23.76 -31.23
C SER D 381 -0.49 -24.63 -32.44
N GLN D 382 0.74 -24.46 -32.90
CA GLN D 382 1.48 -25.40 -33.78
C GLN D 382 2.28 -26.29 -32.84
N ALA D 383 3.00 -27.27 -33.36
CA ALA D 383 3.86 -28.16 -32.53
C ALA D 383 5.14 -27.41 -32.19
N ALA D 384 5.62 -27.48 -30.95
CA ALA D 384 6.66 -26.60 -30.40
C ALA D 384 7.88 -27.40 -29.98
N ASP D 385 8.98 -26.69 -29.67
CA ASP D 385 10.23 -27.23 -29.13
C ASP D 385 9.99 -27.66 -27.69
N GLY D 386 10.91 -28.47 -27.19
CA GLY D 386 11.04 -28.84 -25.78
C GLY D 386 11.98 -27.90 -25.06
N ALA D 387 12.53 -28.38 -23.93
CA ALA D 387 13.51 -27.63 -23.10
C ALA D 387 14.55 -26.96 -23.99
N LYS D 388 14.68 -25.64 -23.92
CA LYS D 388 15.84 -24.96 -24.53
C LYS D 388 16.43 -23.88 -23.63
N VAL D 389 17.67 -23.51 -23.94
CA VAL D 389 18.59 -22.56 -23.25
C VAL D 389 18.91 -21.40 -24.20
N LEU D 390 18.90 -20.17 -23.68
CA LEU D 390 19.45 -18.94 -24.33
C LEU D 390 20.32 -18.24 -23.29
N CYS D 391 21.62 -18.19 -23.54
CA CYS D 391 22.58 -17.41 -22.73
C CYS D 391 22.32 -15.91 -22.88
N LEU D 392 22.37 -15.21 -21.76
CA LEU D 392 22.15 -13.74 -21.65
C LEU D 392 23.47 -13.09 -21.21
C1 GAL E . -24.35 -27.26 3.51
C2 GAL E . -25.09 -26.03 3.01
C3 GAL E . -26.50 -26.40 3.49
C4 GAL E . -26.82 -27.80 2.94
C5 GAL E . -25.69 -28.86 3.11
C6 GAL E . -25.86 -30.18 2.44
O1 GAL E . -23.04 -27.15 3.92
O2 GAL E . -24.56 -24.84 3.58
O3 GAL E . -27.46 -25.39 3.22
O4 GAL E . -27.09 -27.69 1.56
O5 GAL E . -24.51 -28.32 2.56
O6 GAL E . -26.68 -31.03 3.22
C10 HFK F . -12.52 -16.26 6.00
C13 HFK F . -12.26 -19.29 6.07
C15 HFK F . -15.65 -19.17 7.11
C20 HFK F . -15.03 -16.70 10.45
C21 HFK F . -16.16 -17.24 11.20
C24 HFK F . -15.66 -15.89 13.07
C26 HFK F . -14.28 -15.74 11.08
C02 HFK F . -13.71 -19.84 3.33
C03 HFK F . -14.39 -20.81 2.36
C04 HFK F . -15.24 -21.90 3.00
C05 HFK F . -16.01 -21.48 4.25
C06 HFK F . -15.18 -20.62 5.23
C07 HFK F . -14.43 -19.42 4.61
C08 HFK F . -13.59 -18.63 5.65
C09 HFK F . -13.27 -17.22 5.05
C11 HFK F . -11.30 -16.93 6.64
C12 HFK F . -11.51 -18.39 7.06
C18 HFK F . -16.06 -18.21 9.33
C23 HFK F . -16.46 -16.87 12.49
C25 HFK F . -14.59 -15.35 12.38
N14 HFK F . -14.37 -18.41 6.92
N16 HFK F . -16.21 -20.09 6.12
N17 HFK F . -16.45 -19.06 8.33
N19 HFK F . -15.02 -17.35 9.25
O01 HFK F . -12.64 -19.35 3.00
O22 HFK F . -16.77 -18.13 10.49
C1 GAL G . 4.24 27.24 25.09
C2 GAL G . 3.05 27.59 24.21
C3 GAL G . 3.57 28.74 23.34
C4 GAL G . 4.10 29.84 24.27
C5 GAL G . 5.10 29.34 25.27
C6 GAL G . 5.64 30.50 26.10
O1 GAL G . 4.04 26.06 25.82
O2 GAL G . 2.56 26.53 23.39
O3 GAL G . 2.51 29.28 22.50
O4 GAL G . 3.03 30.46 24.99
O5 GAL G . 4.41 28.33 26.01
O6 GAL G . 7.08 30.61 25.97
C10 HFK H . -0.83 12.33 26.43
C13 HFK H . -2.91 14.22 25.60
C15 HFK H . 0.29 15.70 24.42
C20 HFK H . 0.53 12.52 21.68
C21 HFK H . 1.48 13.25 20.80
C24 HFK H . 1.63 11.42 19.29
C26 HFK H . 0.18 11.24 21.26
C02 HFK H . -2.08 16.42 27.87
C03 HFK H . -2.08 17.84 28.42
C04 HFK H . -0.71 18.49 28.28
C05 HFK H . -0.18 18.43 26.86
C06 HFK H . -0.24 17.01 26.28
C07 HFK H . -1.57 16.24 26.43
C08 HFK H . -1.51 14.79 25.86
C09 HFK H . -0.73 13.81 26.78
C11 HFK H . -2.22 11.84 25.98
C12 HFK H . -2.87 12.81 25.00
C18 HFK H . 0.98 14.49 22.44
C23 HFK H . 2.03 12.71 19.63
C25 HFK H . 0.74 10.72 20.09
N14 HFK H . -0.91 14.86 24.47
N16 HFK H . 0.04 17.10 24.83
N17 HFK H . 1.00 15.63 23.17
N19 HFK H . 0.22 13.37 22.71
O01 HFK H . -2.48 15.52 28.58
O22 HFK H . 1.73 14.42 21.29
C1 GAL I . 22.03 36.22 -12.02
C2 GAL I . 22.87 35.25 -11.16
C3 GAL I . 22.64 35.69 -9.69
C4 GAL I . 23.13 37.14 -9.52
C5 GAL I . 22.38 38.02 -10.54
C6 GAL I . 22.75 39.49 -10.41
O1 GAL I . 21.95 35.92 -13.40
O2 GAL I . 22.50 33.87 -11.35
O3 GAL I . 23.31 34.87 -8.73
O4 GAL I . 24.56 37.17 -9.66
O5 GAL I . 22.58 37.53 -11.88
O6 GAL I . 21.90 40.11 -9.46
C10 HFK J . 17.44 25.98 -23.45
C13 HFK J . 20.08 25.26 -22.36
C15 HFK J . 18.02 26.98 -19.70
C20 HFK J . 15.07 23.84 -19.41
C21 HFK J . 14.72 24.17 -18.02
C24 HFK J . 13.11 22.43 -18.05
C26 HFK J . 14.40 22.81 -20.06
C02 HFK J . 20.97 28.30 -22.43
C03 HFK J . 20.92 29.82 -22.47
C04 HFK J . 21.29 30.41 -21.09
C05 HFK J . 20.59 29.73 -19.92
C06 HFK J . 19.63 28.62 -20.39
C07 HFK J . 20.30 27.57 -21.29
C08 HFK J . 19.33 26.46 -21.76
C09 HFK J . 18.36 27.02 -22.82
C11 HFK J . 18.23 24.80 -24.00
C12 HFK J . 19.14 24.21 -22.94
C18 HFK J . 16.25 25.52 -18.63
C23 HFK J . 13.75 23.44 -17.36
C25 HFK J . 13.41 22.11 -19.38
N14 HFK J . 18.65 25.92 -20.54
N16 HFK J . 19.05 27.94 -19.21
N17 HFK J . 17.20 26.52 -18.58
N19 HFK J . 16.06 24.74 -19.74
O01 HFK J . 21.54 27.67 -23.31
O22 HFK J . 15.45 25.18 -17.57
C10 JHJ K . 0.38 40.92 -2.00
N12 JHJ K . -0.81 40.12 -2.12
C13 JHJ K . -1.64 39.69 -1.04
C15 JHJ K . -3.45 38.39 -0.16
C17 JHJ K . -2.34 39.83 1.30
C01 JHJ K . 7.14 43.34 -3.19
C03 JHJ K . 4.73 43.29 -3.12
C04 JHJ K . 3.68 43.73 -2.30
C05 JHJ K . 2.45 43.09 -2.35
C06 JHJ K . 2.24 41.99 -3.21
C07 JHJ K . 3.27 41.56 -4.03
C08 JHJ K . 4.53 42.21 -4.00
C14 JHJ K . -2.64 38.75 -1.26
C18 JHJ K . -1.48 40.25 0.28
N09 JHJ K . 1.05 41.24 -3.22
N16 JHJ K . -3.34 38.91 1.10
O02 JHJ K . 5.91 44.02 -3.02
O11 JHJ K . 0.79 41.32 -0.91
C10 JHJ L . 1.63 -27.98 -39.37
N12 JHJ L . 2.27 -26.71 -39.56
C13 JHJ L . 3.20 -26.35 -40.55
C15 JHJ L . 4.49 -24.67 -41.69
C17 JHJ L . 4.83 -26.93 -42.25
C01 JHJ L . -1.90 -32.64 -34.75
C03 JHJ L . -1.20 -31.38 -36.65
C04 JHJ L . -1.27 -31.20 -38.01
C05 JHJ L . -0.64 -30.09 -38.57
C06 JHJ L . 0.04 -29.19 -37.78
C07 JHJ L . 0.07 -29.39 -36.45
C08 JHJ L . -0.55 -30.47 -35.86
C14 JHJ L . 3.51 -24.98 -40.74
C18 JHJ L . 3.87 -27.36 -41.33
N09 JHJ L . 0.78 -28.04 -38.22
N16 JHJ L . 5.15 -25.61 -42.44
O02 JHJ L . -1.74 -32.56 -36.15
O11 JHJ L . 1.80 -28.93 -40.14
#